data_2EHR
#
_entry.id   2EHR
#
_entity_poly.entity_id   1
_entity_poly.type   'polypeptide(L)'
_entity_poly.pdbx_seq_one_letter_code
;GSSGSSGPNFSHWGPPRIVEIFREPNVSLGISIVGGQTVIKRLKNGEELKGIFIKQVLEDSPAGKTNALKTGDKILEVSG
VDLQNASHSEAVEAIKNAGNPVVFIVQSLSSTPRVIP
;
_entity_poly.pdbx_strand_id   A
#
# COMPACT_ATOMS: atom_id res chain seq x y z
N GLY A 1 -26.22 3.91 17.64
CA GLY A 1 -24.81 3.61 17.48
C GLY A 1 -24.47 2.20 17.93
N SER A 2 -25.21 1.23 17.41
CA SER A 2 -24.98 -0.17 17.76
C SER A 2 -23.50 -0.53 17.64
N SER A 3 -22.77 0.26 16.86
CA SER A 3 -21.34 0.03 16.65
C SER A 3 -20.54 1.25 17.07
N GLY A 4 -21.04 2.43 16.74
CA GLY A 4 -20.35 3.66 17.09
C GLY A 4 -19.37 4.11 16.02
N SER A 5 -19.12 5.40 15.94
CA SER A 5 -18.20 5.96 14.95
C SER A 5 -17.37 7.08 15.55
N SER A 6 -16.08 7.08 15.25
CA SER A 6 -15.17 8.10 15.76
C SER A 6 -14.22 8.58 14.67
N GLY A 7 -14.41 9.81 14.22
CA GLY A 7 -13.55 10.37 13.18
C GLY A 7 -14.22 11.50 12.42
N PRO A 8 -14.25 12.69 13.04
CA PRO A 8 -14.86 13.88 12.44
C PRO A 8 -14.06 14.39 11.24
N ASN A 9 -14.10 13.66 10.14
CA ASN A 9 -13.37 14.04 8.94
C ASN A 9 -11.87 14.02 9.17
N PHE A 10 -11.39 12.97 9.82
CA PHE A 10 -9.97 12.83 10.12
C PHE A 10 -9.39 11.61 9.42
N SER A 11 -8.46 11.84 8.50
CA SER A 11 -7.83 10.76 7.76
C SER A 11 -8.88 9.83 7.16
N HIS A 12 -9.91 10.41 6.56
CA HIS A 12 -10.97 9.63 5.95
C HIS A 12 -10.46 8.85 4.74
N TRP A 13 -10.33 7.55 4.90
CA TRP A 13 -9.84 6.69 3.82
C TRP A 13 -11.00 6.21 2.94
N GLY A 14 -11.05 6.75 1.72
CA GLY A 14 -12.11 6.36 0.80
C GLY A 14 -12.02 4.92 0.37
N PRO A 15 -12.71 4.58 -0.73
CA PRO A 15 -12.71 3.21 -1.27
C PRO A 15 -11.37 2.82 -1.88
N PRO A 16 -11.13 1.51 -2.00
CA PRO A 16 -9.88 0.98 -2.57
C PRO A 16 -9.77 1.25 -4.06
N ARG A 17 -8.56 1.08 -4.60
CA ARG A 17 -8.32 1.30 -6.02
C ARG A 17 -7.36 0.25 -6.58
N ILE A 18 -7.73 -0.35 -7.71
CA ILE A 18 -6.92 -1.37 -8.34
C ILE A 18 -6.11 -0.78 -9.50
N VAL A 19 -4.81 -1.07 -9.51
CA VAL A 19 -3.94 -0.58 -10.57
C VAL A 19 -2.93 -1.64 -11.00
N GLU A 20 -2.90 -1.93 -12.29
CA GLU A 20 -1.98 -2.92 -12.83
C GLU A 20 -0.63 -2.31 -13.17
N ILE A 21 0.42 -2.80 -12.52
CA ILE A 21 1.76 -2.30 -12.75
C ILE A 21 2.67 -3.38 -13.31
N PHE A 22 3.22 -3.14 -14.49
CA PHE A 22 4.12 -4.10 -15.14
C PHE A 22 5.56 -3.92 -14.66
N ARG A 23 6.10 -4.96 -14.04
CA ARG A 23 7.46 -4.91 -13.53
C ARG A 23 8.46 -4.69 -14.66
N GLU A 24 9.58 -4.02 -14.35
CA GLU A 24 10.60 -3.74 -15.34
C GLU A 24 11.87 -4.53 -15.05
N PRO A 25 12.68 -4.76 -16.10
CA PRO A 25 13.94 -5.50 -15.99
C PRO A 25 15.00 -4.73 -15.21
N ASN A 26 15.80 -3.95 -15.93
CA ASN A 26 16.86 -3.16 -15.30
C ASN A 26 16.33 -2.41 -14.10
N VAL A 27 15.13 -1.86 -14.21
CA VAL A 27 14.51 -1.12 -13.13
C VAL A 27 13.35 -1.90 -12.52
N SER A 28 13.07 -1.64 -11.25
CA SER A 28 11.98 -2.32 -10.54
C SER A 28 10.66 -1.58 -10.75
N LEU A 29 9.65 -1.97 -9.98
CA LEU A 29 8.33 -1.35 -10.08
C LEU A 29 8.41 0.14 -9.76
N GLY A 30 9.43 0.53 -9.00
CA GLY A 30 9.61 1.93 -8.64
C GLY A 30 8.78 2.32 -7.43
N ILE A 31 8.24 1.33 -6.74
CA ILE A 31 7.43 1.57 -5.55
C ILE A 31 8.13 1.07 -4.30
N SER A 32 7.87 1.75 -3.18
CA SER A 32 8.48 1.37 -1.91
C SER A 32 7.44 1.31 -0.80
N ILE A 33 7.83 0.80 0.35
CA ILE A 33 6.93 0.69 1.49
C ILE A 33 7.65 0.99 2.80
N VAL A 34 6.92 1.56 3.76
CA VAL A 34 7.48 1.90 5.06
C VAL A 34 7.13 0.85 6.10
N GLY A 35 7.71 0.99 7.30
CA GLY A 35 7.45 0.05 8.37
C GLY A 35 7.32 -1.37 7.87
N GLY A 36 6.15 -1.98 8.12
CA GLY A 36 5.93 -3.35 7.69
C GLY A 36 6.03 -4.34 8.83
N GLN A 37 4.93 -4.50 9.57
CA GLN A 37 4.90 -5.43 10.69
C GLN A 37 3.78 -6.47 10.52
N THR A 38 3.95 -7.61 11.16
CA THR A 38 2.97 -8.69 11.07
C THR A 38 2.53 -9.15 12.46
N VAL A 39 3.26 -8.71 13.48
CA VAL A 39 2.95 -9.07 14.85
C VAL A 39 3.18 -7.91 15.80
N ILE A 40 2.17 -7.60 16.61
CA ILE A 40 2.26 -6.50 17.57
C ILE A 40 1.54 -6.84 18.86
N LYS A 41 1.84 -6.08 19.91
CA LYS A 41 1.22 -6.30 21.21
C LYS A 41 -0.31 -6.36 21.09
N ARG A 42 -0.90 -7.37 21.71
CA ARG A 42 -2.36 -7.54 21.66
C ARG A 42 -3.05 -6.46 22.48
N LEU A 43 -2.87 -6.51 23.79
CA LEU A 43 -3.50 -5.54 24.68
C LEU A 43 -3.56 -4.16 24.02
N LYS A 44 -2.58 -3.86 23.19
CA LYS A 44 -2.52 -2.58 22.49
C LYS A 44 -3.90 -2.20 21.95
N ASN A 45 -4.29 -0.94 22.14
CA ASN A 45 -5.57 -0.46 21.67
C ASN A 45 -5.49 1.00 21.26
N GLY A 46 -5.80 1.27 19.99
CA GLY A 46 -5.75 2.63 19.48
C GLY A 46 -6.50 2.78 18.17
N GLU A 47 -6.09 3.76 17.37
CA GLU A 47 -6.73 4.02 16.09
C GLU A 47 -5.70 4.07 14.97
N GLU A 48 -4.42 4.03 15.34
CA GLU A 48 -3.34 4.08 14.36
C GLU A 48 -3.40 2.88 13.42
N LEU A 49 -2.51 2.87 12.44
CA LEU A 49 -2.47 1.78 11.46
C LEU A 49 -1.08 1.13 11.44
N LYS A 50 -1.05 -0.14 11.05
CA LYS A 50 0.21 -0.88 10.99
C LYS A 50 0.41 -1.48 9.59
N GLY A 51 -0.66 -1.51 8.80
CA GLY A 51 -0.57 -2.06 7.47
C GLY A 51 0.58 -1.48 6.67
N ILE A 52 0.74 -1.94 5.44
CA ILE A 52 1.82 -1.47 4.58
C ILE A 52 1.42 -0.20 3.83
N PHE A 53 2.29 0.80 3.86
CA PHE A 53 2.02 2.07 3.18
C PHE A 53 3.16 2.41 2.22
N ILE A 54 2.79 3.03 1.10
CA ILE A 54 3.78 3.41 0.09
C ILE A 54 4.84 4.34 0.68
N LYS A 55 6.08 3.87 0.68
CA LYS A 55 7.19 4.66 1.22
C LYS A 55 7.60 5.76 0.24
N GLN A 56 7.77 5.39 -1.02
CA GLN A 56 8.16 6.35 -2.04
C GLN A 56 8.00 5.74 -3.44
N VAL A 57 7.70 6.59 -4.42
CA VAL A 57 7.52 6.14 -5.79
C VAL A 57 8.33 6.99 -6.76
N LEU A 58 9.15 6.34 -7.57
CA LEU A 58 9.99 7.04 -8.54
C LEU A 58 9.14 7.59 -9.69
N GLU A 59 9.79 8.31 -10.60
CA GLU A 59 9.10 8.89 -11.74
C GLU A 59 9.35 8.06 -13.01
N ASP A 60 10.59 7.66 -13.21
CA ASP A 60 10.97 6.86 -14.38
C ASP A 60 10.68 5.39 -14.14
N SER A 61 9.55 5.11 -13.49
CA SER A 61 9.16 3.74 -13.20
C SER A 61 7.74 3.46 -13.68
N PRO A 62 7.37 2.18 -13.71
CA PRO A 62 6.04 1.74 -14.16
C PRO A 62 4.94 2.14 -13.19
N ALA A 63 5.34 2.44 -11.95
CA ALA A 63 4.38 2.84 -10.92
C ALA A 63 4.27 4.36 -10.84
N GLY A 64 5.31 5.05 -11.27
CA GLY A 64 5.30 6.51 -11.24
C GLY A 64 4.57 7.11 -12.43
N LYS A 65 4.43 6.32 -13.49
CA LYS A 65 3.74 6.78 -14.69
C LYS A 65 2.23 6.60 -14.55
N THR A 66 1.82 5.59 -13.81
CA THR A 66 0.40 5.31 -13.59
C THR A 66 -0.25 6.40 -12.76
N ASN A 67 0.58 7.24 -12.13
CA ASN A 67 0.07 8.33 -11.29
C ASN A 67 -1.08 7.85 -10.42
N ALA A 68 -1.14 6.54 -10.17
CA ALA A 68 -2.19 5.97 -9.34
C ALA A 68 -1.64 5.50 -8.01
N LEU A 69 -0.36 5.75 -7.78
CA LEU A 69 0.29 5.36 -6.53
C LEU A 69 1.27 6.42 -6.06
N LYS A 70 1.22 6.74 -4.77
CA LYS A 70 2.11 7.75 -4.20
C LYS A 70 2.41 7.44 -2.74
N THR A 71 3.50 8.02 -2.23
CA THR A 71 3.90 7.80 -0.85
C THR A 71 2.79 8.19 0.12
N GLY A 72 2.55 7.34 1.12
CA GLY A 72 1.51 7.62 2.09
C GLY A 72 0.33 6.67 1.96
N ASP A 73 0.07 6.22 0.75
CA ASP A 73 -1.03 5.29 0.50
C ASP A 73 -0.94 4.06 1.40
N LYS A 74 -2.01 3.28 1.45
CA LYS A 74 -2.04 2.08 2.28
C LYS A 74 -2.30 0.84 1.43
N ILE A 75 -1.27 0.02 1.24
CA ILE A 75 -1.40 -1.19 0.44
C ILE A 75 -2.13 -2.28 1.21
N LEU A 76 -3.27 -2.70 0.68
CA LEU A 76 -4.07 -3.75 1.32
C LEU A 76 -3.87 -5.09 0.61
N GLU A 77 -3.46 -5.03 -0.65
CA GLU A 77 -3.24 -6.24 -1.43
C GLU A 77 -2.48 -5.93 -2.72
N VAL A 78 -1.73 -6.91 -3.20
CA VAL A 78 -0.94 -6.74 -4.42
C VAL A 78 -0.90 -8.03 -5.23
N SER A 79 -1.29 -7.94 -6.50
CA SER A 79 -1.30 -9.09 -7.38
C SER A 79 -2.22 -10.18 -6.84
N GLY A 80 -3.10 -9.80 -5.92
CA GLY A 80 -4.02 -10.76 -5.33
C GLY A 80 -3.47 -11.40 -4.08
N VAL A 81 -2.68 -10.64 -3.32
CA VAL A 81 -2.08 -11.15 -2.09
C VAL A 81 -2.32 -10.19 -0.93
N ASP A 82 -2.91 -10.70 0.14
CA ASP A 82 -3.19 -9.89 1.32
C ASP A 82 -1.89 -9.47 2.00
N LEU A 83 -1.59 -8.17 1.96
CA LEU A 83 -0.39 -7.64 2.57
C LEU A 83 -0.73 -6.73 3.75
N GLN A 84 -2.02 -6.57 4.01
CA GLN A 84 -2.49 -5.73 5.11
C GLN A 84 -1.72 -6.05 6.39
N ASN A 85 -1.91 -7.25 6.91
CA ASN A 85 -1.25 -7.67 8.13
C ASN A 85 0.12 -8.28 7.82
N ALA A 86 0.61 -8.04 6.61
CA ALA A 86 1.91 -8.55 6.19
C ALA A 86 3.03 -7.61 6.59
N SER A 87 4.14 -8.17 7.06
CA SER A 87 5.28 -7.37 7.49
C SER A 87 5.93 -6.68 6.29
N HIS A 88 7.04 -5.99 6.54
CA HIS A 88 7.76 -5.29 5.49
C HIS A 88 8.26 -6.26 4.43
N SER A 89 8.79 -7.40 4.87
CA SER A 89 9.30 -8.42 3.96
C SER A 89 8.16 -9.21 3.33
N GLU A 90 7.16 -9.52 4.13
CA GLU A 90 6.00 -10.27 3.65
C GLU A 90 5.36 -9.60 2.44
N ALA A 91 5.37 -8.27 2.46
CA ALA A 91 4.79 -7.50 1.35
C ALA A 91 5.77 -7.38 0.19
N VAL A 92 7.05 -7.19 0.51
CA VAL A 92 8.08 -7.06 -0.51
C VAL A 92 8.07 -8.25 -1.45
N GLU A 93 8.20 -9.44 -0.89
CA GLU A 93 8.20 -10.67 -1.69
C GLU A 93 6.96 -10.74 -2.57
N ALA A 94 5.85 -10.21 -2.08
CA ALA A 94 4.59 -10.21 -2.83
C ALA A 94 4.71 -9.39 -4.10
N ILE A 95 5.29 -8.19 -3.99
CA ILE A 95 5.46 -7.31 -5.14
C ILE A 95 6.46 -7.90 -6.13
N LYS A 96 7.50 -8.52 -5.60
CA LYS A 96 8.54 -9.13 -6.43
C LYS A 96 8.09 -10.49 -6.95
N ASN A 97 7.19 -11.13 -6.22
CA ASN A 97 6.67 -12.44 -6.62
C ASN A 97 5.24 -12.33 -7.13
N ALA A 98 4.86 -11.12 -7.52
CA ALA A 98 3.51 -10.87 -8.04
C ALA A 98 3.41 -11.27 -9.51
N GLY A 99 2.59 -12.28 -9.79
CA GLY A 99 2.42 -12.74 -11.15
C GLY A 99 2.07 -11.62 -12.10
N ASN A 100 3.08 -11.08 -12.79
CA ASN A 100 2.86 -9.99 -13.73
C ASN A 100 1.58 -10.20 -14.53
N PRO A 101 0.80 -9.12 -14.70
CA PRO A 101 1.15 -7.80 -14.16
C PRO A 101 1.05 -7.75 -12.64
N VAL A 102 1.53 -6.66 -12.05
CA VAL A 102 1.49 -6.50 -10.61
C VAL A 102 0.40 -5.51 -10.19
N VAL A 103 -0.75 -6.03 -9.81
CA VAL A 103 -1.87 -5.21 -9.38
C VAL A 103 -1.65 -4.66 -7.98
N PHE A 104 -2.15 -3.45 -7.73
CA PHE A 104 -2.02 -2.82 -6.43
C PHE A 104 -3.37 -2.37 -5.90
N ILE A 105 -3.67 -2.75 -4.66
CA ILE A 105 -4.93 -2.38 -4.03
C ILE A 105 -4.70 -1.50 -2.81
N VAL A 106 -4.68 -0.19 -3.03
CA VAL A 106 -4.47 0.76 -1.94
C VAL A 106 -5.64 1.74 -1.82
N GLN A 107 -5.56 2.64 -0.85
CA GLN A 107 -6.62 3.63 -0.64
C GLN A 107 -6.02 5.00 -0.34
N SER A 108 -6.11 5.90 -1.32
CA SER A 108 -5.57 7.25 -1.16
C SER A 108 -6.45 8.08 -0.23
N LEU A 109 -5.86 8.60 0.83
CA LEU A 109 -6.58 9.42 1.80
C LEU A 109 -7.15 10.68 1.14
N SER A 110 -8.01 11.38 1.86
CA SER A 110 -8.62 12.60 1.35
C SER A 110 -7.55 13.57 0.84
N SER A 111 -7.17 13.40 -0.42
CA SER A 111 -6.15 14.25 -1.03
C SER A 111 -6.32 14.32 -2.55
N THR A 112 -5.41 15.01 -3.21
CA THR A 112 -5.47 15.14 -4.66
C THR A 112 -4.10 14.85 -5.29
N PRO A 113 -4.14 14.22 -6.48
CA PRO A 113 -2.91 13.88 -7.21
C PRO A 113 -2.19 15.10 -7.76
N ARG A 114 -1.28 14.86 -8.69
CA ARG A 114 -0.52 15.95 -9.31
C ARG A 114 -0.53 15.84 -10.82
N VAL A 115 -0.29 16.96 -11.50
CA VAL A 115 -0.27 16.99 -12.96
C VAL A 115 1.15 16.93 -13.49
N ILE A 116 1.28 16.60 -14.78
CA ILE A 116 2.60 16.50 -15.40
C ILE A 116 3.12 17.88 -15.79
N PRO A 117 4.46 18.02 -15.82
CA PRO A 117 5.11 19.28 -16.17
C PRO A 117 4.95 19.63 -17.64
N GLY A 1 -17.18 -9.23 26.74
CA GLY A 1 -17.26 -7.89 26.18
C GLY A 1 -16.75 -6.83 27.14
N SER A 2 -15.58 -7.08 27.73
CA SER A 2 -14.99 -6.14 28.66
C SER A 2 -14.49 -4.89 27.94
N SER A 3 -14.62 -3.74 28.60
CA SER A 3 -14.19 -2.47 28.02
C SER A 3 -12.65 -2.36 28.04
N GLY A 4 -12.11 -1.58 27.12
CA GLY A 4 -10.68 -1.39 27.05
C GLY A 4 -10.22 -0.91 25.70
N SER A 5 -11.07 -1.09 24.68
CA SER A 5 -10.74 -0.66 23.33
C SER A 5 -11.00 0.83 23.15
N SER A 6 -10.02 1.53 22.59
CA SER A 6 -10.14 2.97 22.36
C SER A 6 -9.34 3.39 21.14
N GLY A 7 -9.99 4.08 20.21
CA GLY A 7 -9.32 4.54 19.01
C GLY A 7 -9.96 5.79 18.43
N PRO A 8 -9.62 6.94 19.00
CA PRO A 8 -10.16 8.24 18.55
C PRO A 8 -9.62 8.64 17.18
N ASN A 9 -8.77 7.79 16.61
CA ASN A 9 -8.18 8.06 15.30
C ASN A 9 -9.16 8.81 14.40
N PHE A 10 -8.64 9.67 13.54
CA PHE A 10 -9.47 10.45 12.64
C PHE A 10 -8.88 10.44 11.23
N SER A 11 -9.65 9.90 10.27
CA SER A 11 -9.20 9.83 8.88
C SER A 11 -10.39 9.72 7.95
N HIS A 12 -10.16 9.99 6.66
CA HIS A 12 -11.21 9.93 5.66
C HIS A 12 -10.74 9.14 4.43
N TRP A 13 -10.57 7.83 4.61
CA TRP A 13 -10.13 6.97 3.53
C TRP A 13 -11.31 6.50 2.70
N GLY A 14 -11.31 6.89 1.42
CA GLY A 14 -12.40 6.50 0.53
C GLY A 14 -12.29 5.06 0.09
N PRO A 15 -12.93 4.73 -1.05
CA PRO A 15 -12.93 3.37 -1.60
C PRO A 15 -11.55 2.99 -2.15
N PRO A 16 -11.33 1.67 -2.30
CA PRO A 16 -10.07 1.14 -2.81
C PRO A 16 -9.87 1.43 -4.29
N ARG A 17 -8.62 1.41 -4.74
CA ARG A 17 -8.31 1.67 -6.14
C ARG A 17 -7.34 0.62 -6.68
N ILE A 18 -7.78 -0.12 -7.68
CA ILE A 18 -6.96 -1.16 -8.29
C ILE A 18 -6.15 -0.60 -9.46
N VAL A 19 -4.87 -0.90 -9.47
CA VAL A 19 -3.98 -0.43 -10.54
C VAL A 19 -2.98 -1.51 -10.93
N GLU A 20 -2.89 -1.79 -12.24
CA GLU A 20 -1.98 -2.80 -12.75
C GLU A 20 -0.62 -2.20 -13.06
N ILE A 21 0.44 -2.77 -12.48
CA ILE A 21 1.79 -2.28 -12.70
C ILE A 21 2.68 -3.37 -13.29
N PHE A 22 2.99 -3.24 -14.58
CA PHE A 22 3.83 -4.22 -15.26
C PHE A 22 5.28 -4.10 -14.80
N ARG A 23 5.85 -5.21 -14.36
CA ARG A 23 7.23 -5.23 -13.89
C ARG A 23 8.18 -4.71 -14.97
N GLU A 24 9.38 -4.34 -14.55
CA GLU A 24 10.38 -3.82 -15.48
C GLU A 24 11.66 -4.66 -15.43
N PRO A 25 12.37 -4.70 -16.57
CA PRO A 25 13.62 -5.47 -16.69
C PRO A 25 14.75 -4.84 -15.88
N ASN A 26 15.51 -3.96 -16.52
CA ASN A 26 16.64 -3.29 -15.86
C ASN A 26 16.19 -2.66 -14.55
N VAL A 27 14.95 -2.19 -14.52
CA VAL A 27 14.40 -1.56 -13.32
C VAL A 27 13.21 -2.35 -12.78
N SER A 28 12.92 -2.16 -11.49
CA SER A 28 11.82 -2.86 -10.85
C SER A 28 10.53 -2.05 -10.97
N LEU A 29 9.53 -2.41 -10.17
CA LEU A 29 8.24 -1.74 -10.19
C LEU A 29 8.41 -0.25 -9.91
N GLY A 30 9.41 0.08 -9.11
CA GLY A 30 9.66 1.48 -8.78
C GLY A 30 8.85 1.94 -7.58
N ILE A 31 8.29 0.99 -6.84
CA ILE A 31 7.49 1.30 -5.66
C ILE A 31 8.18 0.83 -4.39
N SER A 32 7.93 1.54 -3.29
CA SER A 32 8.52 1.20 -2.00
C SER A 32 7.47 1.18 -0.90
N ILE A 33 7.87 0.75 0.30
CA ILE A 33 6.96 0.69 1.43
C ILE A 33 7.67 1.04 2.72
N VAL A 34 6.94 1.61 3.67
CA VAL A 34 7.50 1.99 4.96
C VAL A 34 7.10 1.00 6.05
N GLY A 35 7.61 1.21 7.25
CA GLY A 35 7.30 0.33 8.36
C GLY A 35 7.11 -1.11 7.93
N GLY A 36 5.98 -1.70 8.29
CA GLY A 36 5.70 -3.07 7.92
C GLY A 36 5.53 -3.97 9.14
N GLN A 37 6.61 -4.17 9.87
CA GLN A 37 6.58 -5.02 11.06
C GLN A 37 5.25 -4.89 11.79
N THR A 38 4.85 -5.95 12.48
CA THR A 38 3.60 -5.95 13.22
C THR A 38 3.42 -7.26 14.00
N VAL A 39 2.25 -7.42 14.62
CA VAL A 39 1.97 -8.61 15.39
C VAL A 39 0.48 -8.98 15.30
N ILE A 40 0.21 -10.28 15.24
CA ILE A 40 -1.16 -10.77 15.15
C ILE A 40 -1.63 -11.35 16.48
N LYS A 41 -2.93 -11.22 16.75
CA LYS A 41 -3.50 -11.75 17.98
C LYS A 41 -4.86 -12.38 17.72
N ARG A 42 -5.12 -13.51 18.38
CA ARG A 42 -6.38 -14.21 18.22
C ARG A 42 -7.41 -13.72 19.23
N LEU A 43 -7.08 -12.63 19.91
CA LEU A 43 -7.99 -12.05 20.91
C LEU A 43 -8.77 -10.89 20.32
N LYS A 44 -8.13 -10.12 19.45
CA LYS A 44 -8.77 -8.97 18.81
C LYS A 44 -7.93 -8.45 17.65
N ASN A 45 -8.47 -7.50 16.92
CA ASN A 45 -7.78 -6.91 15.78
C ASN A 45 -7.51 -5.42 16.02
N GLY A 46 -6.57 -4.87 15.24
CA GLY A 46 -6.25 -3.46 15.38
C GLY A 46 -6.33 -2.72 14.07
N GLU A 47 -6.91 -1.51 14.10
CA GLU A 47 -7.05 -0.70 12.90
C GLU A 47 -5.99 0.39 12.85
N GLU A 48 -5.12 0.41 13.86
CA GLU A 48 -4.05 1.41 13.94
C GLU A 48 -3.14 1.31 12.72
N LEU A 49 -2.16 2.22 12.65
CA LEU A 49 -1.21 2.23 11.54
C LEU A 49 -0.20 1.10 11.68
N LYS A 50 -0.62 -0.10 11.35
CA LYS A 50 0.25 -1.28 11.43
C LYS A 50 0.35 -1.98 10.08
N GLY A 51 -0.56 -1.63 9.17
CA GLY A 51 -0.57 -2.25 7.86
C GLY A 51 0.64 -1.83 7.03
N ILE A 52 0.47 -1.83 5.71
CA ILE A 52 1.55 -1.45 4.81
C ILE A 52 1.21 -0.17 4.06
N PHE A 53 2.18 0.74 4.00
CA PHE A 53 1.98 2.02 3.31
C PHE A 53 3.16 2.31 2.38
N ILE A 54 2.85 2.87 1.21
CA ILE A 54 3.87 3.20 0.23
C ILE A 54 4.94 4.11 0.83
N LYS A 55 6.20 3.84 0.50
CA LYS A 55 7.31 4.63 1.01
C LYS A 55 7.74 5.69 0.01
N GLN A 56 7.89 5.28 -1.26
CA GLN A 56 8.28 6.19 -2.32
C GLN A 56 8.15 5.53 -3.68
N VAL A 57 7.87 6.34 -4.71
CA VAL A 57 7.72 5.84 -6.06
C VAL A 57 8.58 6.63 -7.04
N LEU A 58 9.41 5.91 -7.80
CA LEU A 58 10.29 6.55 -8.78
C LEU A 58 9.48 7.11 -9.94
N GLU A 59 10.16 7.82 -10.84
CA GLU A 59 9.51 8.41 -12.01
C GLU A 59 9.72 7.54 -13.24
N ASP A 60 10.95 7.07 -13.43
CA ASP A 60 11.28 6.24 -14.57
C ASP A 60 10.90 4.79 -14.32
N SER A 61 9.76 4.58 -13.67
CA SER A 61 9.29 3.24 -13.35
C SER A 61 7.86 3.05 -13.83
N PRO A 62 7.39 1.78 -13.81
CA PRO A 62 6.03 1.43 -14.24
C PRO A 62 4.97 1.93 -13.27
N ALA A 63 5.38 2.17 -12.03
CA ALA A 63 4.47 2.65 -10.99
C ALA A 63 4.41 4.17 -10.98
N GLY A 64 5.51 4.81 -11.38
CA GLY A 64 5.56 6.26 -11.41
C GLY A 64 4.75 6.85 -12.54
N LYS A 65 4.60 6.09 -13.62
CA LYS A 65 3.83 6.54 -14.77
C LYS A 65 2.34 6.44 -14.51
N THR A 66 1.92 5.36 -13.86
CA THR A 66 0.52 5.14 -13.54
C THR A 66 -0.05 6.31 -12.74
N ASN A 67 0.83 7.07 -12.10
CA ASN A 67 0.42 8.21 -11.29
C ASN A 67 -0.83 7.88 -10.49
N ALA A 68 -1.03 6.59 -10.22
CA ALA A 68 -2.19 6.15 -9.45
C ALA A 68 -1.78 5.69 -8.06
N LEU A 69 -0.49 5.78 -7.76
CA LEU A 69 0.03 5.37 -6.46
C LEU A 69 1.18 6.28 -6.03
N LYS A 70 1.18 6.68 -4.76
CA LYS A 70 2.21 7.54 -4.22
C LYS A 70 2.45 7.25 -2.74
N THR A 71 3.64 7.58 -2.26
CA THR A 71 4.00 7.36 -0.87
C THR A 71 2.88 7.81 0.06
N GLY A 72 2.60 7.00 1.07
CA GLY A 72 1.55 7.33 2.02
C GLY A 72 0.33 6.45 1.87
N ASP A 73 0.04 6.05 0.63
CA ASP A 73 -1.11 5.20 0.34
C ASP A 73 -1.05 3.91 1.15
N LYS A 74 -2.22 3.40 1.52
CA LYS A 74 -2.30 2.17 2.31
C LYS A 74 -2.53 0.97 1.39
N ILE A 75 -1.54 0.08 1.33
CA ILE A 75 -1.64 -1.12 0.51
C ILE A 75 -2.37 -2.24 1.24
N LEU A 76 -3.49 -2.67 0.65
CA LEU A 76 -4.29 -3.74 1.25
C LEU A 76 -4.03 -5.08 0.55
N GLU A 77 -3.63 -5.00 -0.72
CA GLU A 77 -3.35 -6.20 -1.50
C GLU A 77 -2.57 -5.85 -2.76
N VAL A 78 -1.76 -6.80 -3.23
CA VAL A 78 -0.96 -6.59 -4.44
C VAL A 78 -0.86 -7.87 -5.24
N SER A 79 -1.22 -7.79 -6.52
CA SER A 79 -1.16 -8.95 -7.41
C SER A 79 -2.06 -10.07 -6.88
N GLY A 80 -2.97 -9.73 -5.99
CA GLY A 80 -3.88 -10.72 -5.43
C GLY A 80 -3.32 -11.35 -4.16
N VAL A 81 -2.58 -10.57 -3.39
CA VAL A 81 -2.00 -11.05 -2.15
C VAL A 81 -2.29 -10.11 -0.99
N ASP A 82 -2.91 -10.65 0.06
CA ASP A 82 -3.25 -9.86 1.23
C ASP A 82 -1.99 -9.39 1.96
N LEU A 83 -1.75 -8.08 1.90
CA LEU A 83 -0.57 -7.50 2.55
C LEU A 83 -0.98 -6.61 3.71
N GLN A 84 -2.29 -6.46 3.91
CA GLN A 84 -2.80 -5.62 4.98
C GLN A 84 -2.03 -5.85 6.28
N ASN A 85 -2.20 -7.02 6.87
CA ASN A 85 -1.51 -7.37 8.11
C ASN A 85 -0.18 -8.05 7.82
N ALA A 86 0.48 -7.63 6.74
CA ALA A 86 1.75 -8.21 6.36
C ALA A 86 2.91 -7.29 6.75
N SER A 87 4.01 -7.87 7.20
CA SER A 87 5.18 -7.12 7.61
C SER A 87 5.89 -6.52 6.40
N HIS A 88 6.92 -5.71 6.66
CA HIS A 88 7.69 -5.08 5.59
C HIS A 88 8.15 -6.12 4.58
N SER A 89 8.62 -7.26 5.07
CA SER A 89 9.10 -8.33 4.21
C SER A 89 7.94 -9.04 3.52
N GLU A 90 6.94 -9.42 4.32
CA GLU A 90 5.77 -10.11 3.79
C GLU A 90 5.18 -9.36 2.60
N ALA A 91 5.29 -8.04 2.64
CA ALA A 91 4.77 -7.20 1.56
C ALA A 91 5.82 -6.97 0.48
N VAL A 92 7.07 -6.81 0.91
CA VAL A 92 8.17 -6.59 -0.02
C VAL A 92 8.29 -7.72 -1.02
N GLU A 93 8.17 -8.96 -0.53
CA GLU A 93 8.25 -10.13 -1.38
C GLU A 93 7.07 -10.21 -2.34
N ALA A 94 5.91 -9.75 -1.87
CA ALA A 94 4.70 -9.76 -2.70
C ALA A 94 4.86 -8.85 -3.91
N ILE A 95 5.36 -7.64 -3.68
CA ILE A 95 5.56 -6.68 -4.75
C ILE A 95 6.69 -7.11 -5.68
N LYS A 96 7.72 -7.73 -5.10
CA LYS A 96 8.86 -8.20 -5.87
C LYS A 96 8.56 -9.54 -6.54
N ASN A 97 7.64 -10.29 -5.95
CA ASN A 97 7.25 -11.58 -6.50
C ASN A 97 5.87 -11.53 -7.14
N ALA A 98 5.36 -10.31 -7.32
CA ALA A 98 4.06 -10.11 -7.91
C ALA A 98 4.02 -10.62 -9.36
N GLY A 99 3.24 -11.67 -9.59
CA GLY A 99 3.14 -12.24 -10.92
C GLY A 99 2.70 -11.22 -11.95
N ASN A 100 3.66 -10.62 -12.64
CA ASN A 100 3.36 -9.62 -13.66
C ASN A 100 2.09 -9.98 -14.42
N PRO A 101 1.20 -9.00 -14.59
CA PRO A 101 1.41 -7.64 -14.09
C PRO A 101 1.34 -7.57 -12.56
N VAL A 102 1.62 -6.39 -12.02
CA VAL A 102 1.59 -6.19 -10.57
C VAL A 102 0.44 -5.27 -10.17
N VAL A 103 -0.68 -5.86 -9.81
CA VAL A 103 -1.86 -5.10 -9.40
C VAL A 103 -1.69 -4.55 -7.98
N PHE A 104 -2.20 -3.34 -7.77
CA PHE A 104 -2.10 -2.69 -6.46
C PHE A 104 -3.48 -2.29 -5.95
N ILE A 105 -3.79 -2.68 -4.72
CA ILE A 105 -5.07 -2.35 -4.12
C ILE A 105 -4.89 -1.49 -2.87
N VAL A 106 -4.89 -0.17 -3.07
CA VAL A 106 -4.73 0.77 -1.96
C VAL A 106 -5.86 1.78 -1.94
N GLN A 107 -5.80 2.71 -1.00
CA GLN A 107 -6.82 3.75 -0.86
C GLN A 107 -6.19 5.10 -0.55
N SER A 108 -6.19 5.99 -1.54
CA SER A 108 -5.62 7.32 -1.37
C SER A 108 -6.51 8.19 -0.49
N LEU A 109 -5.90 8.86 0.46
CA LEU A 109 -6.64 9.73 1.39
C LEU A 109 -7.12 10.99 0.67
N SER A 110 -8.12 11.63 1.23
CA SER A 110 -8.68 12.85 0.66
C SER A 110 -7.62 13.95 0.59
N SER A 111 -6.70 13.83 -0.36
CA SER A 111 -5.64 14.82 -0.53
C SER A 111 -5.50 15.22 -1.99
N THR A 112 -6.32 14.62 -2.84
CA THR A 112 -6.29 14.93 -4.27
C THR A 112 -4.91 14.66 -4.86
N PRO A 113 -4.88 14.32 -6.16
CA PRO A 113 -3.63 14.02 -6.87
C PRO A 113 -2.78 15.27 -7.08
N ARG A 114 -1.81 15.19 -7.98
CA ARG A 114 -0.93 16.31 -8.28
C ARG A 114 -0.85 16.56 -9.78
N VAL A 115 0.02 17.49 -10.18
CA VAL A 115 0.20 17.82 -11.58
C VAL A 115 0.89 16.69 -12.33
N ILE A 116 0.69 16.65 -13.64
CA ILE A 116 1.29 15.62 -14.48
C ILE A 116 2.26 16.23 -15.49
N PRO A 117 3.48 16.53 -15.05
CA PRO A 117 4.51 17.12 -15.90
C PRO A 117 5.03 16.13 -16.95
N GLY A 1 -17.31 -9.99 28.97
CA GLY A 1 -16.18 -10.15 28.07
C GLY A 1 -16.41 -9.48 26.73
N SER A 2 -15.94 -8.23 26.61
CA SER A 2 -16.10 -7.48 25.37
C SER A 2 -15.12 -7.96 24.31
N SER A 3 -15.13 -7.30 23.15
CA SER A 3 -14.25 -7.66 22.05
C SER A 3 -13.16 -6.62 21.87
N GLY A 4 -13.52 -5.47 21.31
CA GLY A 4 -12.55 -4.40 21.09
C GLY A 4 -13.10 -3.30 20.22
N SER A 5 -14.21 -2.69 20.64
CA SER A 5 -14.82 -1.62 19.88
C SER A 5 -14.36 -0.26 20.38
N SER A 6 -13.17 -0.22 20.95
CA SER A 6 -12.60 1.03 21.47
C SER A 6 -11.47 1.53 20.58
N GLY A 7 -11.48 2.83 20.31
CA GLY A 7 -10.44 3.41 19.47
C GLY A 7 -10.84 3.45 18.01
N PRO A 8 -11.86 4.25 17.69
CA PRO A 8 -12.37 4.40 16.32
C PRO A 8 -11.38 5.14 15.42
N ASN A 9 -11.68 5.16 14.12
CA ASN A 9 -10.81 5.82 13.15
C ASN A 9 -11.01 7.34 13.21
N PHE A 10 -10.03 8.08 12.68
CA PHE A 10 -10.10 9.53 12.67
C PHE A 10 -9.72 10.08 11.30
N SER A 11 -9.39 9.17 10.38
CA SER A 11 -8.99 9.56 9.03
C SER A 11 -10.16 9.43 8.06
N HIS A 12 -9.92 9.78 6.80
CA HIS A 12 -10.95 9.70 5.77
C HIS A 12 -10.44 8.95 4.55
N TRP A 13 -10.37 7.63 4.66
CA TRP A 13 -9.90 6.79 3.56
C TRP A 13 -11.06 6.34 2.68
N GLY A 14 -11.06 6.81 1.43
CA GLY A 14 -12.11 6.44 0.50
C GLY A 14 -12.01 5.00 0.05
N PRO A 15 -12.69 4.69 -1.06
CA PRO A 15 -12.69 3.33 -1.63
C PRO A 15 -11.34 2.95 -2.22
N PRO A 16 -11.11 1.64 -2.35
CA PRO A 16 -9.85 1.11 -2.89
C PRO A 16 -9.71 1.37 -4.39
N ARG A 17 -8.48 1.38 -4.88
CA ARG A 17 -8.21 1.61 -6.30
C ARG A 17 -7.27 0.56 -6.86
N ILE A 18 -7.72 -0.14 -7.90
CA ILE A 18 -6.92 -1.17 -8.53
C ILE A 18 -6.05 -0.59 -9.64
N VAL A 19 -4.77 -0.96 -9.65
CA VAL A 19 -3.84 -0.48 -10.65
C VAL A 19 -2.84 -1.56 -11.05
N GLU A 20 -2.79 -1.88 -12.34
CA GLU A 20 -1.89 -2.89 -12.84
C GLU A 20 -0.51 -2.31 -13.12
N ILE A 21 0.52 -2.89 -12.51
CA ILE A 21 1.88 -2.43 -12.70
C ILE A 21 2.78 -3.55 -13.23
N PHE A 22 3.30 -3.37 -14.44
CA PHE A 22 4.17 -4.36 -15.05
C PHE A 22 5.60 -4.22 -14.54
N ARG A 23 6.17 -5.33 -14.06
CA ARG A 23 7.52 -5.33 -13.55
C ARG A 23 8.53 -4.99 -14.65
N GLU A 24 9.65 -4.39 -14.25
CA GLU A 24 10.69 -4.01 -15.21
C GLU A 24 11.97 -4.78 -14.94
N PRO A 25 12.75 -5.02 -16.00
CA PRO A 25 14.03 -5.75 -15.91
C PRO A 25 15.09 -4.95 -15.18
N ASN A 26 15.87 -4.18 -15.94
CA ASN A 26 16.93 -3.36 -15.37
C ASN A 26 16.43 -2.58 -14.16
N VAL A 27 15.18 -2.13 -14.23
CA VAL A 27 14.57 -1.37 -13.15
C VAL A 27 13.40 -2.12 -12.54
N SER A 28 13.20 -1.95 -11.23
CA SER A 28 12.12 -2.61 -10.52
C SER A 28 10.80 -1.89 -10.74
N LEU A 29 9.80 -2.24 -9.94
CA LEU A 29 8.48 -1.61 -10.05
C LEU A 29 8.56 -0.11 -9.78
N GLY A 30 9.53 0.29 -8.97
CA GLY A 30 9.69 1.69 -8.65
C GLY A 30 8.87 2.13 -7.45
N ILE A 31 8.35 1.15 -6.72
CA ILE A 31 7.53 1.43 -5.54
C ILE A 31 8.24 0.99 -4.27
N SER A 32 7.98 1.69 -3.17
CA SER A 32 8.58 1.36 -1.89
C SER A 32 7.54 1.35 -0.77
N ILE A 33 7.94 0.90 0.41
CA ILE A 33 7.04 0.84 1.55
C ILE A 33 7.78 1.17 2.85
N VAL A 34 7.06 1.76 3.80
CA VAL A 34 7.64 2.11 5.08
C VAL A 34 7.24 1.13 6.17
N GLY A 35 7.75 1.34 7.38
CA GLY A 35 7.44 0.45 8.48
C GLY A 35 7.57 -1.02 8.10
N GLY A 36 6.67 -1.84 8.63
CA GLY A 36 6.71 -3.27 8.34
C GLY A 36 7.73 -4.00 9.20
N GLN A 37 7.44 -5.27 9.48
CA GLN A 37 8.32 -6.09 10.30
C GLN A 37 8.44 -5.52 11.71
N THR A 38 7.29 -5.34 12.37
CA THR A 38 7.27 -4.81 13.72
C THR A 38 6.53 -5.74 14.67
N VAL A 39 5.68 -6.59 14.10
CA VAL A 39 4.91 -7.55 14.90
C VAL A 39 4.48 -8.74 14.05
N ILE A 40 4.59 -9.93 14.64
CA ILE A 40 4.21 -11.16 13.94
C ILE A 40 3.06 -11.86 14.66
N LYS A 41 2.89 -11.55 15.93
CA LYS A 41 1.82 -12.16 16.73
C LYS A 41 0.95 -11.08 17.37
N ARG A 42 -0.26 -11.45 17.75
CA ARG A 42 -1.19 -10.53 18.38
C ARG A 42 -0.68 -10.07 19.73
N LEU A 43 0.16 -9.03 19.74
CA LEU A 43 0.72 -8.50 20.97
C LEU A 43 0.05 -7.18 21.34
N LYS A 44 0.17 -6.19 20.45
CA LYS A 44 -0.42 -4.88 20.67
C LYS A 44 -1.28 -4.45 19.50
N ASN A 45 -2.00 -3.35 19.66
CA ASN A 45 -2.86 -2.83 18.62
C ASN A 45 -2.37 -1.48 18.11
N GLY A 46 -2.51 -0.45 18.95
CA GLY A 46 -2.07 0.87 18.57
C GLY A 46 -3.18 1.91 18.70
N GLU A 47 -2.83 3.16 18.44
CA GLU A 47 -3.81 4.24 18.53
C GLU A 47 -4.26 4.68 17.14
N GLU A 48 -3.62 4.14 16.12
CA GLU A 48 -3.96 4.47 14.74
C GLU A 48 -3.97 3.23 13.86
N LEU A 49 -4.38 3.39 12.61
CA LEU A 49 -4.44 2.28 11.67
C LEU A 49 -3.06 1.68 11.46
N LYS A 50 -3.01 0.58 10.71
CA LYS A 50 -1.74 -0.10 10.43
C LYS A 50 -1.77 -0.76 9.06
N GLY A 51 -0.59 -1.03 8.52
CA GLY A 51 -0.51 -1.66 7.21
C GLY A 51 0.69 -1.17 6.41
N ILE A 52 0.89 -1.75 5.23
CA ILE A 52 2.00 -1.38 4.37
C ILE A 52 1.69 -0.10 3.60
N PHE A 53 2.34 1.00 4.00
CA PHE A 53 2.13 2.29 3.34
C PHE A 53 3.27 2.59 2.37
N ILE A 54 2.90 3.10 1.19
CA ILE A 54 3.89 3.44 0.17
C ILE A 54 4.97 4.37 0.72
N LYS A 55 6.22 3.94 0.64
CA LYS A 55 7.33 4.75 1.13
C LYS A 55 7.72 5.81 0.12
N GLN A 56 7.86 5.41 -1.15
CA GLN A 56 8.22 6.34 -2.21
C GLN A 56 8.07 5.67 -3.57
N VAL A 57 7.77 6.48 -4.58
CA VAL A 57 7.59 5.98 -5.95
C VAL A 57 8.39 6.81 -6.94
N LEU A 58 9.21 6.13 -7.74
CA LEU A 58 10.04 6.80 -8.74
C LEU A 58 9.19 7.30 -9.90
N GLU A 59 9.81 8.05 -10.80
CA GLU A 59 9.10 8.58 -11.96
C GLU A 59 9.36 7.72 -13.20
N ASP A 60 10.62 7.33 -13.39
CA ASP A 60 10.99 6.51 -14.53
C ASP A 60 10.72 5.04 -14.25
N SER A 61 9.60 4.76 -13.58
CA SER A 61 9.23 3.40 -13.24
C SER A 61 7.82 3.09 -13.72
N PRO A 62 7.46 1.80 -13.72
CA PRO A 62 6.14 1.33 -14.14
C PRO A 62 5.04 1.74 -13.18
N ALA A 63 5.42 2.06 -11.94
CA ALA A 63 4.48 2.48 -10.92
C ALA A 63 4.32 3.99 -10.90
N GLY A 64 5.36 4.70 -11.33
CA GLY A 64 5.32 6.15 -11.35
C GLY A 64 4.49 6.70 -12.49
N LYS A 65 4.59 6.04 -13.65
CA LYS A 65 3.85 6.47 -14.83
C LYS A 65 2.35 6.33 -14.61
N THR A 66 1.95 5.26 -13.92
CA THR A 66 0.54 5.02 -13.64
C THR A 66 -0.09 6.21 -12.91
N ASN A 67 0.74 7.01 -12.27
CA ASN A 67 0.27 8.18 -11.54
C ASN A 67 -0.99 7.85 -10.75
N ALA A 68 -1.17 6.57 -10.43
CA ALA A 68 -2.33 6.12 -9.68
C ALA A 68 -1.94 5.75 -8.25
N LEU A 69 -0.66 5.80 -7.96
CA LEU A 69 -0.16 5.48 -6.63
C LEU A 69 0.89 6.49 -6.16
N LYS A 70 0.77 6.92 -4.92
CA LYS A 70 1.71 7.90 -4.35
C LYS A 70 2.20 7.44 -2.99
N THR A 71 3.20 8.14 -2.46
CA THR A 71 3.77 7.81 -1.16
C THR A 71 2.80 8.17 -0.03
N GLY A 72 2.66 7.27 0.94
CA GLY A 72 1.77 7.51 2.05
C GLY A 72 0.53 6.65 2.00
N ASP A 73 0.14 6.26 0.80
CA ASP A 73 -1.04 5.41 0.61
C ASP A 73 -1.00 4.20 1.53
N LYS A 74 -2.07 3.41 1.51
CA LYS A 74 -2.15 2.22 2.35
C LYS A 74 -2.41 0.97 1.50
N ILE A 75 -1.37 0.20 1.26
CA ILE A 75 -1.49 -1.02 0.45
C ILE A 75 -2.25 -2.10 1.20
N LEU A 76 -3.39 -2.50 0.67
CA LEU A 76 -4.22 -3.53 1.28
C LEU A 76 -4.02 -4.87 0.60
N GLU A 77 -3.61 -4.84 -0.67
CA GLU A 77 -3.39 -6.05 -1.44
C GLU A 77 -2.63 -5.74 -2.73
N VAL A 78 -1.87 -6.72 -3.22
CA VAL A 78 -1.10 -6.56 -4.44
C VAL A 78 -1.04 -7.86 -5.23
N SER A 79 -1.43 -7.80 -6.50
CA SER A 79 -1.42 -8.98 -7.36
C SER A 79 -2.34 -10.07 -6.80
N GLY A 80 -3.21 -9.68 -5.88
CA GLY A 80 -4.13 -10.62 -5.28
C GLY A 80 -3.58 -11.26 -4.02
N VAL A 81 -2.79 -10.48 -3.27
CA VAL A 81 -2.20 -10.98 -2.03
C VAL A 81 -2.44 -10.00 -0.88
N ASP A 82 -3.03 -10.49 0.19
CA ASP A 82 -3.32 -9.66 1.36
C ASP A 82 -2.02 -9.22 2.05
N LEU A 83 -1.72 -7.93 1.96
CA LEU A 83 -0.52 -7.38 2.57
C LEU A 83 -0.86 -6.47 3.74
N GLN A 84 -2.16 -6.23 3.93
CA GLN A 84 -2.62 -5.37 5.03
C GLN A 84 -1.80 -5.61 6.28
N ASN A 85 -1.96 -6.80 6.88
CA ASN A 85 -1.23 -7.14 8.09
C ASN A 85 0.07 -7.88 7.75
N ALA A 86 0.69 -7.49 6.65
CA ALA A 86 1.94 -8.10 6.21
C ALA A 86 3.13 -7.23 6.59
N SER A 87 4.17 -7.87 7.13
CA SER A 87 5.37 -7.15 7.53
C SER A 87 6.01 -6.44 6.35
N HIS A 88 7.18 -5.84 6.59
CA HIS A 88 7.90 -5.12 5.54
C HIS A 88 8.36 -6.07 4.45
N SER A 89 8.77 -7.28 4.86
CA SER A 89 9.25 -8.28 3.92
C SER A 89 8.08 -9.05 3.31
N GLU A 90 7.09 -9.36 4.12
CA GLU A 90 5.91 -10.09 3.66
C GLU A 90 5.30 -9.42 2.44
N ALA A 91 5.33 -8.09 2.42
CA ALA A 91 4.79 -7.32 1.31
C ALA A 91 5.80 -7.18 0.19
N VAL A 92 7.06 -6.98 0.55
CA VAL A 92 8.13 -6.82 -0.43
C VAL A 92 8.15 -8.01 -1.40
N GLU A 93 8.07 -9.21 -0.86
CA GLU A 93 8.08 -10.42 -1.68
C GLU A 93 6.84 -10.48 -2.57
N ALA A 94 5.74 -9.93 -2.08
CA ALA A 94 4.49 -9.92 -2.83
C ALA A 94 4.62 -9.06 -4.10
N ILE A 95 5.09 -7.84 -3.92
CA ILE A 95 5.25 -6.92 -5.04
C ILE A 95 6.32 -7.42 -6.01
N LYS A 96 7.35 -8.06 -5.47
CA LYS A 96 8.43 -8.59 -6.29
C LYS A 96 8.04 -9.94 -6.90
N ASN A 97 7.17 -10.67 -6.21
CA ASN A 97 6.71 -11.97 -6.68
C ASN A 97 5.28 -11.89 -7.21
N ALA A 98 4.83 -10.67 -7.49
CA ALA A 98 3.49 -10.45 -8.01
C ALA A 98 3.36 -10.94 -9.45
N GLY A 99 2.62 -12.02 -9.63
CA GLY A 99 2.43 -12.57 -10.96
C GLY A 99 2.11 -11.50 -11.99
N ASN A 100 3.13 -11.02 -12.68
CA ASN A 100 2.95 -9.99 -13.70
C ASN A 100 1.66 -10.21 -14.47
N PRO A 101 0.87 -9.14 -14.64
CA PRO A 101 1.22 -7.82 -14.12
C PRO A 101 1.13 -7.76 -12.59
N VAL A 102 1.48 -6.60 -12.03
CA VAL A 102 1.44 -6.42 -10.59
C VAL A 102 0.34 -5.43 -10.19
N VAL A 103 -0.82 -5.96 -9.83
CA VAL A 103 -1.94 -5.13 -9.43
C VAL A 103 -1.73 -4.57 -8.02
N PHE A 104 -2.18 -3.33 -7.81
CA PHE A 104 -2.03 -2.68 -6.51
C PHE A 104 -3.39 -2.21 -6.00
N ILE A 105 -3.70 -2.53 -4.75
CA ILE A 105 -4.96 -2.15 -4.14
C ILE A 105 -4.72 -1.26 -2.92
N VAL A 106 -4.66 0.05 -3.15
CA VAL A 106 -4.45 1.01 -2.07
C VAL A 106 -5.61 2.00 -1.98
N GLN A 107 -5.52 2.92 -1.02
CA GLN A 107 -6.56 3.92 -0.83
C GLN A 107 -5.94 5.28 -0.47
N SER A 108 -5.99 6.20 -1.42
CA SER A 108 -5.43 7.54 -1.21
C SER A 108 -6.33 8.37 -0.30
N LEU A 109 -5.75 8.93 0.75
CA LEU A 109 -6.51 9.74 1.70
C LEU A 109 -6.99 11.03 1.03
N SER A 110 -8.03 11.63 1.62
CA SER A 110 -8.60 12.86 1.08
C SER A 110 -7.50 13.78 0.56
N SER A 111 -7.34 13.80 -0.77
CA SER A 111 -6.32 14.64 -1.39
C SER A 111 -6.60 14.81 -2.88
N THR A 112 -5.74 15.57 -3.56
CA THR A 112 -5.90 15.81 -4.98
C THR A 112 -4.75 15.21 -5.77
N PRO A 113 -5.06 14.70 -6.98
CA PRO A 113 -4.06 14.08 -7.85
C PRO A 113 -3.08 15.09 -8.43
N ARG A 114 -2.37 14.69 -9.48
CA ARG A 114 -1.40 15.57 -10.12
C ARG A 114 -1.49 15.46 -11.64
N VAL A 115 -0.85 16.39 -12.33
CA VAL A 115 -0.86 16.39 -13.80
C VAL A 115 0.48 15.92 -14.35
N ILE A 116 0.52 15.64 -15.65
CA ILE A 116 1.74 15.17 -16.29
C ILE A 116 2.21 16.16 -17.36
N PRO A 117 3.50 16.08 -17.71
CA PRO A 117 4.10 16.95 -18.72
C PRO A 117 3.59 16.66 -20.13
N GLY A 1 -20.44 -13.87 16.68
CA GLY A 1 -21.74 -13.26 16.86
C GLY A 1 -22.01 -12.14 15.88
N SER A 2 -21.71 -10.91 16.28
CA SER A 2 -21.93 -9.75 15.43
C SER A 2 -20.98 -8.61 15.80
N SER A 3 -20.61 -7.81 14.80
CA SER A 3 -19.70 -6.69 15.03
C SER A 3 -20.13 -5.47 14.23
N GLY A 4 -19.34 -4.41 14.30
CA GLY A 4 -19.66 -3.18 13.58
C GLY A 4 -18.44 -2.51 13.01
N SER A 5 -18.63 -1.30 12.48
CA SER A 5 -17.53 -0.55 11.89
C SER A 5 -17.15 0.64 12.79
N SER A 6 -18.15 1.25 13.40
CA SER A 6 -17.92 2.39 14.27
C SER A 6 -16.66 2.19 15.11
N GLY A 7 -15.55 2.74 14.65
CA GLY A 7 -14.29 2.61 15.36
C GLY A 7 -13.53 3.93 15.44
N PRO A 8 -12.30 3.86 15.96
CA PRO A 8 -11.45 5.05 16.12
C PRO A 8 -10.96 5.58 14.77
N ASN A 9 -11.42 4.96 13.69
CA ASN A 9 -11.03 5.37 12.35
C ASN A 9 -11.68 6.71 11.98
N PHE A 10 -11.11 7.80 12.47
CA PHE A 10 -11.63 9.13 12.20
C PHE A 10 -11.15 9.64 10.84
N SER A 11 -10.03 9.09 10.37
CA SER A 11 -9.46 9.49 9.09
C SER A 11 -10.54 9.52 8.00
N HIS A 12 -10.16 9.96 6.82
CA HIS A 12 -11.08 10.05 5.69
C HIS A 12 -10.57 9.26 4.50
N TRP A 13 -10.45 7.94 4.67
CA TRP A 13 -9.96 7.08 3.60
C TRP A 13 -11.12 6.60 2.73
N GLY A 14 -11.07 6.96 1.45
CA GLY A 14 -12.12 6.56 0.53
C GLY A 14 -11.97 5.11 0.09
N PRO A 15 -12.64 4.77 -1.02
CA PRO A 15 -12.60 3.40 -1.57
C PRO A 15 -11.24 3.06 -2.16
N PRO A 16 -10.96 1.75 -2.28
CA PRO A 16 -9.69 1.26 -2.83
C PRO A 16 -9.56 1.53 -4.33
N ARG A 17 -8.33 1.51 -4.82
CA ARG A 17 -8.07 1.76 -6.23
C ARG A 17 -7.14 0.69 -6.80
N ILE A 18 -7.65 -0.05 -7.79
CA ILE A 18 -6.87 -1.11 -8.42
C ILE A 18 -6.03 -0.56 -9.56
N VAL A 19 -4.73 -0.90 -9.57
CA VAL A 19 -3.82 -0.44 -10.61
C VAL A 19 -2.83 -1.53 -10.99
N GLU A 20 -2.81 -1.88 -12.28
CA GLU A 20 -1.91 -2.91 -12.77
C GLU A 20 -0.53 -2.32 -13.08
N ILE A 21 0.51 -2.89 -12.45
CA ILE A 21 1.87 -2.43 -12.66
C ILE A 21 2.75 -3.54 -13.21
N PHE A 22 3.26 -3.35 -14.41
CA PHE A 22 4.13 -4.34 -15.05
C PHE A 22 5.57 -4.20 -14.57
N ARG A 23 6.15 -5.30 -14.10
CA ARG A 23 7.51 -5.30 -13.62
C ARG A 23 8.50 -4.97 -14.73
N GLU A 24 9.62 -4.37 -14.37
CA GLU A 24 10.64 -4.02 -15.35
C GLU A 24 11.94 -4.77 -15.08
N PRO A 25 12.71 -5.01 -16.16
CA PRO A 25 13.98 -5.73 -16.07
C PRO A 25 15.07 -4.91 -15.37
N ASN A 26 15.82 -4.15 -16.14
CA ASN A 26 16.89 -3.31 -15.59
C ASN A 26 16.39 -2.53 -14.38
N VAL A 27 15.13 -2.08 -14.44
CA VAL A 27 14.55 -1.33 -13.35
C VAL A 27 13.39 -2.08 -12.71
N SER A 28 13.20 -1.89 -11.41
CA SER A 28 12.14 -2.57 -10.67
C SER A 28 10.80 -1.84 -10.87
N LEU A 29 9.82 -2.21 -10.06
CA LEU A 29 8.50 -1.60 -10.13
C LEU A 29 8.57 -0.10 -9.88
N GLY A 30 9.55 0.30 -9.07
CA GLY A 30 9.72 1.71 -8.76
C GLY A 30 8.92 2.14 -7.54
N ILE A 31 8.41 1.16 -6.80
CA ILE A 31 7.63 1.44 -5.60
C ILE A 31 8.35 0.97 -4.35
N SER A 32 8.12 1.67 -3.24
CA SER A 32 8.76 1.34 -1.98
C SER A 32 7.74 1.31 -0.84
N ILE A 33 8.16 0.81 0.32
CA ILE A 33 7.28 0.74 1.47
C ILE A 33 8.00 1.14 2.75
N VAL A 34 7.24 1.60 3.73
CA VAL A 34 7.82 2.02 5.01
C VAL A 34 7.50 1.02 6.11
N GLY A 35 8.21 1.14 7.23
CA GLY A 35 7.99 0.24 8.34
C GLY A 35 7.62 -1.16 7.89
N GLY A 36 6.75 -1.81 8.64
CA GLY A 36 6.33 -3.17 8.30
C GLY A 36 6.68 -4.17 9.37
N GLN A 37 7.88 -4.02 9.95
CA GLN A 37 8.34 -4.93 10.99
C GLN A 37 7.20 -5.29 11.94
N THR A 38 7.29 -6.48 12.54
CA THR A 38 6.26 -6.94 13.47
C THR A 38 6.88 -7.61 14.69
N VAL A 39 6.04 -8.09 15.59
CA VAL A 39 6.51 -8.76 16.80
C VAL A 39 5.56 -9.88 17.21
N ILE A 40 6.10 -10.89 17.89
CA ILE A 40 5.31 -12.02 18.34
C ILE A 40 4.50 -11.66 19.58
N LYS A 41 5.15 -11.05 20.56
CA LYS A 41 4.49 -10.65 21.80
C LYS A 41 3.15 -9.98 21.51
N ARG A 42 2.22 -10.08 22.44
CA ARG A 42 0.90 -9.48 22.28
C ARG A 42 0.57 -8.59 23.48
N LEU A 43 0.87 -7.31 23.35
CA LEU A 43 0.60 -6.34 24.41
C LEU A 43 -0.76 -5.66 24.22
N LYS A 44 -1.06 -4.71 25.08
CA LYS A 44 -2.32 -3.98 24.99
C LYS A 44 -2.21 -2.80 24.02
N ASN A 45 -1.01 -2.60 23.49
CA ASN A 45 -0.77 -1.51 22.56
C ASN A 45 -1.26 -1.86 21.15
N GLY A 46 -1.37 -0.87 20.29
CA GLY A 46 -1.83 -1.09 18.93
C GLY A 46 -2.90 -0.10 18.50
N GLU A 47 -2.48 1.13 18.22
CA GLU A 47 -3.41 2.17 17.81
C GLU A 47 -2.89 2.90 16.57
N GLU A 48 -1.70 2.52 16.12
CA GLU A 48 -1.09 3.13 14.96
C GLU A 48 -1.31 2.26 13.71
N LEU A 49 -0.85 2.76 12.57
CA LEU A 49 -0.99 2.03 11.31
C LEU A 49 0.02 0.88 11.23
N LYS A 50 -0.47 -0.35 11.33
CA LYS A 50 0.39 -1.52 11.27
C LYS A 50 0.51 -2.03 9.84
N GLY A 51 -0.44 -1.63 9.00
CA GLY A 51 -0.42 -2.06 7.60
C GLY A 51 0.77 -1.50 6.85
N ILE A 52 0.87 -1.86 5.58
CA ILE A 52 1.97 -1.40 4.74
C ILE A 52 1.60 -0.12 4.00
N PHE A 53 2.55 0.80 3.90
CA PHE A 53 2.32 2.08 3.22
C PHE A 53 3.44 2.36 2.22
N ILE A 54 3.08 3.06 1.15
CA ILE A 54 4.06 3.40 0.12
C ILE A 54 5.12 4.35 0.65
N LYS A 55 6.38 3.92 0.60
CA LYS A 55 7.49 4.73 1.08
C LYS A 55 7.85 5.81 0.06
N GLN A 56 8.03 5.40 -1.18
CA GLN A 56 8.38 6.32 -2.25
C GLN A 56 8.19 5.67 -3.62
N VAL A 57 7.88 6.49 -4.62
CA VAL A 57 7.67 5.99 -5.98
C VAL A 57 8.45 6.83 -6.99
N LEU A 58 9.25 6.15 -7.81
CA LEU A 58 10.05 6.83 -8.82
C LEU A 58 9.17 7.34 -9.96
N GLU A 59 9.78 8.08 -10.88
CA GLU A 59 9.04 8.63 -12.02
C GLU A 59 9.27 7.78 -13.26
N ASP A 60 10.52 7.39 -13.50
CA ASP A 60 10.87 6.57 -14.66
C ASP A 60 10.61 5.10 -14.38
N SER A 61 9.51 4.81 -13.67
CA SER A 61 9.16 3.44 -13.33
C SER A 61 7.74 3.12 -13.79
N PRO A 62 7.40 1.82 -13.76
CA PRO A 62 6.08 1.35 -14.18
C PRO A 62 4.98 1.75 -13.19
N ALA A 63 5.39 2.09 -11.97
CA ALA A 63 4.45 2.50 -10.93
C ALA A 63 4.29 4.01 -10.91
N GLY A 64 5.33 4.72 -11.33
CA GLY A 64 5.29 6.17 -11.34
C GLY A 64 4.44 6.72 -12.49
N LYS A 65 4.54 6.07 -13.64
CA LYS A 65 3.78 6.50 -14.81
C LYS A 65 2.28 6.35 -14.58
N THR A 66 1.90 5.28 -13.89
CA THR A 66 0.49 5.02 -13.61
C THR A 66 -0.14 6.21 -12.89
N ASN A 67 0.69 7.03 -12.27
CA ASN A 67 0.22 8.21 -11.55
C ASN A 67 -1.03 7.87 -10.72
N ALA A 68 -1.18 6.59 -10.39
CA ALA A 68 -2.32 6.14 -9.61
C ALA A 68 -1.91 5.78 -8.18
N LEU A 69 -0.60 5.86 -7.92
CA LEU A 69 -0.08 5.55 -6.60
C LEU A 69 0.97 6.58 -6.16
N LYS A 70 0.95 6.93 -4.89
CA LYS A 70 1.89 7.89 -4.34
C LYS A 70 2.29 7.53 -2.92
N THR A 71 3.46 8.02 -2.49
CA THR A 71 3.95 7.74 -1.14
C THR A 71 2.92 8.14 -0.09
N GLY A 72 2.80 7.32 0.95
CA GLY A 72 1.84 7.60 2.01
C GLY A 72 0.60 6.73 1.92
N ASP A 73 0.32 6.23 0.73
CA ASP A 73 -0.85 5.38 0.52
C ASP A 73 -0.71 4.07 1.28
N LYS A 74 -1.84 3.50 1.67
CA LYS A 74 -1.86 2.25 2.42
C LYS A 74 -2.17 1.07 1.50
N ILE A 75 -1.25 0.13 1.41
CA ILE A 75 -1.43 -1.05 0.57
C ILE A 75 -2.20 -2.14 1.31
N LEU A 76 -3.33 -2.54 0.75
CA LEU A 76 -4.16 -3.58 1.36
C LEU A 76 -3.98 -4.91 0.64
N GLU A 77 -3.57 -4.85 -0.63
CA GLU A 77 -3.36 -6.05 -1.43
C GLU A 77 -2.58 -5.73 -2.69
N VAL A 78 -1.84 -6.71 -3.20
CA VAL A 78 -1.05 -6.54 -4.41
C VAL A 78 -0.99 -7.82 -5.22
N SER A 79 -1.38 -7.73 -6.49
CA SER A 79 -1.37 -8.89 -7.38
C SER A 79 -2.30 -9.98 -6.85
N GLY A 80 -3.19 -9.60 -5.93
CA GLY A 80 -4.12 -10.55 -5.36
C GLY A 80 -3.58 -11.20 -4.11
N VAL A 81 -2.80 -10.45 -3.33
CA VAL A 81 -2.23 -10.96 -2.10
C VAL A 81 -2.47 -10.00 -0.94
N ASP A 82 -3.09 -10.51 0.12
CA ASP A 82 -3.39 -9.70 1.30
C ASP A 82 -2.09 -9.28 2.01
N LEU A 83 -1.79 -8.00 1.94
CA LEU A 83 -0.58 -7.46 2.57
C LEU A 83 -0.94 -6.57 3.76
N GLN A 84 -2.23 -6.43 4.02
CA GLN A 84 -2.70 -5.60 5.13
C GLN A 84 -1.93 -5.92 6.41
N ASN A 85 -2.15 -7.12 6.94
CA ASN A 85 -1.48 -7.54 8.16
C ASN A 85 -0.11 -8.14 7.86
N ALA A 86 0.48 -7.71 6.76
CA ALA A 86 1.79 -8.20 6.35
C ALA A 86 2.89 -7.21 6.71
N SER A 87 4.05 -7.72 7.08
CA SER A 87 5.18 -6.87 7.45
C SER A 87 5.88 -6.31 6.22
N HIS A 88 6.98 -5.61 6.44
CA HIS A 88 7.75 -5.02 5.34
C HIS A 88 8.21 -6.09 4.36
N SER A 89 8.73 -7.19 4.91
CA SER A 89 9.22 -8.30 4.09
C SER A 89 8.05 -9.07 3.47
N GLU A 90 7.02 -9.31 4.27
CA GLU A 90 5.85 -10.03 3.80
C GLU A 90 5.27 -9.40 2.54
N ALA A 91 5.36 -8.07 2.47
CA ALA A 91 4.85 -7.34 1.31
C ALA A 91 5.90 -7.25 0.21
N VAL A 92 7.15 -7.07 0.60
CA VAL A 92 8.25 -6.98 -0.35
C VAL A 92 8.24 -8.16 -1.31
N GLU A 93 8.06 -9.36 -0.77
CA GLU A 93 8.04 -10.57 -1.58
C GLU A 93 6.81 -10.60 -2.47
N ALA A 94 5.71 -10.04 -1.99
CA ALA A 94 4.47 -9.99 -2.75
C ALA A 94 4.62 -9.15 -4.01
N ILE A 95 5.19 -7.96 -3.85
CA ILE A 95 5.40 -7.06 -4.97
C ILE A 95 6.43 -7.62 -5.95
N LYS A 96 7.45 -8.27 -5.40
CA LYS A 96 8.50 -8.86 -6.22
C LYS A 96 8.06 -10.20 -6.80
N ASN A 97 7.13 -10.87 -6.11
CA ASN A 97 6.63 -12.15 -6.57
C ASN A 97 5.21 -12.01 -7.12
N ALA A 98 4.83 -10.79 -7.46
CA ALA A 98 3.50 -10.52 -8.00
C ALA A 98 3.39 -11.00 -9.44
N GLY A 99 2.59 -12.05 -9.64
CA GLY A 99 2.41 -12.59 -10.98
C GLY A 99 2.09 -11.51 -12.00
N ASN A 100 3.13 -11.03 -12.69
CA ASN A 100 2.95 -9.99 -13.70
C ASN A 100 1.64 -10.18 -14.45
N PRO A 101 0.87 -9.09 -14.59
CA PRO A 101 1.26 -7.78 -14.06
C PRO A 101 1.21 -7.74 -12.54
N VAL A 102 1.46 -6.56 -11.98
CA VAL A 102 1.45 -6.38 -10.53
C VAL A 102 0.38 -5.39 -10.11
N VAL A 103 -0.81 -5.91 -9.79
CA VAL A 103 -1.92 -5.06 -9.36
C VAL A 103 -1.69 -4.50 -7.97
N PHE A 104 -2.14 -3.27 -7.75
CA PHE A 104 -1.99 -2.62 -6.45
C PHE A 104 -3.33 -2.13 -5.93
N ILE A 105 -3.64 -2.47 -4.69
CA ILE A 105 -4.89 -2.06 -4.06
C ILE A 105 -4.64 -1.20 -2.83
N VAL A 106 -4.57 0.11 -3.03
CA VAL A 106 -4.33 1.06 -1.94
C VAL A 106 -5.49 2.04 -1.82
N GLN A 107 -5.39 2.92 -0.82
CA GLN A 107 -6.43 3.92 -0.58
C GLN A 107 -5.81 5.27 -0.26
N SER A 108 -5.87 6.18 -1.23
CA SER A 108 -5.31 7.52 -1.05
C SER A 108 -6.26 8.41 -0.26
N LEU A 109 -5.74 9.04 0.78
CA LEU A 109 -6.54 9.92 1.63
C LEU A 109 -7.02 11.14 0.85
N SER A 110 -8.08 11.77 1.34
CA SER A 110 -8.64 12.95 0.69
C SER A 110 -7.54 13.91 0.26
N SER A 111 -7.19 13.87 -1.02
CA SER A 111 -6.15 14.74 -1.56
C SER A 111 -6.14 14.68 -3.08
N THR A 112 -5.27 15.48 -3.69
CA THR A 112 -5.15 15.53 -5.14
C THR A 112 -3.69 15.44 -5.57
N PRO A 113 -3.44 14.76 -6.70
CA PRO A 113 -2.10 14.58 -7.25
C PRO A 113 -1.52 15.88 -7.80
N ARG A 114 -0.47 15.76 -8.60
CA ARG A 114 0.17 16.94 -9.19
C ARG A 114 0.43 16.71 -10.68
N VAL A 115 1.11 17.67 -11.31
CA VAL A 115 1.43 17.58 -12.73
C VAL A 115 2.92 17.37 -12.94
N ILE A 116 3.30 17.08 -14.18
CA ILE A 116 4.70 16.87 -14.53
C ILE A 116 5.22 17.96 -15.45
N PRO A 117 6.55 18.13 -15.48
CA PRO A 117 7.20 19.13 -16.32
C PRO A 117 7.11 18.80 -17.81
N GLY A 1 -13.23 1.01 34.77
CA GLY A 1 -12.42 1.69 33.77
C GLY A 1 -12.82 1.31 32.35
N SER A 2 -12.89 2.30 31.48
CA SER A 2 -13.27 2.07 30.08
C SER A 2 -12.35 2.82 29.14
N SER A 3 -12.61 2.71 27.84
CA SER A 3 -11.81 3.38 26.83
C SER A 3 -12.69 4.03 25.78
N GLY A 4 -12.29 5.22 25.34
CA GLY A 4 -13.06 5.94 24.33
C GLY A 4 -12.19 6.82 23.45
N SER A 5 -12.36 6.69 22.15
CA SER A 5 -11.57 7.47 21.19
C SER A 5 -12.49 8.21 20.21
N SER A 6 -12.22 9.50 20.03
CA SER A 6 -13.03 10.31 19.12
C SER A 6 -12.13 11.20 18.25
N GLY A 7 -12.68 11.66 17.14
CA GLY A 7 -11.91 12.52 16.24
C GLY A 7 -12.41 12.45 14.81
N PRO A 8 -13.58 13.05 14.55
CA PRO A 8 -14.20 13.06 13.22
C PRO A 8 -13.42 13.93 12.24
N ASN A 9 -13.86 13.94 10.99
CA ASN A 9 -13.21 14.73 9.95
C ASN A 9 -11.70 14.55 10.00
N PHE A 10 -11.26 13.30 9.94
CA PHE A 10 -9.83 12.99 9.99
C PHE A 10 -9.57 11.57 9.49
N SER A 11 -8.34 11.33 9.04
CA SER A 11 -7.96 10.02 8.52
C SER A 11 -9.12 9.37 7.78
N HIS A 12 -9.71 10.11 6.85
CA HIS A 12 -10.84 9.61 6.07
C HIS A 12 -10.35 8.84 4.85
N TRP A 13 -10.24 7.52 4.99
CA TRP A 13 -9.78 6.67 3.90
C TRP A 13 -10.94 6.30 2.98
N GLY A 14 -10.92 6.83 1.76
CA GLY A 14 -11.98 6.53 0.80
C GLY A 14 -11.93 5.11 0.31
N PRO A 15 -12.62 4.84 -0.81
CA PRO A 15 -12.67 3.50 -1.40
C PRO A 15 -11.34 3.09 -2.01
N PRO A 16 -11.14 1.76 -2.17
CA PRO A 16 -9.92 1.21 -2.74
C PRO A 16 -9.78 1.51 -4.23
N ARG A 17 -8.57 1.38 -4.75
CA ARG A 17 -8.31 1.64 -6.17
C ARG A 17 -7.35 0.60 -6.74
N ILE A 18 -7.86 -0.24 -7.63
CA ILE A 18 -7.06 -1.28 -8.25
C ILE A 18 -6.27 -0.73 -9.43
N VAL A 19 -4.97 -1.04 -9.46
CA VAL A 19 -4.11 -0.57 -10.54
C VAL A 19 -3.09 -1.65 -10.93
N GLU A 20 -2.94 -1.87 -12.22
CA GLU A 20 -2.01 -2.87 -12.74
C GLU A 20 -0.66 -2.23 -13.07
N ILE A 21 0.41 -2.78 -12.51
CA ILE A 21 1.75 -2.27 -12.75
C ILE A 21 2.66 -3.36 -13.30
N PHE A 22 3.15 -3.15 -14.52
CA PHE A 22 4.04 -4.12 -15.16
C PHE A 22 5.47 -3.96 -14.64
N ARG A 23 6.03 -5.06 -14.16
CA ARG A 23 7.39 -5.06 -13.63
C ARG A 23 8.41 -4.81 -14.75
N GLU A 24 9.52 -4.19 -14.42
CA GLU A 24 10.57 -3.89 -15.39
C GLU A 24 11.83 -4.69 -15.09
N PRO A 25 12.64 -4.92 -16.13
CA PRO A 25 13.90 -5.67 -16.01
C PRO A 25 14.96 -4.91 -15.21
N ASN A 26 15.77 -4.13 -15.92
CA ASN A 26 16.83 -3.35 -15.28
C ASN A 26 16.29 -2.61 -14.07
N VAL A 27 15.09 -2.05 -14.20
CA VAL A 27 14.46 -1.31 -13.11
C VAL A 27 13.29 -2.08 -12.53
N SER A 28 12.99 -1.83 -11.26
CA SER A 28 11.89 -2.50 -10.59
C SER A 28 10.58 -1.74 -10.80
N LEU A 29 9.57 -2.08 -10.00
CA LEU A 29 8.27 -1.42 -10.09
C LEU A 29 8.38 0.07 -9.78
N GLY A 30 9.39 0.43 -8.99
CA GLY A 30 9.58 1.82 -8.62
C GLY A 30 8.74 2.23 -7.43
N ILE A 31 8.17 1.24 -6.74
CA ILE A 31 7.34 1.51 -5.57
C ILE A 31 8.02 1.01 -4.29
N SER A 32 7.75 1.70 -3.18
CA SER A 32 8.32 1.32 -1.90
C SER A 32 7.24 1.27 -0.82
N ILE A 33 7.62 0.81 0.37
CA ILE A 33 6.70 0.71 1.49
C ILE A 33 7.38 1.05 2.81
N VAL A 34 6.61 1.55 3.77
CA VAL A 34 7.14 1.90 5.08
C VAL A 34 6.73 0.90 6.13
N GLY A 35 7.17 1.13 7.37
CA GLY A 35 6.84 0.23 8.45
C GLY A 35 7.40 -1.17 8.25
N GLY A 36 6.99 -2.10 9.10
CA GLY A 36 7.47 -3.47 8.99
C GLY A 36 7.07 -4.32 10.17
N GLN A 37 7.51 -5.57 10.18
CA GLN A 37 7.20 -6.49 11.26
C GLN A 37 5.81 -6.23 11.81
N THR A 38 4.89 -5.85 10.91
CA THR A 38 3.51 -5.56 11.31
C THR A 38 2.98 -6.63 12.26
N VAL A 39 1.81 -6.37 12.84
CA VAL A 39 1.19 -7.30 13.77
C VAL A 39 0.15 -8.17 13.07
N ILE A 40 0.02 -9.40 13.52
CA ILE A 40 -0.95 -10.33 12.94
C ILE A 40 -1.80 -10.99 14.02
N LYS A 41 -2.93 -10.37 14.35
CA LYS A 41 -3.83 -10.90 15.37
C LYS A 41 -5.06 -10.01 15.52
N ARG A 42 -6.20 -10.62 15.84
CA ARG A 42 -7.43 -9.88 16.02
C ARG A 42 -7.38 -9.03 17.29
N LEU A 43 -6.74 -7.87 17.20
CA LEU A 43 -6.63 -6.98 18.34
C LEU A 43 -7.65 -5.86 18.26
N LYS A 44 -8.20 -5.48 19.40
CA LYS A 44 -9.20 -4.41 19.47
C LYS A 44 -8.69 -3.24 20.29
N ASN A 45 -8.08 -3.54 21.43
CA ASN A 45 -7.54 -2.52 22.31
C ASN A 45 -6.18 -2.03 21.83
N GLY A 46 -6.18 -0.97 21.03
CA GLY A 46 -4.93 -0.43 20.52
C GLY A 46 -5.08 0.09 19.10
N GLU A 47 -5.60 1.31 18.97
CA GLU A 47 -5.79 1.92 17.66
C GLU A 47 -4.53 2.65 17.21
N GLU A 48 -3.92 2.15 16.14
CA GLU A 48 -2.70 2.76 15.61
C GLU A 48 -2.53 2.43 14.13
N LEU A 49 -1.50 3.01 13.52
CA LEU A 49 -1.22 2.78 12.10
C LEU A 49 -0.96 1.29 11.83
N LYS A 50 -2.01 0.57 11.47
CA LYS A 50 -1.90 -0.85 11.18
C LYS A 50 -1.99 -1.11 9.67
N GLY A 51 -1.09 -1.95 9.17
CA GLY A 51 -1.09 -2.26 7.75
C GLY A 51 0.11 -1.69 7.03
N ILE A 52 0.24 -2.00 5.74
CA ILE A 52 1.35 -1.51 4.95
C ILE A 52 0.99 -0.22 4.23
N PHE A 53 2.00 0.57 3.89
CA PHE A 53 1.79 1.84 3.20
C PHE A 53 2.97 2.16 2.28
N ILE A 54 2.69 2.90 1.21
CA ILE A 54 3.72 3.28 0.26
C ILE A 54 4.77 4.17 0.92
N LYS A 55 6.04 3.89 0.64
CA LYS A 55 7.14 4.66 1.20
C LYS A 55 7.61 5.73 0.22
N GLN A 56 7.70 5.37 -1.06
CA GLN A 56 8.14 6.30 -2.09
C GLN A 56 7.97 5.69 -3.48
N VAL A 57 7.71 6.54 -4.46
CA VAL A 57 7.52 6.08 -5.84
C VAL A 57 8.35 6.92 -6.80
N LEU A 58 9.18 6.24 -7.60
CA LEU A 58 10.02 6.91 -8.57
C LEU A 58 9.20 7.46 -9.73
N GLU A 59 9.88 8.14 -10.66
CA GLU A 59 9.21 8.71 -11.83
C GLU A 59 9.48 7.89 -13.07
N ASP A 60 10.73 7.45 -13.22
CA ASP A 60 11.13 6.65 -14.37
C ASP A 60 10.79 5.18 -14.15
N SER A 61 9.67 4.92 -13.49
CA SER A 61 9.24 3.55 -13.21
C SER A 61 7.83 3.31 -13.73
N PRO A 62 7.42 2.03 -13.76
CA PRO A 62 6.08 1.64 -14.22
C PRO A 62 4.98 2.07 -13.26
N ALA A 63 5.37 2.32 -12.01
CA ALA A 63 4.41 2.74 -10.99
C ALA A 63 4.30 4.26 -10.92
N GLY A 64 5.39 4.94 -11.31
CA GLY A 64 5.40 6.39 -11.28
C GLY A 64 4.67 6.99 -12.47
N LYS A 65 4.54 6.21 -13.54
CA LYS A 65 3.86 6.68 -14.74
C LYS A 65 2.35 6.53 -14.61
N THR A 66 1.92 5.50 -13.89
CA THR A 66 0.50 5.24 -13.68
C THR A 66 -0.16 6.38 -12.92
N ASN A 67 0.66 7.21 -12.28
CA ASN A 67 0.16 8.35 -11.50
C ASN A 67 -1.03 7.93 -10.65
N ALA A 68 -1.13 6.64 -10.36
CA ALA A 68 -2.21 6.12 -9.54
C ALA A 68 -1.68 5.62 -8.19
N LEU A 69 -0.43 5.92 -7.91
CA LEU A 69 0.20 5.50 -6.66
C LEU A 69 1.15 6.58 -6.14
N LYS A 70 1.07 6.86 -4.85
CA LYS A 70 1.93 7.86 -4.22
C LYS A 70 2.29 7.46 -2.80
N THR A 71 3.39 8.01 -2.30
CA THR A 71 3.86 7.71 -0.95
C THR A 71 2.79 8.05 0.09
N GLY A 72 2.63 7.16 1.06
CA GLY A 72 1.64 7.39 2.10
C GLY A 72 0.44 6.48 1.97
N ASP A 73 0.07 6.15 0.74
CA ASP A 73 -1.07 5.28 0.48
C ASP A 73 -0.98 4.01 1.32
N LYS A 74 -2.11 3.35 1.52
CA LYS A 74 -2.17 2.13 2.30
C LYS A 74 -2.40 0.92 1.41
N ILE A 75 -1.40 0.04 1.34
CA ILE A 75 -1.50 -1.17 0.51
C ILE A 75 -2.23 -2.28 1.26
N LEU A 76 -3.35 -2.72 0.69
CA LEU A 76 -4.14 -3.79 1.30
C LEU A 76 -3.91 -5.11 0.59
N GLU A 77 -3.51 -5.03 -0.68
CA GLU A 77 -3.25 -6.24 -1.47
C GLU A 77 -2.49 -5.89 -2.74
N VAL A 78 -1.70 -6.84 -3.24
CA VAL A 78 -0.92 -6.63 -4.45
C VAL A 78 -0.85 -7.91 -5.28
N SER A 79 -1.24 -7.80 -6.55
CA SER A 79 -1.23 -8.94 -7.45
C SER A 79 -2.13 -10.06 -6.92
N GLY A 80 -3.00 -9.72 -5.98
CA GLY A 80 -3.91 -10.69 -5.41
C GLY A 80 -3.35 -11.35 -4.16
N VAL A 81 -2.55 -10.59 -3.40
CA VAL A 81 -1.96 -11.10 -2.18
C VAL A 81 -2.20 -10.16 -1.01
N ASP A 82 -2.76 -10.70 0.08
CA ASP A 82 -3.05 -9.89 1.26
C ASP A 82 -1.76 -9.47 1.95
N LEU A 83 -1.51 -8.17 1.97
CA LEU A 83 -0.31 -7.62 2.60
C LEU A 83 -0.67 -6.76 3.81
N GLN A 84 -1.96 -6.73 4.14
CA GLN A 84 -2.43 -5.94 5.27
C GLN A 84 -1.64 -6.28 6.54
N ASN A 85 -1.82 -7.50 7.03
CA ASN A 85 -1.13 -7.95 8.23
C ASN A 85 0.22 -8.58 7.88
N ALA A 86 0.83 -8.09 6.80
CA ALA A 86 2.12 -8.61 6.36
C ALA A 86 3.24 -7.65 6.71
N SER A 87 4.36 -8.19 7.20
CA SER A 87 5.50 -7.37 7.58
C SER A 87 6.09 -6.65 6.37
N HIS A 88 7.20 -5.96 6.58
CA HIS A 88 7.85 -5.23 5.49
C HIS A 88 8.33 -6.18 4.40
N SER A 89 8.85 -7.34 4.81
CA SER A 89 9.34 -8.33 3.87
C SER A 89 8.19 -9.07 3.20
N GLU A 90 7.23 -9.51 4.02
CA GLU A 90 6.06 -10.24 3.53
C GLU A 90 5.38 -9.47 2.39
N ALA A 91 5.41 -8.14 2.49
CA ALA A 91 4.80 -7.29 1.48
C ALA A 91 5.73 -7.11 0.28
N VAL A 92 7.01 -6.94 0.56
CA VAL A 92 8.00 -6.75 -0.50
C VAL A 92 8.02 -7.94 -1.45
N GLU A 93 8.26 -9.13 -0.90
CA GLU A 93 8.30 -10.35 -1.71
C GLU A 93 7.07 -10.45 -2.61
N ALA A 94 5.94 -9.96 -2.12
CA ALA A 94 4.70 -9.98 -2.89
C ALA A 94 4.83 -9.18 -4.17
N ILE A 95 5.33 -7.96 -4.05
CA ILE A 95 5.50 -7.08 -5.21
C ILE A 95 6.53 -7.67 -6.18
N LYS A 96 7.61 -8.20 -5.64
CA LYS A 96 8.66 -8.79 -6.46
C LYS A 96 8.24 -10.16 -6.99
N ASN A 97 7.34 -10.83 -6.26
CA ASN A 97 6.85 -12.13 -6.65
C ASN A 97 5.42 -12.05 -7.15
N ALA A 98 4.99 -10.84 -7.50
CA ALA A 98 3.63 -10.63 -8.01
C ALA A 98 3.51 -11.07 -9.45
N GLY A 99 2.71 -12.11 -9.68
CA GLY A 99 2.51 -12.62 -11.03
C GLY A 99 2.19 -11.52 -12.02
N ASN A 100 3.21 -11.03 -12.72
CA ASN A 100 3.03 -9.98 -13.71
C ASN A 100 1.74 -10.20 -14.52
N PRO A 101 0.97 -9.12 -14.70
CA PRO A 101 1.31 -7.80 -14.16
C PRO A 101 1.20 -7.75 -12.64
N VAL A 102 1.64 -6.64 -12.06
CA VAL A 102 1.60 -6.46 -10.61
C VAL A 102 0.48 -5.50 -10.22
N VAL A 103 -0.67 -6.05 -9.84
CA VAL A 103 -1.81 -5.24 -9.43
C VAL A 103 -1.61 -4.66 -8.04
N PHE A 104 -2.21 -3.51 -7.79
CA PHE A 104 -2.09 -2.86 -6.48
C PHE A 104 -3.47 -2.44 -5.96
N ILE A 105 -3.73 -2.73 -4.69
CA ILE A 105 -5.00 -2.38 -4.07
C ILE A 105 -4.79 -1.51 -2.84
N VAL A 106 -4.78 -0.20 -3.03
CA VAL A 106 -4.60 0.74 -1.95
C VAL A 106 -5.77 1.72 -1.85
N GLN A 107 -5.68 2.64 -0.90
CA GLN A 107 -6.74 3.63 -0.71
C GLN A 107 -6.15 4.99 -0.35
N SER A 108 -6.21 5.92 -1.30
CA SER A 108 -5.68 7.26 -1.09
C SER A 108 -6.56 8.05 -0.12
N LEU A 109 -5.93 8.57 0.93
CA LEU A 109 -6.65 9.34 1.95
C LEU A 109 -7.24 10.62 1.34
N SER A 110 -7.98 11.35 2.15
CA SER A 110 -8.60 12.60 1.69
C SER A 110 -7.64 13.39 0.81
N SER A 111 -6.64 14.01 1.44
CA SER A 111 -5.66 14.80 0.73
C SER A 111 -5.04 14.00 -0.41
N THR A 112 -4.28 14.68 -1.27
CA THR A 112 -3.62 14.03 -2.40
C THR A 112 -2.46 14.86 -2.91
N PRO A 113 -1.41 14.18 -3.39
CA PRO A 113 -0.21 14.84 -3.92
C PRO A 113 -0.47 15.54 -5.24
N ARG A 114 0.60 15.92 -5.93
CA ARG A 114 0.48 16.60 -7.22
C ARG A 114 1.08 15.76 -8.34
N VAL A 115 0.78 16.13 -9.58
CA VAL A 115 1.28 15.41 -10.73
C VAL A 115 2.00 16.36 -11.70
N ILE A 116 2.87 15.79 -12.53
CA ILE A 116 3.62 16.58 -13.50
C ILE A 116 2.76 16.89 -14.73
N PRO A 117 3.13 17.98 -15.43
CA PRO A 117 2.40 18.40 -16.64
C PRO A 117 2.61 17.45 -17.81
N GLY A 1 -4.51 2.57 36.80
CA GLY A 1 -3.51 1.52 36.67
C GLY A 1 -3.65 0.76 35.37
N SER A 2 -4.86 0.35 35.04
CA SER A 2 -5.13 -0.40 33.81
C SER A 2 -6.26 0.24 33.02
N SER A 3 -6.09 1.51 32.70
CA SER A 3 -7.10 2.25 31.94
C SER A 3 -6.80 2.19 30.44
N GLY A 4 -7.85 2.15 29.63
CA GLY A 4 -7.69 2.09 28.19
C GLY A 4 -8.91 2.58 27.45
N SER A 5 -8.71 3.00 26.20
CA SER A 5 -9.81 3.49 25.38
C SER A 5 -9.89 2.73 24.06
N SER A 6 -8.73 2.51 23.44
CA SER A 6 -8.67 1.80 22.17
C SER A 6 -9.78 2.25 21.23
N GLY A 7 -10.19 3.51 21.38
CA GLY A 7 -11.24 4.05 20.55
C GLY A 7 -10.91 3.97 19.06
N PRO A 8 -11.86 4.38 18.21
CA PRO A 8 -11.68 4.37 16.76
C PRO A 8 -10.68 5.41 16.29
N ASN A 9 -10.69 5.68 14.99
CA ASN A 9 -9.77 6.66 14.42
C ASN A 9 -10.54 7.87 13.88
N PHE A 10 -9.81 8.77 13.23
CA PHE A 10 -10.42 9.98 12.67
C PHE A 10 -10.23 10.04 11.16
N SER A 11 -9.05 9.63 10.71
CA SER A 11 -8.74 9.64 9.28
C SER A 11 -9.97 9.31 8.45
N HIS A 12 -10.04 9.89 7.25
CA HIS A 12 -11.17 9.66 6.36
C HIS A 12 -10.71 9.03 5.05
N TRP A 13 -10.28 7.77 5.13
CA TRP A 13 -9.81 7.05 3.95
C TRP A 13 -10.98 6.65 3.05
N GLY A 14 -10.90 7.03 1.78
CA GLY A 14 -11.96 6.71 0.84
C GLY A 14 -11.84 5.30 0.30
N PRO A 15 -12.55 5.02 -0.81
CA PRO A 15 -12.54 3.70 -1.44
C PRO A 15 -11.20 3.38 -2.08
N PRO A 16 -10.84 2.08 -2.11
CA PRO A 16 -9.58 1.62 -2.69
C PRO A 16 -9.57 1.74 -4.21
N ARG A 17 -8.39 1.67 -4.80
CA ARG A 17 -8.24 1.77 -6.25
C ARG A 17 -7.30 0.70 -6.78
N ILE A 18 -7.76 -0.04 -7.78
CA ILE A 18 -6.95 -1.10 -8.38
C ILE A 18 -6.14 -0.58 -9.55
N VAL A 19 -4.84 -0.88 -9.55
CA VAL A 19 -3.95 -0.43 -10.62
C VAL A 19 -2.98 -1.54 -11.02
N GLU A 20 -2.89 -1.81 -12.31
CA GLU A 20 -1.99 -2.84 -12.82
C GLU A 20 -0.63 -2.25 -13.17
N ILE A 21 0.42 -2.80 -12.57
CA ILE A 21 1.78 -2.34 -12.82
C ILE A 21 2.68 -3.47 -13.29
N PHE A 22 3.17 -3.35 -14.52
CA PHE A 22 4.04 -4.37 -15.09
C PHE A 22 5.47 -4.22 -14.58
N ARG A 23 6.06 -5.34 -14.16
CA ARG A 23 7.43 -5.33 -13.64
C ARG A 23 8.43 -5.02 -14.75
N GLU A 24 9.60 -4.53 -14.35
CA GLU A 24 10.65 -4.18 -15.30
C GLU A 24 11.93 -4.94 -15.00
N PRO A 25 12.72 -5.21 -16.06
CA PRO A 25 13.98 -5.94 -15.93
C PRO A 25 15.05 -5.12 -15.21
N ASN A 26 15.84 -4.37 -15.99
CA ASN A 26 16.90 -3.55 -15.42
C ASN A 26 16.39 -2.75 -14.22
N VAL A 27 15.15 -2.29 -14.30
CA VAL A 27 14.53 -1.52 -13.23
C VAL A 27 13.35 -2.26 -12.62
N SER A 28 13.17 -2.10 -11.31
CA SER A 28 12.07 -2.75 -10.61
C SER A 28 10.75 -2.01 -10.85
N LEU A 29 9.79 -2.25 -9.98
CA LEU A 29 8.47 -1.61 -10.09
C LEU A 29 8.57 -0.12 -9.83
N GLY A 30 9.52 0.27 -8.98
CA GLY A 30 9.71 1.66 -8.66
C GLY A 30 8.84 2.12 -7.50
N ILE A 31 8.27 1.16 -6.78
CA ILE A 31 7.42 1.47 -5.63
C ILE A 31 8.06 1.02 -4.33
N SER A 32 7.77 1.73 -3.24
CA SER A 32 8.33 1.40 -1.94
C SER A 32 7.22 1.37 -0.88
N ILE A 33 7.60 0.98 0.34
CA ILE A 33 6.65 0.91 1.43
C ILE A 33 7.31 1.27 2.76
N VAL A 34 6.53 1.80 3.69
CA VAL A 34 7.04 2.17 5.00
C VAL A 34 6.57 1.20 6.08
N GLY A 35 6.99 1.45 7.32
CA GLY A 35 6.61 0.59 8.42
C GLY A 35 7.24 -0.79 8.33
N GLY A 36 6.65 -1.75 9.02
CA GLY A 36 7.19 -3.11 9.00
C GLY A 36 6.95 -3.84 10.30
N GLN A 37 6.49 -3.11 11.31
CA GLN A 37 6.22 -3.70 12.62
C GLN A 37 5.70 -5.13 12.47
N THR A 38 6.20 -6.03 13.33
CA THR A 38 5.78 -7.42 13.30
C THR A 38 4.28 -7.55 13.44
N VAL A 39 3.75 -8.70 13.04
CA VAL A 39 2.31 -8.96 13.12
C VAL A 39 2.03 -10.30 13.77
N ILE A 40 0.82 -10.45 14.32
CA ILE A 40 0.43 -11.69 14.98
C ILE A 40 -1.07 -11.93 14.85
N LYS A 41 -1.46 -13.19 14.77
CA LYS A 41 -2.87 -13.55 14.65
C LYS A 41 -3.75 -12.58 15.44
N ARG A 42 -3.32 -12.26 16.65
CA ARG A 42 -4.07 -11.34 17.50
C ARG A 42 -3.23 -10.88 18.69
N LEU A 43 -3.84 -10.11 19.58
CA LEU A 43 -3.14 -9.62 20.76
C LEU A 43 -1.93 -8.76 20.36
N LYS A 44 -2.14 -7.86 19.40
CA LYS A 44 -1.09 -6.98 18.93
C LYS A 44 -1.42 -5.52 19.23
N ASN A 45 -0.46 -4.81 19.80
CA ASN A 45 -0.65 -3.40 20.14
C ASN A 45 -0.22 -2.50 18.99
N GLY A 46 -0.50 -1.21 19.11
CA GLY A 46 -0.14 -0.26 18.07
C GLY A 46 -0.77 1.10 18.28
N GLU A 47 0.08 2.12 18.45
CA GLU A 47 -0.41 3.48 18.66
C GLU A 47 -0.97 4.06 17.38
N GLU A 48 -0.72 3.38 16.25
CA GLU A 48 -1.20 3.84 14.96
C GLU A 48 -1.98 2.73 14.25
N LEU A 49 -2.39 3.00 13.02
CA LEU A 49 -3.15 2.03 12.23
C LEU A 49 -2.25 0.88 11.79
N LYS A 50 -2.87 -0.17 11.27
CA LYS A 50 -2.13 -1.35 10.80
C LYS A 50 -2.29 -1.51 9.30
N GLY A 51 -1.19 -1.84 8.62
CA GLY A 51 -1.21 -2.04 7.19
C GLY A 51 -0.02 -1.42 6.49
N ILE A 52 0.27 -1.89 5.28
CA ILE A 52 1.40 -1.37 4.51
C ILE A 52 1.02 -0.06 3.81
N PHE A 53 1.95 0.89 3.82
CA PHE A 53 1.74 2.17 3.18
C PHE A 53 2.90 2.53 2.26
N ILE A 54 2.58 3.04 1.08
CA ILE A 54 3.59 3.42 0.10
C ILE A 54 4.64 4.33 0.73
N LYS A 55 5.90 4.03 0.48
CA LYS A 55 7.01 4.81 1.02
C LYS A 55 7.47 5.87 0.02
N GLN A 56 7.63 5.46 -1.23
CA GLN A 56 8.06 6.37 -2.29
C GLN A 56 7.95 5.71 -3.66
N VAL A 57 7.72 6.52 -4.69
CA VAL A 57 7.59 6.02 -6.04
C VAL A 57 8.45 6.82 -7.02
N LEU A 58 9.30 6.13 -7.77
CA LEU A 58 10.17 6.78 -8.73
C LEU A 58 9.38 7.30 -9.93
N GLU A 59 10.07 7.96 -10.85
CA GLU A 59 9.43 8.51 -12.03
C GLU A 59 9.71 7.64 -13.26
N ASP A 60 10.95 7.21 -13.40
CA ASP A 60 11.36 6.37 -14.52
C ASP A 60 11.03 4.91 -14.25
N SER A 61 9.88 4.68 -13.62
CA SER A 61 9.45 3.32 -13.29
C SER A 61 8.05 3.05 -13.82
N PRO A 62 7.65 1.77 -13.82
CA PRO A 62 6.32 1.35 -14.29
C PRO A 62 5.20 1.81 -13.36
N ALA A 63 5.55 2.11 -12.12
CA ALA A 63 4.58 2.56 -11.14
C ALA A 63 4.47 4.08 -11.13
N GLY A 64 5.56 4.76 -11.49
CA GLY A 64 5.56 6.20 -11.52
C GLY A 64 4.80 6.76 -12.71
N LYS A 65 4.82 6.02 -13.82
CA LYS A 65 4.12 6.44 -15.02
C LYS A 65 2.61 6.38 -14.84
N THR A 66 2.15 5.35 -14.14
CA THR A 66 0.72 5.16 -13.89
C THR A 66 0.15 6.36 -13.13
N ASN A 67 1.01 7.09 -12.45
CA ASN A 67 0.58 8.26 -11.68
C ASN A 67 -0.72 7.98 -10.94
N ALA A 68 -0.99 6.70 -10.67
CA ALA A 68 -2.20 6.30 -9.98
C ALA A 68 -1.90 5.93 -8.53
N LEU A 69 -0.63 5.97 -8.16
CA LEU A 69 -0.22 5.63 -6.81
C LEU A 69 0.82 6.63 -6.29
N LYS A 70 0.65 7.07 -5.05
CA LYS A 70 1.56 8.02 -4.44
C LYS A 70 1.96 7.57 -3.03
N THR A 71 3.06 8.12 -2.53
CA THR A 71 3.56 7.78 -1.20
C THR A 71 2.56 8.16 -0.12
N GLY A 72 2.40 7.30 0.87
CA GLY A 72 1.47 7.58 1.95
C GLY A 72 0.25 6.68 1.91
N ASP A 73 -0.14 6.26 0.70
CA ASP A 73 -1.30 5.40 0.52
C ASP A 73 -1.21 4.18 1.44
N LYS A 74 -2.25 3.36 1.42
CA LYS A 74 -2.29 2.15 2.25
C LYS A 74 -2.51 0.91 1.39
N ILE A 75 -1.45 0.15 1.18
CA ILE A 75 -1.53 -1.07 0.38
C ILE A 75 -2.26 -2.17 1.14
N LEU A 76 -3.42 -2.58 0.62
CA LEU A 76 -4.21 -3.63 1.25
C LEU A 76 -3.97 -4.97 0.57
N GLU A 77 -3.57 -4.92 -0.70
CA GLU A 77 -3.31 -6.14 -1.47
C GLU A 77 -2.53 -5.82 -2.74
N VAL A 78 -1.74 -6.78 -3.20
CA VAL A 78 -0.94 -6.60 -4.40
C VAL A 78 -0.86 -7.90 -5.21
N SER A 79 -1.24 -7.82 -6.48
CA SER A 79 -1.22 -8.99 -7.36
C SER A 79 -2.14 -10.08 -6.83
N GLY A 80 -3.02 -9.71 -5.89
CA GLY A 80 -3.94 -10.67 -5.32
C GLY A 80 -3.40 -11.30 -4.06
N VAL A 81 -2.61 -10.55 -3.30
CA VAL A 81 -2.03 -11.04 -2.06
C VAL A 81 -2.28 -10.07 -0.91
N ASP A 82 -2.86 -10.58 0.18
CA ASP A 82 -3.15 -9.76 1.34
C ASP A 82 -1.87 -9.33 2.03
N LEU A 83 -1.59 -8.03 2.02
CA LEU A 83 -0.40 -7.48 2.65
C LEU A 83 -0.75 -6.67 3.88
N GLN A 84 -2.05 -6.46 4.10
CA GLN A 84 -2.52 -5.68 5.24
C GLN A 84 -1.78 -6.09 6.51
N ASN A 85 -1.96 -7.33 6.92
CA ASN A 85 -1.32 -7.84 8.13
C ASN A 85 0.03 -8.47 7.80
N ALA A 86 0.71 -7.92 6.79
CA ALA A 86 2.00 -8.43 6.37
C ALA A 86 3.12 -7.45 6.74
N SER A 87 4.24 -7.99 7.21
CA SER A 87 5.38 -7.17 7.59
C SER A 87 5.96 -6.44 6.37
N HIS A 88 7.10 -5.79 6.58
CA HIS A 88 7.76 -5.06 5.51
C HIS A 88 8.29 -6.02 4.45
N SER A 89 8.78 -7.17 4.89
CA SER A 89 9.32 -8.17 3.98
C SER A 89 8.19 -8.97 3.32
N GLU A 90 7.19 -9.33 4.12
CA GLU A 90 6.06 -10.10 3.62
C GLU A 90 5.44 -9.43 2.40
N ALA A 91 5.37 -8.10 2.43
CA ALA A 91 4.80 -7.34 1.33
C ALA A 91 5.81 -7.16 0.21
N VAL A 92 7.07 -6.92 0.57
CA VAL A 92 8.13 -6.73 -0.40
C VAL A 92 8.19 -7.89 -1.38
N GLU A 93 8.21 -9.11 -0.85
CA GLU A 93 8.26 -10.30 -1.68
C GLU A 93 7.05 -10.39 -2.59
N ALA A 94 5.91 -9.89 -2.10
CA ALA A 94 4.67 -9.91 -2.87
C ALA A 94 4.80 -9.04 -4.13
N ILE A 95 5.33 -7.84 -3.96
CA ILE A 95 5.50 -6.92 -5.07
C ILE A 95 6.57 -7.42 -6.04
N LYS A 96 7.58 -8.08 -5.51
CA LYS A 96 8.67 -8.62 -6.33
C LYS A 96 8.30 -9.97 -6.91
N ASN A 97 7.39 -10.67 -6.23
CA ASN A 97 6.95 -11.98 -6.67
C ASN A 97 5.52 -11.92 -7.22
N ALA A 98 5.01 -10.70 -7.37
CA ALA A 98 3.66 -10.50 -7.88
C ALA A 98 3.54 -10.97 -9.33
N GLY A 99 2.80 -12.05 -9.54
CA GLY A 99 2.62 -12.58 -10.89
C GLY A 99 2.23 -11.50 -11.88
N ASN A 100 3.22 -10.98 -12.60
CA ASN A 100 2.96 -9.94 -13.59
C ASN A 100 1.68 -10.22 -14.36
N PRO A 101 0.87 -9.17 -14.56
CA PRO A 101 1.18 -7.82 -14.08
C PRO A 101 1.10 -7.73 -12.55
N VAL A 102 1.53 -6.59 -12.01
CA VAL A 102 1.50 -6.37 -10.57
C VAL A 102 0.39 -5.39 -10.20
N VAL A 103 -0.75 -5.93 -9.77
CA VAL A 103 -1.88 -5.12 -9.37
C VAL A 103 -1.68 -4.53 -7.98
N PHE A 104 -2.13 -3.30 -7.79
CA PHE A 104 -2.00 -2.63 -6.50
C PHE A 104 -3.36 -2.16 -5.98
N ILE A 105 -3.69 -2.57 -4.76
CA ILE A 105 -4.96 -2.19 -4.15
C ILE A 105 -4.75 -1.32 -2.92
N VAL A 106 -4.71 0.00 -3.14
CA VAL A 106 -4.51 0.95 -2.05
C VAL A 106 -5.67 1.93 -1.97
N GLN A 107 -5.62 2.81 -0.97
CA GLN A 107 -6.67 3.80 -0.78
C GLN A 107 -6.08 5.15 -0.37
N SER A 108 -6.11 6.11 -1.29
CA SER A 108 -5.58 7.44 -1.03
C SER A 108 -6.53 8.24 -0.15
N LEU A 109 -6.00 8.76 0.96
CA LEU A 109 -6.80 9.55 1.89
C LEU A 109 -7.53 10.66 1.17
N SER A 110 -8.24 11.49 1.92
CA SER A 110 -8.99 12.61 1.35
C SER A 110 -8.04 13.74 0.93
N SER A 111 -7.15 13.43 0.00
CA SER A 111 -6.18 14.42 -0.49
C SER A 111 -5.33 13.83 -1.60
N THR A 112 -4.73 14.71 -2.40
CA THR A 112 -3.87 14.28 -3.50
C THR A 112 -3.16 15.47 -4.14
N PRO A 113 -1.91 15.24 -4.58
CA PRO A 113 -1.09 16.28 -5.21
C PRO A 113 -1.61 16.66 -6.59
N ARG A 114 -0.78 17.33 -7.37
CA ARG A 114 -1.15 17.76 -8.71
C ARG A 114 -0.31 17.06 -9.77
N VAL A 115 -0.89 16.85 -10.94
CA VAL A 115 -0.19 16.18 -12.03
C VAL A 115 0.21 17.17 -13.12
N ILE A 116 1.10 16.75 -14.00
CA ILE A 116 1.57 17.60 -15.09
C ILE A 116 0.42 17.96 -16.03
N PRO A 117 0.57 19.09 -16.75
CA PRO A 117 -0.44 19.56 -17.70
C PRO A 117 -0.54 18.67 -18.93
N GLY A 1 -5.08 -18.87 0.94
CA GLY A 1 -6.27 -19.21 1.69
C GLY A 1 -7.29 -18.08 1.72
N SER A 2 -7.99 -17.95 2.83
CA SER A 2 -9.00 -16.91 2.98
C SER A 2 -9.04 -16.38 4.40
N SER A 3 -9.41 -15.11 4.55
CA SER A 3 -9.49 -14.47 5.86
C SER A 3 -10.25 -13.16 5.79
N GLY A 4 -10.47 -12.54 6.95
CA GLY A 4 -11.19 -11.28 7.00
C GLY A 4 -11.17 -10.66 8.38
N SER A 5 -11.41 -9.35 8.44
CA SER A 5 -11.42 -8.64 9.71
C SER A 5 -12.38 -7.45 9.66
N SER A 6 -12.63 -6.85 10.82
CA SER A 6 -13.54 -5.71 10.91
C SER A 6 -13.14 -4.80 12.07
N GLY A 7 -13.76 -3.62 12.13
CA GLY A 7 -13.47 -2.68 13.20
C GLY A 7 -13.91 -1.27 12.85
N PRO A 8 -13.78 -0.37 13.83
CA PRO A 8 -14.17 1.04 13.65
C PRO A 8 -13.22 1.79 12.72
N ASN A 9 -13.28 3.11 12.76
CA ASN A 9 -12.42 3.95 11.92
C ASN A 9 -12.58 5.42 12.26
N PHE A 10 -11.54 6.20 12.02
CA PHE A 10 -11.56 7.63 12.30
C PHE A 10 -11.21 8.44 11.05
N SER A 11 -10.07 8.13 10.46
CA SER A 11 -9.62 8.83 9.26
C SER A 11 -10.72 8.86 8.21
N HIS A 12 -10.41 9.44 7.05
CA HIS A 12 -11.37 9.54 5.96
C HIS A 12 -10.85 8.80 4.72
N TRP A 13 -10.46 7.55 4.91
CA TRP A 13 -9.95 6.74 3.80
C TRP A 13 -11.08 6.30 2.88
N GLY A 14 -11.04 6.77 1.63
CA GLY A 14 -12.07 6.40 0.68
C GLY A 14 -11.94 4.97 0.18
N PRO A 15 -12.60 4.67 -0.94
CA PRO A 15 -12.56 3.34 -1.54
C PRO A 15 -11.19 3.01 -2.14
N PRO A 16 -10.90 1.70 -2.26
CA PRO A 16 -9.64 1.23 -2.82
C PRO A 16 -9.52 1.50 -4.32
N ARG A 17 -8.28 1.54 -4.82
CA ARG A 17 -8.04 1.79 -6.23
C ARG A 17 -7.12 0.73 -6.81
N ILE A 18 -7.63 -0.01 -7.79
CA ILE A 18 -6.86 -1.07 -8.44
C ILE A 18 -5.99 -0.50 -9.57
N VAL A 19 -4.72 -0.85 -9.56
CA VAL A 19 -3.79 -0.39 -10.59
C VAL A 19 -2.82 -1.48 -11.00
N GLU A 20 -2.81 -1.82 -12.28
CA GLU A 20 -1.92 -2.85 -12.79
C GLU A 20 -0.54 -2.28 -13.11
N ILE A 21 0.49 -2.86 -12.49
CA ILE A 21 1.86 -2.40 -12.69
C ILE A 21 2.73 -3.53 -13.22
N PHE A 22 3.23 -3.37 -14.44
CA PHE A 22 4.08 -4.38 -15.06
C PHE A 22 5.52 -4.24 -14.58
N ARG A 23 6.09 -5.36 -14.13
CA ARG A 23 7.46 -5.36 -13.63
C ARG A 23 8.45 -5.03 -14.75
N GLU A 24 9.61 -4.50 -14.38
CA GLU A 24 10.63 -4.14 -15.35
C GLU A 24 11.92 -4.91 -15.10
N PRO A 25 12.69 -5.16 -16.17
CA PRO A 25 13.95 -5.89 -16.10
C PRO A 25 15.05 -5.09 -15.39
N ASN A 26 15.81 -4.33 -16.15
CA ASN A 26 16.88 -3.52 -15.59
C ASN A 26 16.40 -2.73 -14.38
N VAL A 27 15.15 -2.28 -14.44
CA VAL A 27 14.56 -1.50 -13.35
C VAL A 27 13.39 -2.24 -12.72
N SER A 28 13.20 -2.05 -11.43
CA SER A 28 12.12 -2.71 -10.70
C SER A 28 10.80 -1.95 -10.90
N LEU A 29 9.81 -2.28 -10.08
CA LEU A 29 8.50 -1.64 -10.17
C LEU A 29 8.61 -0.14 -9.91
N GLY A 30 9.59 0.24 -9.09
CA GLY A 30 9.79 1.64 -8.78
C GLY A 30 8.98 2.08 -7.57
N ILE A 31 8.46 1.12 -6.82
CA ILE A 31 7.67 1.42 -5.64
C ILE A 31 8.38 0.97 -4.36
N SER A 32 8.14 1.68 -3.28
CA SER A 32 8.76 1.35 -1.99
C SER A 32 7.72 1.34 -0.87
N ILE A 33 8.14 0.87 0.30
CA ILE A 33 7.25 0.80 1.45
C ILE A 33 7.99 1.15 2.74
N VAL A 34 7.27 1.75 3.68
CA VAL A 34 7.85 2.14 4.96
C VAL A 34 7.50 1.14 6.06
N GLY A 35 7.97 1.40 7.27
CA GLY A 35 7.70 0.51 8.38
C GLY A 35 7.67 -0.95 7.96
N GLY A 36 6.59 -1.63 8.31
CA GLY A 36 6.47 -3.04 7.96
C GLY A 36 7.01 -3.95 9.04
N GLN A 37 6.12 -4.70 9.68
CA GLN A 37 6.52 -5.62 10.74
C GLN A 37 5.41 -6.63 11.02
N THR A 38 5.79 -7.76 11.63
CA THR A 38 4.83 -8.81 11.95
C THR A 38 3.83 -8.34 13.01
N VAL A 39 2.71 -9.03 13.11
CA VAL A 39 1.68 -8.68 14.08
C VAL A 39 2.21 -8.77 15.50
N ILE A 40 1.33 -8.59 16.48
CA ILE A 40 1.72 -8.64 17.88
C ILE A 40 0.51 -8.91 18.78
N LYS A 41 0.74 -9.60 19.88
CA LYS A 41 -0.33 -9.91 20.83
C LYS A 41 -0.37 -8.90 21.96
N ARG A 42 0.63 -8.94 22.84
CA ARG A 42 0.70 -8.03 23.96
C ARG A 42 2.11 -7.46 24.11
N LEU A 43 3.01 -7.86 23.21
CA LEU A 43 4.39 -7.40 23.24
C LEU A 43 4.58 -6.18 22.34
N LYS A 44 3.61 -5.28 22.37
CA LYS A 44 3.68 -4.06 21.56
C LYS A 44 4.20 -2.89 22.37
N ASN A 45 4.63 -1.83 21.68
CA ASN A 45 5.16 -0.65 22.34
C ASN A 45 4.34 0.59 21.98
N GLY A 46 3.11 0.36 21.53
CA GLY A 46 2.24 1.46 21.16
C GLY A 46 1.22 1.07 20.12
N GLU A 47 0.36 2.01 19.74
CA GLU A 47 -0.68 1.75 18.75
C GLU A 47 -0.57 2.73 17.59
N GLU A 48 -0.48 2.19 16.37
CA GLU A 48 -0.38 3.02 15.17
C GLU A 48 -0.56 2.17 13.92
N LEU A 49 -0.84 2.84 12.80
CA LEU A 49 -1.04 2.15 11.53
C LEU A 49 0.00 1.05 11.35
N LYS A 50 -0.47 -0.14 10.94
CA LYS A 50 0.41 -1.27 10.72
C LYS A 50 0.47 -1.64 9.24
N GLY A 51 -0.57 -1.27 8.50
CA GLY A 51 -0.61 -1.55 7.08
C GLY A 51 0.64 -1.10 6.36
N ILE A 52 0.83 -1.59 5.14
CA ILE A 52 2.00 -1.24 4.33
C ILE A 52 1.73 0.02 3.52
N PHE A 53 2.37 1.12 3.92
CA PHE A 53 2.20 2.40 3.23
C PHE A 53 3.35 2.64 2.25
N ILE A 54 3.03 3.19 1.08
CA ILE A 54 4.04 3.47 0.07
C ILE A 54 5.11 4.41 0.60
N LYS A 55 6.36 3.96 0.54
CA LYS A 55 7.48 4.76 1.02
C LYS A 55 7.88 5.82 0.00
N GLN A 56 8.04 5.40 -1.26
CA GLN A 56 8.42 6.31 -2.32
C GLN A 56 8.24 5.65 -3.69
N VAL A 57 7.94 6.46 -4.70
CA VAL A 57 7.75 5.96 -6.06
C VAL A 57 8.56 6.77 -7.06
N LEU A 58 9.36 6.08 -7.87
CA LEU A 58 10.19 6.74 -8.87
C LEU A 58 9.34 7.24 -10.02
N GLU A 59 9.96 7.98 -10.94
CA GLU A 59 9.25 8.52 -12.10
C GLU A 59 9.50 7.66 -13.34
N ASP A 60 10.75 7.25 -13.53
CA ASP A 60 11.11 6.42 -14.66
C ASP A 60 10.80 4.95 -14.39
N SER A 61 9.70 4.70 -13.71
CA SER A 61 9.30 3.33 -13.38
C SER A 61 7.87 3.06 -13.84
N PRO A 62 7.47 1.78 -13.83
CA PRO A 62 6.14 1.36 -14.24
C PRO A 62 5.06 1.79 -13.25
N ALA A 63 5.48 2.07 -12.01
CA ALA A 63 4.55 2.48 -10.98
C ALA A 63 4.41 4.01 -10.95
N GLY A 64 5.45 4.71 -11.40
CA GLY A 64 5.43 6.15 -11.42
C GLY A 64 4.57 6.70 -12.55
N LYS A 65 4.65 6.06 -13.71
CA LYS A 65 3.88 6.49 -14.88
C LYS A 65 2.39 6.33 -14.62
N THR A 66 2.02 5.27 -13.94
CA THR A 66 0.61 5.01 -13.63
C THR A 66 -0.02 6.19 -12.92
N ASN A 67 0.81 7.03 -12.31
CA ASN A 67 0.33 8.20 -11.59
C ASN A 67 -0.92 7.87 -10.78
N ALA A 68 -1.06 6.60 -10.41
CA ALA A 68 -2.21 6.16 -9.63
C ALA A 68 -1.80 5.77 -8.22
N LEU A 69 -0.50 5.84 -7.95
CA LEU A 69 0.04 5.49 -6.63
C LEU A 69 1.15 6.45 -6.23
N LYS A 70 1.10 6.92 -4.98
CA LYS A 70 2.11 7.83 -4.47
C LYS A 70 2.43 7.53 -3.01
N THR A 71 3.61 7.95 -2.56
CA THR A 71 4.03 7.72 -1.19
C THR A 71 2.96 8.16 -0.20
N GLY A 72 2.78 7.38 0.85
CA GLY A 72 1.78 7.71 1.86
C GLY A 72 0.51 6.91 1.69
N ASP A 73 0.37 6.26 0.54
CA ASP A 73 -0.82 5.46 0.25
C ASP A 73 -0.78 4.14 1.02
N LYS A 74 -1.91 3.78 1.63
CA LYS A 74 -2.00 2.55 2.39
C LYS A 74 -2.37 1.38 1.49
N ILE A 75 -1.45 0.41 1.38
CA ILE A 75 -1.68 -0.76 0.56
C ILE A 75 -2.46 -1.83 1.30
N LEU A 76 -3.48 -2.38 0.66
CA LEU A 76 -4.31 -3.41 1.26
C LEU A 76 -4.11 -4.75 0.56
N GLU A 77 -3.66 -4.70 -0.69
CA GLU A 77 -3.43 -5.91 -1.47
C GLU A 77 -2.63 -5.60 -2.73
N VAL A 78 -1.86 -6.58 -3.20
CA VAL A 78 -1.06 -6.41 -4.40
C VAL A 78 -1.00 -7.70 -5.21
N SER A 79 -1.36 -7.61 -6.49
CA SER A 79 -1.36 -8.78 -7.36
C SER A 79 -2.29 -9.86 -6.85
N GLY A 80 -3.18 -9.48 -5.94
CA GLY A 80 -4.13 -10.42 -5.37
C GLY A 80 -3.61 -11.07 -4.11
N VAL A 81 -2.83 -10.31 -3.33
CA VAL A 81 -2.26 -10.83 -2.08
C VAL A 81 -2.52 -9.87 -0.93
N ASP A 82 -3.14 -10.37 0.12
CA ASP A 82 -3.45 -9.56 1.29
C ASP A 82 -2.17 -9.13 2.01
N LEU A 83 -1.88 -7.83 1.97
CA LEU A 83 -0.68 -7.30 2.61
C LEU A 83 -1.05 -6.40 3.78
N GLN A 84 -2.35 -6.22 4.00
CA GLN A 84 -2.83 -5.37 5.08
C GLN A 84 -2.03 -5.62 6.36
N ASN A 85 -2.07 -6.86 6.85
CA ASN A 85 -1.35 -7.22 8.06
C ASN A 85 -0.04 -7.91 7.73
N ALA A 86 0.65 -7.42 6.69
CA ALA A 86 1.91 -7.99 6.26
C ALA A 86 3.08 -7.08 6.66
N SER A 87 4.14 -7.68 7.19
CA SER A 87 5.32 -6.92 7.60
C SER A 87 5.99 -6.26 6.41
N HIS A 88 7.14 -5.65 6.65
CA HIS A 88 7.89 -4.98 5.59
C HIS A 88 8.34 -5.98 4.54
N SER A 89 8.73 -7.18 4.98
CA SER A 89 9.18 -8.22 4.07
C SER A 89 8.00 -8.94 3.43
N GLU A 90 6.97 -9.20 4.23
CA GLU A 90 5.78 -9.88 3.74
C GLU A 90 5.23 -9.21 2.49
N ALA A 91 5.26 -7.87 2.49
CA ALA A 91 4.77 -7.11 1.34
C ALA A 91 5.80 -7.07 0.23
N VAL A 92 7.07 -6.92 0.60
CA VAL A 92 8.16 -6.87 -0.38
C VAL A 92 8.11 -8.08 -1.31
N GLU A 93 8.02 -9.27 -0.72
CA GLU A 93 7.98 -10.50 -1.49
C GLU A 93 6.74 -10.53 -2.39
N ALA A 94 5.65 -9.95 -1.91
CA ALA A 94 4.41 -9.92 -2.67
C ALA A 94 4.56 -9.09 -3.93
N ILE A 95 5.10 -7.88 -3.78
CA ILE A 95 5.31 -6.99 -4.92
C ILE A 95 6.32 -7.56 -5.89
N LYS A 96 7.35 -8.19 -5.35
CA LYS A 96 8.41 -8.80 -6.18
C LYS A 96 7.94 -10.13 -6.74
N ASN A 97 7.05 -10.81 -6.03
CA ASN A 97 6.54 -12.09 -6.47
C ASN A 97 5.11 -11.95 -6.99
N ALA A 98 4.75 -10.74 -7.39
CA ALA A 98 3.42 -10.47 -7.91
C ALA A 98 3.29 -10.96 -9.36
N GLY A 99 2.52 -12.03 -9.55
CA GLY A 99 2.32 -12.58 -10.88
C GLY A 99 1.99 -11.51 -11.90
N ASN A 100 3.00 -11.03 -12.61
CA ASN A 100 2.81 -10.01 -13.63
C ASN A 100 1.49 -10.23 -14.39
N PRO A 101 0.72 -9.14 -14.55
CA PRO A 101 1.09 -7.82 -14.05
C PRO A 101 1.04 -7.74 -12.53
N VAL A 102 1.44 -6.60 -11.99
CA VAL A 102 1.43 -6.38 -10.54
C VAL A 102 0.37 -5.38 -10.13
N VAL A 103 -0.81 -5.89 -9.77
CA VAL A 103 -1.91 -5.03 -9.36
C VAL A 103 -1.66 -4.43 -7.97
N PHE A 104 -2.13 -3.20 -7.77
CA PHE A 104 -1.96 -2.52 -6.49
C PHE A 104 -3.29 -1.99 -5.98
N ILE A 105 -3.61 -2.31 -4.72
CA ILE A 105 -4.84 -1.87 -4.11
C ILE A 105 -4.58 -1.00 -2.89
N VAL A 106 -4.44 0.30 -3.12
CA VAL A 106 -4.18 1.24 -2.03
C VAL A 106 -5.35 2.20 -1.85
N GLN A 107 -5.32 2.96 -0.75
CA GLN A 107 -6.38 3.92 -0.45
C GLN A 107 -5.79 5.28 -0.07
N SER A 108 -5.91 6.24 -0.97
CA SER A 108 -5.38 7.58 -0.73
C SER A 108 -6.35 8.39 0.14
N LEU A 109 -5.82 8.98 1.21
CA LEU A 109 -6.63 9.78 2.11
C LEU A 109 -7.16 11.04 1.41
N SER A 110 -8.21 11.62 1.97
CA SER A 110 -8.81 12.82 1.39
C SER A 110 -7.75 13.90 1.16
N SER A 111 -7.33 14.04 -0.09
CA SER A 111 -6.32 15.03 -0.45
C SER A 111 -6.44 15.42 -1.92
N THR A 112 -5.70 16.45 -2.32
CA THR A 112 -5.71 16.93 -3.69
C THR A 112 -4.51 16.40 -4.47
N PRO A 113 -4.69 16.23 -5.79
CA PRO A 113 -3.62 15.74 -6.68
C PRO A 113 -2.50 16.76 -6.85
N ARG A 114 -1.68 16.55 -7.87
CA ARG A 114 -0.57 17.44 -8.16
C ARG A 114 -0.55 17.84 -9.63
N VAL A 115 -0.13 19.08 -9.89
CA VAL A 115 -0.06 19.60 -11.26
C VAL A 115 1.11 18.98 -12.01
N ILE A 116 1.05 19.05 -13.34
CA ILE A 116 2.10 18.51 -14.19
C ILE A 116 3.37 19.35 -14.08
N PRO A 117 4.53 18.68 -14.03
CA PRO A 117 5.83 19.34 -13.93
C PRO A 117 6.21 20.06 -15.22
N GLY A 1 -24.54 -11.62 21.00
CA GLY A 1 -23.24 -10.99 20.88
C GLY A 1 -23.33 -9.57 20.35
N SER A 2 -24.03 -8.71 21.08
CA SER A 2 -24.20 -7.32 20.68
C SER A 2 -22.98 -6.49 21.04
N SER A 3 -22.46 -5.76 20.06
CA SER A 3 -21.28 -4.92 20.27
C SER A 3 -21.35 -3.66 19.42
N GLY A 4 -20.88 -2.54 19.98
CA GLY A 4 -20.90 -1.28 19.26
C GLY A 4 -19.65 -0.46 19.50
N SER A 5 -18.80 -0.39 18.49
CA SER A 5 -17.54 0.37 18.59
C SER A 5 -17.57 1.58 17.67
N SER A 6 -16.50 2.37 17.71
CA SER A 6 -16.39 3.56 16.87
C SER A 6 -15.28 3.40 15.83
N GLY A 7 -14.05 3.31 16.31
CA GLY A 7 -12.91 3.17 15.42
C GLY A 7 -11.62 3.68 16.03
N PRO A 8 -10.49 3.08 15.62
CA PRO A 8 -9.17 3.47 16.12
C PRO A 8 -8.73 4.85 15.62
N ASN A 9 -8.83 5.05 14.31
CA ASN A 9 -8.45 6.33 13.71
C ASN A 9 -9.63 6.95 12.98
N PHE A 10 -9.85 8.24 13.20
CA PHE A 10 -10.95 8.96 12.56
C PHE A 10 -10.47 9.68 11.30
N SER A 11 -9.97 8.91 10.35
CA SER A 11 -9.47 9.47 9.10
C SER A 11 -10.56 9.46 8.03
N HIS A 12 -10.19 9.86 6.81
CA HIS A 12 -11.14 9.91 5.70
C HIS A 12 -10.62 9.11 4.51
N TRP A 13 -10.52 7.80 4.67
CA TRP A 13 -10.03 6.93 3.61
C TRP A 13 -11.19 6.37 2.79
N GLY A 14 -11.26 6.78 1.53
CA GLY A 14 -12.32 6.32 0.66
C GLY A 14 -12.09 4.90 0.17
N PRO A 15 -12.75 4.53 -0.94
CA PRO A 15 -12.64 3.19 -1.52
C PRO A 15 -11.27 2.94 -2.14
N PRO A 16 -10.87 1.67 -2.22
CA PRO A 16 -9.57 1.28 -2.78
C PRO A 16 -9.52 1.48 -4.30
N ARG A 17 -8.30 1.55 -4.83
CA ARG A 17 -8.11 1.74 -6.26
C ARG A 17 -7.15 0.70 -6.83
N ILE A 18 -7.65 -0.13 -7.73
CA ILE A 18 -6.85 -1.17 -8.36
C ILE A 18 -6.04 -0.62 -9.52
N VAL A 19 -4.74 -0.92 -9.53
CA VAL A 19 -3.85 -0.46 -10.59
C VAL A 19 -2.86 -1.55 -11.00
N GLU A 20 -2.85 -1.86 -12.29
CA GLU A 20 -1.94 -2.88 -12.81
C GLU A 20 -0.58 -2.29 -13.12
N ILE A 21 0.47 -2.89 -12.55
CA ILE A 21 1.82 -2.43 -12.77
C ILE A 21 2.72 -3.55 -13.28
N PHE A 22 3.30 -3.35 -14.46
CA PHE A 22 4.17 -4.34 -15.07
C PHE A 22 5.59 -4.21 -14.54
N ARG A 23 6.17 -5.33 -14.10
CA ARG A 23 7.53 -5.33 -13.58
C ARG A 23 8.54 -4.99 -14.67
N GLU A 24 9.68 -4.44 -14.26
CA GLU A 24 10.72 -4.08 -15.21
C GLU A 24 12.00 -4.86 -14.95
N PRO A 25 12.79 -5.09 -16.01
CA PRO A 25 14.05 -5.83 -15.92
C PRO A 25 15.13 -5.06 -15.17
N ASN A 26 15.92 -4.28 -15.91
CA ASN A 26 16.99 -3.49 -15.32
C ASN A 26 16.48 -2.71 -14.11
N VAL A 27 15.23 -2.24 -14.19
CA VAL A 27 14.62 -1.49 -13.10
C VAL A 27 13.43 -2.22 -12.51
N SER A 28 13.19 -2.02 -11.22
CA SER A 28 12.09 -2.68 -10.53
C SER A 28 10.79 -1.92 -10.77
N LEU A 29 9.76 -2.28 -10.00
CA LEU A 29 8.46 -1.62 -10.12
C LEU A 29 8.57 -0.13 -9.86
N GLY A 30 9.50 0.25 -9.00
CA GLY A 30 9.70 1.66 -8.68
C GLY A 30 8.87 2.10 -7.49
N ILE A 31 8.32 1.13 -6.77
CA ILE A 31 7.50 1.43 -5.60
C ILE A 31 8.19 0.99 -4.32
N SER A 32 7.92 1.70 -3.23
CA SER A 32 8.51 1.38 -1.93
C SER A 32 7.45 1.37 -0.83
N ILE A 33 7.85 0.91 0.35
CA ILE A 33 6.93 0.85 1.49
C ILE A 33 7.64 1.23 2.78
N VAL A 34 6.88 1.73 3.74
CA VAL A 34 7.43 2.14 5.03
C VAL A 34 7.02 1.16 6.14
N GLY A 35 7.68 1.26 7.28
CA GLY A 35 7.38 0.38 8.39
C GLY A 35 7.72 -1.07 8.09
N GLY A 36 7.31 -1.96 8.99
CA GLY A 36 7.59 -3.38 8.80
C GLY A 36 6.97 -4.24 9.89
N GLN A 37 6.97 -3.73 11.11
CA GLN A 37 6.40 -4.46 12.25
C GLN A 37 4.90 -4.63 12.09
N THR A 38 4.43 -5.86 12.26
CA THR A 38 3.01 -6.16 12.14
C THR A 38 2.53 -7.06 13.27
N VAL A 39 1.23 -7.30 13.32
CA VAL A 39 0.65 -8.15 14.36
C VAL A 39 -0.53 -8.95 13.82
N ILE A 40 -0.76 -10.12 14.40
CA ILE A 40 -1.87 -10.98 13.98
C ILE A 40 -2.86 -11.20 15.11
N LYS A 41 -2.38 -11.10 16.34
CA LYS A 41 -3.22 -11.29 17.52
C LYS A 41 -4.18 -10.12 17.68
N ARG A 42 -5.40 -10.42 18.13
CA ARG A 42 -6.42 -9.39 18.32
C ARG A 42 -6.81 -9.29 19.80
N LEU A 43 -5.82 -9.05 20.65
CA LEU A 43 -6.06 -8.93 22.09
C LEU A 43 -5.96 -7.48 22.54
N LYS A 44 -5.54 -6.61 21.63
CA LYS A 44 -5.41 -5.19 21.93
C LYS A 44 -5.74 -4.33 20.72
N ASN A 45 -6.84 -3.58 20.81
CA ASN A 45 -7.26 -2.72 19.71
C ASN A 45 -6.95 -1.25 20.01
N GLY A 46 -6.07 -0.66 19.20
CA GLY A 46 -5.71 0.72 19.39
C GLY A 46 -4.22 0.95 19.26
N GLU A 47 -3.73 0.97 18.02
CA GLU A 47 -2.32 1.17 17.76
C GLU A 47 -2.11 1.94 16.45
N GLU A 48 -1.11 2.82 16.44
CA GLU A 48 -0.81 3.62 15.25
C GLU A 48 -0.77 2.74 14.00
N LEU A 49 -0.65 3.38 12.84
CA LEU A 49 -0.59 2.65 11.58
C LEU A 49 0.34 1.46 11.68
N LYS A 50 -0.12 0.31 11.18
CA LYS A 50 0.68 -0.91 11.22
C LYS A 50 0.73 -1.55 9.83
N GLY A 51 -0.31 -1.36 9.04
CA GLY A 51 -0.35 -1.92 7.71
C GLY A 51 0.83 -1.50 6.86
N ILE A 52 0.70 -1.63 5.55
CA ILE A 52 1.77 -1.26 4.63
C ILE A 52 1.40 -0.01 3.84
N PHE A 53 2.28 0.99 3.87
CA PHE A 53 2.05 2.25 3.16
C PHE A 53 3.19 2.53 2.19
N ILE A 54 2.86 3.16 1.07
CA ILE A 54 3.86 3.50 0.06
C ILE A 54 4.92 4.43 0.63
N LYS A 55 6.18 4.00 0.56
CA LYS A 55 7.29 4.79 1.06
C LYS A 55 7.71 5.85 0.04
N GLN A 56 7.81 5.44 -1.21
CA GLN A 56 8.20 6.35 -2.29
C GLN A 56 8.06 5.69 -3.65
N VAL A 57 7.77 6.49 -4.67
CA VAL A 57 7.61 5.98 -6.02
C VAL A 57 8.44 6.78 -7.02
N LEU A 58 9.27 6.07 -7.78
CA LEU A 58 10.12 6.72 -8.78
C LEU A 58 9.30 7.22 -9.97
N GLU A 59 9.92 8.01 -10.82
CA GLU A 59 9.24 8.55 -11.99
C GLU A 59 9.51 7.69 -13.23
N ASP A 60 10.77 7.28 -13.40
CA ASP A 60 11.16 6.45 -14.52
C ASP A 60 10.85 4.99 -14.25
N SER A 61 9.72 4.73 -13.62
CA SER A 61 9.31 3.37 -13.28
C SER A 61 7.90 3.08 -13.78
N PRO A 62 7.52 1.80 -13.77
CA PRO A 62 6.18 1.37 -14.22
C PRO A 62 5.09 1.79 -13.25
N ALA A 63 5.48 2.10 -12.02
CA ALA A 63 4.53 2.52 -10.99
C ALA A 63 4.40 4.04 -10.97
N GLY A 64 5.45 4.73 -11.37
CA GLY A 64 5.42 6.19 -11.39
C GLY A 64 4.56 6.75 -12.49
N LYS A 65 4.60 6.10 -13.66
CA LYS A 65 3.81 6.53 -14.81
C LYS A 65 2.32 6.41 -14.52
N THR A 66 1.93 5.27 -13.95
CA THR A 66 0.53 5.03 -13.62
C THR A 66 -0.07 6.19 -12.83
N ASN A 67 0.80 6.99 -12.23
CA ASN A 67 0.36 8.15 -11.44
C ASN A 67 -0.86 7.79 -10.60
N ALA A 68 -1.01 6.51 -10.30
CA ALA A 68 -2.13 6.05 -9.49
C ALA A 68 -1.69 5.66 -8.09
N LEU A 69 -0.39 5.83 -7.82
CA LEU A 69 0.17 5.49 -6.52
C LEU A 69 1.21 6.52 -6.10
N LYS A 70 1.20 6.88 -4.82
CA LYS A 70 2.15 7.85 -4.29
C LYS A 70 2.45 7.57 -2.82
N THR A 71 3.59 8.06 -2.35
CA THR A 71 4.01 7.86 -0.96
C THR A 71 2.90 8.29 0.00
N GLY A 72 2.71 7.51 1.06
CA GLY A 72 1.70 7.84 2.04
C GLY A 72 0.48 6.93 1.92
N ASP A 73 0.25 6.41 0.73
CA ASP A 73 -0.89 5.53 0.48
C ASP A 73 -0.84 4.31 1.40
N LYS A 74 -1.90 3.51 1.39
CA LYS A 74 -1.99 2.31 2.21
C LYS A 74 -2.27 1.09 1.36
N ILE A 75 -1.27 0.23 1.20
CA ILE A 75 -1.42 -0.98 0.41
C ILE A 75 -2.15 -2.06 1.20
N LEU A 76 -3.30 -2.49 0.69
CA LEU A 76 -4.10 -3.52 1.34
C LEU A 76 -3.92 -4.86 0.65
N GLU A 77 -3.55 -4.82 -0.62
CA GLU A 77 -3.34 -6.05 -1.40
C GLU A 77 -2.60 -5.75 -2.70
N VAL A 78 -1.85 -6.73 -3.18
CA VAL A 78 -1.10 -6.58 -4.41
C VAL A 78 -1.06 -7.88 -5.21
N SER A 79 -1.47 -7.81 -6.47
CA SER A 79 -1.48 -8.99 -7.33
C SER A 79 -2.41 -10.06 -6.77
N GLY A 80 -3.26 -9.67 -5.83
CA GLY A 80 -4.18 -10.61 -5.22
C GLY A 80 -3.61 -11.24 -3.96
N VAL A 81 -2.81 -10.48 -3.23
CA VAL A 81 -2.21 -10.97 -2.00
C VAL A 81 -2.43 -10.00 -0.85
N ASP A 82 -3.01 -10.49 0.24
CA ASP A 82 -3.27 -9.65 1.41
C ASP A 82 -1.96 -9.22 2.08
N LEU A 83 -1.66 -7.93 1.99
CA LEU A 83 -0.44 -7.39 2.58
C LEU A 83 -0.76 -6.47 3.76
N GLN A 84 -2.05 -6.31 4.03
CA GLN A 84 -2.50 -5.46 5.13
C GLN A 84 -1.72 -5.76 6.40
N ASN A 85 -1.90 -6.98 6.92
CA ASN A 85 -1.22 -7.39 8.14
C ASN A 85 0.11 -8.06 7.82
N ALA A 86 0.74 -7.61 6.74
CA ALA A 86 2.03 -8.16 6.32
C ALA A 86 3.18 -7.21 6.66
N SER A 87 4.29 -7.77 7.11
CA SER A 87 5.45 -6.97 7.47
C SER A 87 6.08 -6.34 6.23
N HIS A 88 7.22 -5.69 6.43
CA HIS A 88 7.92 -5.02 5.32
C HIS A 88 8.34 -6.04 4.27
N SER A 89 8.89 -7.17 4.70
CA SER A 89 9.33 -8.21 3.79
C SER A 89 8.14 -8.99 3.24
N GLU A 90 7.15 -9.22 4.11
CA GLU A 90 5.96 -9.97 3.71
C GLU A 90 5.32 -9.35 2.47
N ALA A 91 5.36 -8.03 2.39
CA ALA A 91 4.79 -7.31 1.25
C ALA A 91 5.79 -7.20 0.10
N VAL A 92 7.05 -6.99 0.45
CA VAL A 92 8.11 -6.88 -0.55
C VAL A 92 8.10 -8.06 -1.51
N GLU A 93 8.10 -9.27 -0.95
CA GLU A 93 8.09 -10.48 -1.76
C GLU A 93 6.84 -10.54 -2.64
N ALA A 94 5.74 -10.00 -2.13
CA ALA A 94 4.49 -9.98 -2.87
C ALA A 94 4.59 -9.12 -4.12
N ILE A 95 5.08 -7.90 -3.95
CA ILE A 95 5.24 -6.97 -5.07
C ILE A 95 6.27 -7.50 -6.07
N LYS A 96 7.33 -8.12 -5.55
CA LYS A 96 8.37 -8.67 -6.39
C LYS A 96 7.97 -10.01 -6.99
N ASN A 97 7.10 -10.73 -6.27
CA ASN A 97 6.63 -12.03 -6.73
C ASN A 97 5.20 -11.92 -7.25
N ALA A 98 4.78 -10.71 -7.57
CA ALA A 98 3.42 -10.48 -8.09
C ALA A 98 3.29 -10.99 -9.52
N GLY A 99 2.53 -12.05 -9.70
CA GLY A 99 2.33 -12.62 -11.02
C GLY A 99 2.02 -11.55 -12.06
N ASN A 100 3.06 -11.08 -12.74
CA ASN A 100 2.90 -10.06 -13.77
C ASN A 100 1.58 -10.24 -14.51
N PRO A 101 0.83 -9.15 -14.68
CA PRO A 101 1.22 -7.83 -14.15
C PRO A 101 1.17 -7.77 -12.63
N VAL A 102 1.39 -6.59 -12.08
CA VAL A 102 1.37 -6.40 -10.63
C VAL A 102 0.29 -5.42 -10.22
N VAL A 103 -0.86 -5.95 -9.84
CA VAL A 103 -1.99 -5.12 -9.43
C VAL A 103 -1.78 -4.57 -8.02
N PHE A 104 -2.20 -3.33 -7.80
CA PHE A 104 -2.04 -2.68 -6.50
C PHE A 104 -3.40 -2.20 -5.97
N ILE A 105 -3.69 -2.54 -4.71
CA ILE A 105 -4.94 -2.14 -4.09
C ILE A 105 -4.70 -1.26 -2.87
N VAL A 106 -4.66 0.05 -3.10
CA VAL A 106 -4.44 1.01 -2.02
C VAL A 106 -5.61 1.99 -1.91
N GLN A 107 -5.51 2.90 -0.96
CA GLN A 107 -6.55 3.90 -0.74
C GLN A 107 -5.95 5.24 -0.37
N SER A 108 -6.06 6.21 -1.28
CA SER A 108 -5.52 7.55 -1.06
C SER A 108 -6.51 8.41 -0.28
N LEU A 109 -6.03 9.05 0.77
CA LEU A 109 -6.87 9.91 1.60
C LEU A 109 -7.44 11.06 0.79
N SER A 110 -8.52 11.66 1.29
CA SER A 110 -9.17 12.77 0.62
C SER A 110 -8.18 13.92 0.38
N SER A 111 -7.58 13.94 -0.81
CA SER A 111 -6.61 14.98 -1.14
C SER A 111 -7.01 15.69 -2.45
N THR A 112 -8.26 15.50 -2.85
CA THR A 112 -8.77 16.12 -4.07
C THR A 112 -7.90 15.75 -5.26
N PRO A 113 -8.44 15.96 -6.48
CA PRO A 113 -7.73 15.66 -7.72
C PRO A 113 -6.56 16.61 -7.97
N ARG A 114 -5.98 16.52 -9.16
CA ARG A 114 -4.86 17.38 -9.53
C ARG A 114 -4.96 17.83 -10.98
N VAL A 115 -4.43 19.02 -11.27
CA VAL A 115 -4.47 19.58 -12.61
C VAL A 115 -3.07 19.70 -13.18
N ILE A 116 -2.94 19.45 -14.49
CA ILE A 116 -1.65 19.54 -15.17
C ILE A 116 -1.26 20.99 -15.41
N PRO A 117 0.05 21.23 -15.56
CA PRO A 117 0.59 22.57 -15.80
C PRO A 117 0.23 23.10 -17.19
N GLY A 1 -22.64 -8.22 13.76
CA GLY A 1 -22.08 -7.34 14.78
C GLY A 1 -23.13 -6.75 15.69
N SER A 2 -22.82 -6.64 16.97
CA SER A 2 -23.75 -6.09 17.95
C SER A 2 -23.16 -4.87 18.64
N SER A 3 -21.87 -4.63 18.41
CA SER A 3 -21.18 -3.51 19.01
C SER A 3 -21.17 -2.30 18.07
N GLY A 4 -21.74 -1.19 18.53
CA GLY A 4 -21.79 0.02 17.72
C GLY A 4 -21.31 1.23 18.47
N SER A 5 -19.99 1.38 18.57
CA SER A 5 -19.40 2.52 19.27
C SER A 5 -18.26 3.13 18.45
N SER A 6 -18.61 3.65 17.28
CA SER A 6 -17.61 4.26 16.40
C SER A 6 -17.04 5.52 17.02
N GLY A 7 -15.95 6.02 16.45
CA GLY A 7 -15.31 7.23 16.96
C GLY A 7 -15.94 8.49 16.41
N PRO A 8 -15.55 9.65 16.96
CA PRO A 8 -16.06 10.95 16.54
C PRO A 8 -15.57 11.34 15.14
N ASN A 9 -14.27 11.18 14.91
CA ASN A 9 -13.68 11.51 13.63
C ASN A 9 -12.27 10.93 13.51
N PHE A 10 -11.78 10.82 12.28
CA PHE A 10 -10.45 10.29 12.03
C PHE A 10 -10.09 10.38 10.55
N SER A 11 -8.92 9.86 10.20
CA SER A 11 -8.46 9.89 8.81
C SER A 11 -9.62 9.71 7.84
N HIS A 12 -9.49 10.29 6.66
CA HIS A 12 -10.53 10.19 5.65
C HIS A 12 -10.07 9.34 4.47
N TRP A 13 -10.04 8.02 4.67
CA TRP A 13 -9.61 7.10 3.63
C TRP A 13 -10.79 6.70 2.74
N GLY A 14 -10.73 7.09 1.48
CA GLY A 14 -11.80 6.77 0.55
C GLY A 14 -11.75 5.32 0.11
N PRO A 15 -12.46 5.01 -0.99
CA PRO A 15 -12.52 3.64 -1.53
C PRO A 15 -11.19 3.20 -2.14
N PRO A 16 -11.00 1.88 -2.26
CA PRO A 16 -9.78 1.29 -2.81
C PRO A 16 -9.65 1.55 -4.32
N ARG A 17 -8.44 1.41 -4.83
CA ARG A 17 -8.18 1.61 -6.25
C ARG A 17 -7.23 0.56 -6.80
N ILE A 18 -7.68 -0.17 -7.81
CA ILE A 18 -6.86 -1.21 -8.42
C ILE A 18 -6.04 -0.66 -9.58
N VAL A 19 -4.76 -1.01 -9.62
CA VAL A 19 -3.87 -0.55 -10.67
C VAL A 19 -2.88 -1.64 -11.07
N GLU A 20 -2.80 -1.93 -12.37
CA GLU A 20 -1.89 -2.95 -12.87
C GLU A 20 -0.51 -2.35 -13.15
N ILE A 21 0.50 -2.87 -12.45
CA ILE A 21 1.86 -2.39 -12.62
C ILE A 21 2.77 -3.49 -13.16
N PHE A 22 3.26 -3.30 -14.38
CA PHE A 22 4.13 -4.28 -15.01
C PHE A 22 5.57 -4.12 -14.51
N ARG A 23 6.17 -5.23 -14.09
CA ARG A 23 7.54 -5.22 -13.59
C ARG A 23 8.52 -4.83 -14.69
N GLU A 24 9.68 -4.33 -14.29
CA GLU A 24 10.70 -3.91 -15.25
C GLU A 24 12.02 -4.63 -14.97
N PRO A 25 12.82 -4.84 -16.04
CA PRO A 25 14.11 -5.51 -15.94
C PRO A 25 15.15 -4.66 -15.21
N ASN A 26 15.89 -3.86 -15.98
CA ASN A 26 16.92 -3.00 -15.41
C ASN A 26 16.39 -2.25 -14.19
N VAL A 27 15.12 -1.84 -14.26
CA VAL A 27 14.48 -1.12 -13.17
C VAL A 27 13.34 -1.91 -12.57
N SER A 28 13.12 -1.75 -11.26
CA SER A 28 12.05 -2.46 -10.57
C SER A 28 10.71 -1.75 -10.78
N LEU A 29 9.73 -2.09 -9.94
CA LEU A 29 8.40 -1.51 -10.03
C LEU A 29 8.45 -0.01 -9.74
N GLY A 30 9.45 0.41 -8.95
CA GLY A 30 9.58 1.81 -8.61
C GLY A 30 8.75 2.20 -7.40
N ILE A 31 8.25 1.21 -6.68
CA ILE A 31 7.44 1.46 -5.51
C ILE A 31 8.15 0.99 -4.24
N SER A 32 7.90 1.69 -3.13
CA SER A 32 8.51 1.34 -1.86
C SER A 32 7.46 1.27 -0.75
N ILE A 33 7.87 0.77 0.41
CA ILE A 33 6.97 0.66 1.55
C ILE A 33 7.67 1.04 2.85
N VAL A 34 6.89 1.51 3.83
CA VAL A 34 7.43 1.91 5.11
C VAL A 34 7.10 0.88 6.20
N GLY A 35 7.71 1.04 7.36
CA GLY A 35 7.46 0.13 8.46
C GLY A 35 7.51 -1.33 8.03
N GLY A 36 6.66 -2.15 8.64
CA GLY A 36 6.63 -3.56 8.31
C GLY A 36 7.67 -4.37 9.06
N GLN A 37 8.71 -3.69 9.52
CA GLN A 37 9.79 -4.35 10.27
C GLN A 37 9.24 -5.49 11.11
N THR A 38 8.51 -5.13 12.17
CA THR A 38 7.92 -6.13 13.06
C THR A 38 6.43 -5.89 13.25
N VAL A 39 5.79 -6.75 14.03
CA VAL A 39 4.36 -6.63 14.30
C VAL A 39 4.03 -7.07 15.72
N ILE A 40 2.76 -6.91 16.10
CA ILE A 40 2.31 -7.30 17.43
C ILE A 40 0.84 -7.70 17.42
N LYS A 41 0.52 -8.73 18.18
CA LYS A 41 -0.86 -9.22 18.26
C LYS A 41 -1.70 -8.32 19.17
N ARG A 42 -1.65 -7.02 18.90
CA ARG A 42 -2.41 -6.05 19.69
C ARG A 42 -3.58 -5.50 18.90
N LEU A 43 -4.45 -6.39 18.43
CA LEU A 43 -5.62 -6.00 17.66
C LEU A 43 -6.76 -5.59 18.57
N LYS A 44 -6.43 -5.25 19.81
CA LYS A 44 -7.43 -4.84 20.79
C LYS A 44 -7.18 -3.41 21.25
N ASN A 45 -6.44 -2.65 20.44
CA ASN A 45 -6.13 -1.27 20.77
C ASN A 45 -5.44 -0.58 19.60
N GLY A 46 -5.50 0.75 19.59
CA GLY A 46 -4.88 1.51 18.52
C GLY A 46 -5.89 2.26 17.68
N GLU A 47 -5.55 3.49 17.31
CA GLU A 47 -6.43 4.31 16.50
C GLU A 47 -5.83 4.58 15.12
N GLU A 48 -4.57 4.19 14.94
CA GLU A 48 -3.88 4.39 13.68
C GLU A 48 -3.80 3.08 12.90
N LEU A 49 -4.88 2.76 12.20
CA LEU A 49 -4.94 1.54 11.39
C LEU A 49 -3.58 1.21 10.80
N LYS A 50 -3.12 -0.03 10.99
CA LYS A 50 -1.84 -0.46 10.48
C LYS A 50 -1.95 -0.87 9.01
N GLY A 51 -0.83 -1.28 8.42
CA GLY A 51 -0.84 -1.70 7.03
C GLY A 51 0.38 -1.21 6.28
N ILE A 52 0.72 -1.88 5.19
CA ILE A 52 1.86 -1.50 4.37
C ILE A 52 1.58 -0.22 3.59
N PHE A 53 2.10 0.89 4.07
CA PHE A 53 1.89 2.18 3.42
C PHE A 53 3.06 2.49 2.47
N ILE A 54 2.73 2.97 1.27
CA ILE A 54 3.74 3.30 0.28
C ILE A 54 4.79 4.24 0.86
N LYS A 55 6.05 3.86 0.72
CA LYS A 55 7.16 4.67 1.22
C LYS A 55 7.55 5.75 0.23
N GLN A 56 7.71 5.36 -1.03
CA GLN A 56 8.08 6.30 -2.08
C GLN A 56 7.91 5.67 -3.46
N VAL A 57 7.61 6.50 -4.45
CA VAL A 57 7.43 6.03 -5.83
C VAL A 57 8.20 6.88 -6.81
N LEU A 58 9.02 6.23 -7.64
CA LEU A 58 9.82 6.93 -8.63
C LEU A 58 8.94 7.42 -9.78
N GLU A 59 9.57 8.13 -10.72
CA GLU A 59 8.84 8.67 -11.88
C GLU A 59 9.13 7.84 -13.13
N ASP A 60 10.40 7.47 -13.31
CA ASP A 60 10.79 6.68 -14.46
C ASP A 60 10.54 5.19 -14.22
N SER A 61 9.45 4.89 -13.52
CA SER A 61 9.10 3.51 -13.21
C SER A 61 7.69 3.19 -13.71
N PRO A 62 7.34 1.89 -13.70
CA PRO A 62 6.02 1.42 -14.14
C PRO A 62 4.91 1.82 -13.17
N ALA A 63 5.29 2.09 -11.92
CA ALA A 63 4.33 2.49 -10.91
C ALA A 63 4.14 4.00 -10.88
N GLY A 64 5.20 4.73 -11.26
CA GLY A 64 5.13 6.17 -11.27
C GLY A 64 4.39 6.72 -12.48
N LYS A 65 4.60 6.08 -13.63
CA LYS A 65 3.94 6.50 -14.86
C LYS A 65 2.43 6.44 -14.72
N THR A 66 1.93 5.38 -14.09
CA THR A 66 0.50 5.21 -13.89
C THR A 66 -0.08 6.36 -13.07
N ASN A 67 0.79 7.07 -12.37
CA ASN A 67 0.36 8.21 -11.54
C ASN A 67 -0.91 7.86 -10.78
N ALA A 68 -1.15 6.57 -10.57
CA ALA A 68 -2.33 6.12 -9.85
C ALA A 68 -1.99 5.74 -8.41
N LEU A 69 -0.71 5.85 -8.07
CA LEU A 69 -0.25 5.51 -6.72
C LEU A 69 0.78 6.53 -6.23
N LYS A 70 0.62 6.96 -4.98
CA LYS A 70 1.54 7.93 -4.38
C LYS A 70 2.02 7.44 -3.02
N THR A 71 3.01 8.14 -2.47
CA THR A 71 3.58 7.78 -1.17
C THR A 71 2.59 8.10 -0.05
N GLY A 72 2.56 7.24 0.96
CA GLY A 72 1.66 7.45 2.08
C GLY A 72 0.43 6.57 2.02
N ASP A 73 0.07 6.15 0.81
CA ASP A 73 -1.10 5.31 0.61
C ASP A 73 -1.07 4.11 1.55
N LYS A 74 -2.10 3.27 1.47
CA LYS A 74 -2.19 2.08 2.32
C LYS A 74 -2.42 0.83 1.48
N ILE A 75 -1.35 0.09 1.22
CA ILE A 75 -1.44 -1.14 0.43
C ILE A 75 -2.19 -2.23 1.20
N LEU A 76 -3.35 -2.62 0.66
CA LEU A 76 -4.16 -3.66 1.28
C LEU A 76 -3.96 -5.00 0.59
N GLU A 77 -3.57 -4.96 -0.68
CA GLU A 77 -3.34 -6.17 -1.45
C GLU A 77 -2.56 -5.87 -2.73
N VAL A 78 -1.79 -6.84 -3.19
CA VAL A 78 -0.99 -6.68 -4.40
C VAL A 78 -0.95 -7.97 -5.21
N SER A 79 -1.32 -7.90 -6.48
CA SER A 79 -1.32 -9.06 -7.36
C SER A 79 -2.26 -10.14 -6.82
N GLY A 80 -3.13 -9.76 -5.90
CA GLY A 80 -4.07 -10.70 -5.32
C GLY A 80 -3.54 -11.34 -4.05
N VAL A 81 -2.74 -10.59 -3.30
CA VAL A 81 -2.16 -11.09 -2.06
C VAL A 81 -2.39 -10.12 -0.91
N ASP A 82 -2.95 -10.62 0.19
CA ASP A 82 -3.21 -9.79 1.35
C ASP A 82 -1.91 -9.36 2.04
N LEU A 83 -1.62 -8.07 2.01
CA LEU A 83 -0.42 -7.54 2.63
C LEU A 83 -0.75 -6.65 3.82
N GLN A 84 -2.04 -6.36 3.99
CA GLN A 84 -2.50 -5.52 5.09
C GLN A 84 -1.70 -5.81 6.36
N ASN A 85 -1.92 -6.99 6.93
CA ASN A 85 -1.22 -7.39 8.14
C ASN A 85 0.08 -8.11 7.81
N ALA A 86 0.72 -7.70 6.73
CA ALA A 86 1.98 -8.29 6.30
C ALA A 86 3.17 -7.40 6.64
N SER A 87 4.23 -8.00 7.16
CA SER A 87 5.43 -7.25 7.53
C SER A 87 6.05 -6.58 6.31
N HIS A 88 7.19 -5.93 6.53
CA HIS A 88 7.89 -5.24 5.45
C HIS A 88 8.42 -6.24 4.41
N SER A 89 8.80 -7.42 4.88
CA SER A 89 9.31 -8.45 4.00
C SER A 89 8.18 -9.25 3.38
N GLU A 90 7.15 -9.52 4.17
CA GLU A 90 6.00 -10.28 3.70
C GLU A 90 5.41 -9.66 2.44
N ALA A 91 5.38 -8.34 2.40
CA ALA A 91 4.85 -7.62 1.25
C ALA A 91 5.90 -7.46 0.16
N VAL A 92 7.13 -7.21 0.57
CA VAL A 92 8.24 -7.04 -0.37
C VAL A 92 8.29 -8.18 -1.37
N GLU A 93 8.12 -9.41 -0.88
CA GLU A 93 8.14 -10.59 -1.73
C GLU A 93 6.90 -10.64 -2.62
N ALA A 94 5.79 -10.13 -2.09
CA ALA A 94 4.54 -10.12 -2.83
C ALA A 94 4.63 -9.23 -4.08
N ILE A 95 5.22 -8.05 -3.90
CA ILE A 95 5.37 -7.12 -5.01
C ILE A 95 6.44 -7.59 -5.99
N LYS A 96 7.45 -8.28 -5.47
CA LYS A 96 8.53 -8.81 -6.30
C LYS A 96 8.14 -10.13 -6.93
N ASN A 97 7.23 -10.85 -6.27
CA ASN A 97 6.77 -12.14 -6.78
C ASN A 97 5.34 -12.05 -7.31
N ALA A 98 4.86 -10.82 -7.48
CA ALA A 98 3.52 -10.59 -7.98
C ALA A 98 3.40 -11.04 -9.43
N GLY A 99 2.65 -12.13 -9.64
CA GLY A 99 2.46 -12.65 -10.98
C GLY A 99 2.13 -11.56 -11.99
N ASN A 100 3.15 -11.06 -12.68
CA ASN A 100 2.96 -10.01 -13.67
C ASN A 100 1.66 -10.24 -14.45
N PRO A 101 0.90 -9.16 -14.62
CA PRO A 101 1.24 -7.83 -14.10
C PRO A 101 1.16 -7.78 -12.57
N VAL A 102 1.56 -6.64 -12.00
CA VAL A 102 1.53 -6.47 -10.56
C VAL A 102 0.44 -5.50 -10.15
N VAL A 103 -0.72 -6.04 -9.78
CA VAL A 103 -1.86 -5.22 -9.36
C VAL A 103 -1.64 -4.65 -7.96
N PHE A 104 -2.10 -3.43 -7.75
CA PHE A 104 -1.97 -2.77 -6.46
C PHE A 104 -3.31 -2.27 -5.96
N ILE A 105 -3.65 -2.63 -4.72
CA ILE A 105 -4.91 -2.22 -4.12
C ILE A 105 -4.67 -1.34 -2.89
N VAL A 106 -4.59 -0.03 -3.12
CA VAL A 106 -4.36 0.93 -2.04
C VAL A 106 -5.51 1.94 -1.95
N GLN A 107 -5.43 2.83 -0.97
CA GLN A 107 -6.46 3.84 -0.78
C GLN A 107 -5.83 5.19 -0.46
N SER A 108 -5.87 6.10 -1.44
CA SER A 108 -5.31 7.43 -1.27
C SER A 108 -6.18 8.28 -0.36
N LEU A 109 -5.56 8.92 0.62
CA LEU A 109 -6.28 9.77 1.56
C LEU A 109 -6.82 11.02 0.87
N SER A 110 -7.72 11.72 1.55
CA SER A 110 -8.32 12.93 1.00
C SER A 110 -7.24 13.94 0.62
N SER A 111 -6.74 13.83 -0.62
CA SER A 111 -5.70 14.72 -1.11
C SER A 111 -5.79 14.88 -2.62
N THR A 112 -4.87 15.65 -3.18
CA THR A 112 -4.85 15.88 -4.63
C THR A 112 -3.49 15.53 -5.22
N PRO A 113 -3.49 14.99 -6.43
CA PRO A 113 -2.27 14.60 -7.14
C PRO A 113 -1.44 15.80 -7.57
N ARG A 114 -0.50 15.57 -8.48
CA ARG A 114 0.36 16.63 -8.98
C ARG A 114 0.77 16.37 -10.43
N VAL A 115 1.00 17.44 -11.18
CA VAL A 115 1.41 17.33 -12.58
C VAL A 115 2.92 17.33 -12.71
N ILE A 116 3.41 17.22 -13.94
CA ILE A 116 4.84 17.22 -14.21
C ILE A 116 5.38 18.63 -14.33
N PRO A 117 6.57 18.86 -13.74
CA PRO A 117 7.22 20.17 -13.76
C PRO A 117 7.73 20.54 -15.15
N GLY A 1 -22.44 -1.52 33.83
CA GLY A 1 -21.54 -1.65 32.70
C GLY A 1 -22.10 -1.02 31.44
N SER A 2 -22.40 -1.86 30.44
CA SER A 2 -22.93 -1.38 29.18
C SER A 2 -21.93 -0.48 28.47
N SER A 3 -20.71 -0.98 28.29
CA SER A 3 -19.66 -0.23 27.63
C SER A 3 -20.01 0.03 26.17
N GLY A 4 -20.04 1.31 25.80
CA GLY A 4 -20.37 1.68 24.43
C GLY A 4 -19.73 0.76 23.41
N SER A 5 -20.35 0.63 22.25
CA SER A 5 -19.84 -0.24 21.19
C SER A 5 -19.26 0.60 20.05
N SER A 6 -19.40 1.92 20.16
CA SER A 6 -18.91 2.82 19.13
C SER A 6 -17.49 3.29 19.46
N GLY A 7 -16.61 3.30 18.47
CA GLY A 7 -15.25 3.73 18.68
C GLY A 7 -15.03 5.19 18.30
N PRO A 8 -13.80 5.67 18.51
CA PRO A 8 -13.44 7.06 18.19
C PRO A 8 -13.41 7.33 16.69
N ASN A 9 -12.78 8.42 16.30
CA ASN A 9 -12.68 8.79 14.90
C ASN A 9 -11.23 8.75 14.42
N PHE A 10 -11.02 9.02 13.13
CA PHE A 10 -9.68 9.00 12.56
C PHE A 10 -9.71 9.45 11.10
N SER A 11 -8.55 9.42 10.46
CA SER A 11 -8.44 9.84 9.06
C SER A 11 -9.64 9.34 8.26
N HIS A 12 -9.87 9.97 7.10
CA HIS A 12 -10.99 9.60 6.24
C HIS A 12 -10.47 8.92 4.97
N TRP A 13 -10.25 7.62 5.04
CA TRP A 13 -9.77 6.86 3.90
C TRP A 13 -10.91 6.51 2.95
N GLY A 14 -10.84 7.01 1.73
CA GLY A 14 -11.88 6.73 0.75
C GLY A 14 -11.78 5.33 0.18
N PRO A 15 -12.46 5.10 -0.96
CA PRO A 15 -12.46 3.80 -1.63
C PRO A 15 -11.12 3.47 -2.26
N PRO A 16 -10.77 2.18 -2.30
CA PRO A 16 -9.51 1.70 -2.86
C PRO A 16 -9.47 1.85 -4.38
N ARG A 17 -8.30 1.63 -4.97
CA ARG A 17 -8.12 1.74 -6.41
C ARG A 17 -7.19 0.66 -6.93
N ILE A 18 -7.64 -0.10 -7.92
CA ILE A 18 -6.85 -1.16 -8.50
C ILE A 18 -6.03 -0.65 -9.70
N VAL A 19 -4.75 -0.96 -9.70
CA VAL A 19 -3.86 -0.55 -10.78
C VAL A 19 -2.87 -1.64 -11.15
N GLU A 20 -2.79 -1.96 -12.43
CA GLU A 20 -1.87 -2.99 -12.91
C GLU A 20 -0.50 -2.40 -13.21
N ILE A 21 0.51 -2.92 -12.52
CA ILE A 21 1.88 -2.45 -12.72
C ILE A 21 2.79 -3.57 -13.23
N PHE A 22 3.32 -3.37 -14.43
CA PHE A 22 4.20 -4.37 -15.04
C PHE A 22 5.64 -4.21 -14.54
N ARG A 23 6.22 -5.31 -14.09
CA ARG A 23 7.59 -5.30 -13.58
C ARG A 23 8.58 -4.94 -14.68
N GLU A 24 9.74 -4.42 -14.29
CA GLU A 24 10.77 -4.04 -15.24
C GLU A 24 12.06 -4.78 -14.97
N PRO A 25 12.85 -5.00 -16.03
CA PRO A 25 14.14 -5.71 -15.94
C PRO A 25 15.19 -4.90 -15.20
N ASN A 26 15.95 -4.11 -15.97
CA ASN A 26 17.00 -3.28 -15.38
C ASN A 26 16.48 -2.51 -14.18
N VAL A 27 15.22 -2.07 -14.25
CA VAL A 27 14.60 -1.32 -13.17
C VAL A 27 13.44 -2.09 -12.56
N SER A 28 13.21 -1.89 -11.27
CA SER A 28 12.13 -2.57 -10.57
C SER A 28 10.80 -1.85 -10.78
N LEU A 29 9.81 -2.20 -9.98
CA LEU A 29 8.48 -1.59 -10.08
C LEU A 29 8.55 -0.10 -9.82
N GLY A 30 9.51 0.32 -9.00
CA GLY A 30 9.66 1.72 -8.68
C GLY A 30 8.84 2.15 -7.48
N ILE A 31 8.31 1.17 -6.75
CA ILE A 31 7.50 1.45 -5.58
C ILE A 31 8.20 1.00 -4.30
N SER A 32 7.93 1.71 -3.21
CA SER A 32 8.54 1.38 -1.92
C SER A 32 7.49 1.36 -0.81
N ILE A 33 7.88 0.89 0.36
CA ILE A 33 6.98 0.82 1.50
C ILE A 33 7.70 1.19 2.80
N VAL A 34 6.96 1.77 3.73
CA VAL A 34 7.52 2.16 5.02
C VAL A 34 7.18 1.16 6.11
N GLY A 35 7.73 1.35 7.30
CA GLY A 35 7.45 0.46 8.41
C GLY A 35 7.46 -1.00 7.98
N GLY A 36 6.38 -1.72 8.32
CA GLY A 36 6.29 -3.12 7.96
C GLY A 36 6.96 -4.02 8.98
N GLN A 37 8.16 -3.66 9.41
CA GLN A 37 8.90 -4.45 10.38
C GLN A 37 7.98 -4.92 11.51
N THR A 38 8.19 -6.16 11.95
CA THR A 38 7.37 -6.73 13.01
C THR A 38 7.17 -5.74 14.14
N VAL A 39 6.13 -5.96 14.94
CA VAL A 39 5.82 -5.09 16.06
C VAL A 39 4.75 -5.70 16.96
N ILE A 40 4.79 -5.34 18.24
CA ILE A 40 3.82 -5.86 19.20
C ILE A 40 3.55 -4.84 20.31
N LYS A 41 2.28 -4.67 20.64
CA LYS A 41 1.88 -3.72 21.68
C LYS A 41 0.76 -4.30 22.54
N ARG A 42 0.81 -4.01 23.84
CA ARG A 42 -0.21 -4.50 24.77
C ARG A 42 -1.22 -3.40 25.10
N LEU A 43 -1.08 -2.26 24.43
CA LEU A 43 -1.98 -1.14 24.65
C LEU A 43 -3.38 -1.45 24.11
N LYS A 44 -4.38 -0.77 24.66
CA LYS A 44 -5.76 -0.96 24.24
C LYS A 44 -6.42 0.37 23.89
N ASN A 45 -5.61 1.41 23.80
CA ASN A 45 -6.11 2.74 23.47
C ASN A 45 -5.40 3.30 22.23
N GLY A 46 -4.07 3.35 22.29
CA GLY A 46 -3.31 3.87 21.18
C GLY A 46 -3.93 3.53 19.84
N GLU A 47 -4.41 4.55 19.14
CA GLU A 47 -5.03 4.35 17.84
C GLU A 47 -4.04 4.62 16.71
N GLU A 48 -3.70 3.57 15.96
CA GLU A 48 -2.75 3.69 14.86
C GLU A 48 -2.89 2.51 13.90
N LEU A 49 -2.16 2.58 12.79
CA LEU A 49 -2.20 1.52 11.78
C LEU A 49 -0.80 0.96 11.54
N LYS A 50 -0.75 -0.29 11.10
CA LYS A 50 0.53 -0.95 10.81
C LYS A 50 0.60 -1.41 9.36
N GLY A 51 -0.56 -1.44 8.70
CA GLY A 51 -0.60 -1.85 7.31
C GLY A 51 0.54 -1.29 6.49
N ILE A 52 0.77 -1.85 5.31
CA ILE A 52 1.83 -1.39 4.43
C ILE A 52 1.46 -0.09 3.74
N PHE A 53 2.35 0.90 3.83
CA PHE A 53 2.11 2.19 3.21
C PHE A 53 3.22 2.55 2.22
N ILE A 54 2.83 3.08 1.06
CA ILE A 54 3.80 3.45 0.05
C ILE A 54 4.86 4.40 0.60
N LYS A 55 6.11 3.96 0.58
CA LYS A 55 7.21 4.76 1.09
C LYS A 55 7.61 5.83 0.07
N GLN A 56 7.80 5.42 -1.18
CA GLN A 56 8.18 6.34 -2.24
C GLN A 56 8.03 5.69 -3.60
N VAL A 57 7.72 6.50 -4.62
CA VAL A 57 7.54 6.01 -5.97
C VAL A 57 8.35 6.84 -6.97
N LEU A 58 9.16 6.16 -7.77
CA LEU A 58 9.98 6.83 -8.77
C LEU A 58 9.13 7.32 -9.93
N GLU A 59 9.76 8.05 -10.85
CA GLU A 59 9.06 8.57 -12.02
C GLU A 59 9.33 7.71 -13.26
N ASP A 60 10.59 7.33 -13.44
CA ASP A 60 10.98 6.51 -14.57
C ASP A 60 10.71 5.03 -14.29
N SER A 61 9.60 4.75 -13.63
CA SER A 61 9.22 3.39 -13.29
C SER A 61 7.81 3.07 -13.78
N PRO A 62 7.45 1.78 -13.77
CA PRO A 62 6.13 1.32 -14.21
C PRO A 62 5.03 1.73 -13.24
N ALA A 63 5.41 2.06 -12.01
CA ALA A 63 4.46 2.47 -10.98
C ALA A 63 4.30 3.98 -10.96
N GLY A 64 5.35 4.68 -11.37
CA GLY A 64 5.30 6.14 -11.39
C GLY A 64 4.49 6.68 -12.55
N LYS A 65 4.60 6.02 -13.70
CA LYS A 65 3.88 6.44 -14.90
C LYS A 65 2.38 6.32 -14.69
N THR A 66 1.96 5.24 -14.04
CA THR A 66 0.54 5.01 -13.78
C THR A 66 -0.09 6.19 -13.06
N ASN A 67 0.74 6.98 -12.39
CA ASN A 67 0.27 8.15 -11.66
C ASN A 67 -1.01 7.83 -10.89
N ALA A 68 -1.20 6.55 -10.58
CA ALA A 68 -2.38 6.11 -9.84
C ALA A 68 -2.02 5.74 -8.41
N LEU A 69 -0.73 5.80 -8.09
CA LEU A 69 -0.26 5.47 -6.76
C LEU A 69 0.79 6.48 -6.27
N LYS A 70 0.64 6.93 -5.03
CA LYS A 70 1.58 7.90 -4.46
C LYS A 70 2.05 7.45 -3.08
N THR A 71 3.05 8.13 -2.55
CA THR A 71 3.60 7.80 -1.24
C THR A 71 2.63 8.17 -0.12
N GLY A 72 2.50 7.30 0.87
CA GLY A 72 1.60 7.56 1.98
C GLY A 72 0.36 6.70 1.93
N ASP A 73 0.03 6.20 0.74
CA ASP A 73 -1.15 5.36 0.57
C ASP A 73 -1.07 4.12 1.46
N LYS A 74 -2.14 3.32 1.46
CA LYS A 74 -2.19 2.12 2.26
C LYS A 74 -2.45 0.89 1.39
N ILE A 75 -1.40 0.09 1.17
CA ILE A 75 -1.52 -1.11 0.36
C ILE A 75 -2.26 -2.22 1.11
N LEU A 76 -3.44 -2.56 0.62
CA LEU A 76 -4.26 -3.61 1.24
C LEU A 76 -4.03 -4.95 0.55
N GLU A 77 -3.63 -4.90 -0.72
CA GLU A 77 -3.39 -6.12 -1.49
C GLU A 77 -2.62 -5.79 -2.77
N VAL A 78 -1.84 -6.76 -3.25
CA VAL A 78 -1.06 -6.59 -4.46
C VAL A 78 -0.99 -7.88 -5.26
N SER A 79 -1.37 -7.82 -6.53
CA SER A 79 -1.35 -8.98 -7.40
C SER A 79 -2.26 -10.09 -6.86
N GLY A 80 -3.15 -9.70 -5.95
CA GLY A 80 -4.08 -10.66 -5.37
C GLY A 80 -3.53 -11.30 -4.10
N VAL A 81 -2.76 -10.52 -3.35
CA VAL A 81 -2.16 -11.01 -2.10
C VAL A 81 -2.43 -10.04 -0.95
N ASP A 82 -3.03 -10.56 0.11
CA ASP A 82 -3.33 -9.74 1.28
C ASP A 82 -2.06 -9.29 1.98
N LEU A 83 -1.77 -8.00 1.92
CA LEU A 83 -0.57 -7.45 2.54
C LEU A 83 -0.95 -6.55 3.72
N GLN A 84 -2.25 -6.41 3.97
CA GLN A 84 -2.73 -5.58 5.06
C GLN A 84 -1.94 -5.84 6.34
N ASN A 85 -2.13 -7.03 6.92
CA ASN A 85 -1.43 -7.40 8.14
C ASN A 85 -0.09 -8.06 7.83
N ALA A 86 0.52 -7.63 6.73
CA ALA A 86 1.82 -8.17 6.33
C ALA A 86 2.95 -7.24 6.72
N SER A 87 4.06 -7.83 7.19
CA SER A 87 5.22 -7.06 7.61
C SER A 87 5.87 -6.37 6.41
N HIS A 88 7.01 -5.73 6.67
CA HIS A 88 7.73 -5.02 5.61
C HIS A 88 8.22 -6.00 4.55
N SER A 89 8.70 -7.15 4.98
CA SER A 89 9.20 -8.17 4.06
C SER A 89 8.06 -8.96 3.45
N GLU A 90 7.03 -9.23 4.25
CA GLU A 90 5.86 -9.97 3.79
C GLU A 90 5.27 -9.34 2.54
N ALA A 91 5.34 -8.02 2.46
CA ALA A 91 4.81 -7.29 1.32
C ALA A 91 5.85 -7.17 0.22
N VAL A 92 7.11 -6.95 0.61
CA VAL A 92 8.20 -6.82 -0.35
C VAL A 92 8.23 -8.00 -1.30
N GLU A 93 8.08 -9.21 -0.76
CA GLU A 93 8.10 -10.42 -1.58
C GLU A 93 6.87 -10.48 -2.49
N ALA A 94 5.76 -9.94 -2.01
CA ALA A 94 4.52 -9.93 -2.79
C ALA A 94 4.67 -9.09 -4.04
N ILE A 95 5.18 -7.87 -3.87
CA ILE A 95 5.37 -6.96 -5.00
C ILE A 95 6.43 -7.49 -5.96
N LYS A 96 7.46 -8.11 -5.41
CA LYS A 96 8.55 -8.67 -6.22
C LYS A 96 8.14 -10.01 -6.80
N ASN A 97 7.23 -10.71 -6.12
CA ASN A 97 6.76 -12.01 -6.58
C ASN A 97 5.35 -11.92 -7.13
N ALA A 98 4.93 -10.69 -7.47
CA ALA A 98 3.60 -10.47 -8.01
C ALA A 98 3.50 -10.98 -9.45
N GLY A 99 2.72 -12.05 -9.64
CA GLY A 99 2.56 -12.60 -10.97
C GLY A 99 2.22 -11.56 -12.01
N ASN A 100 3.24 -11.05 -12.68
CA ASN A 100 3.05 -10.03 -13.71
C ASN A 100 1.75 -10.26 -14.46
N PRO A 101 0.97 -9.18 -14.62
CA PRO A 101 1.31 -7.86 -14.09
C PRO A 101 1.26 -7.81 -12.57
N VAL A 102 1.50 -6.62 -12.02
CA VAL A 102 1.48 -6.44 -10.57
C VAL A 102 0.38 -5.47 -10.16
N VAL A 103 -0.79 -6.01 -9.83
CA VAL A 103 -1.93 -5.19 -9.42
C VAL A 103 -1.71 -4.61 -8.03
N PHE A 104 -2.19 -3.40 -7.82
CA PHE A 104 -2.06 -2.73 -6.53
C PHE A 104 -3.40 -2.24 -6.02
N ILE A 105 -3.72 -2.58 -4.78
CA ILE A 105 -4.98 -2.17 -4.17
C ILE A 105 -4.75 -1.28 -2.96
N VAL A 106 -4.68 0.02 -3.20
CA VAL A 106 -4.47 0.98 -2.12
C VAL A 106 -5.62 1.98 -2.03
N GLN A 107 -5.58 2.83 -1.01
CA GLN A 107 -6.63 3.83 -0.81
C GLN A 107 -6.03 5.16 -0.36
N SER A 108 -6.05 6.15 -1.24
CA SER A 108 -5.51 7.46 -0.93
C SER A 108 -6.43 8.23 0.00
N LEU A 109 -5.87 8.76 1.08
CA LEU A 109 -6.64 9.52 2.06
C LEU A 109 -7.29 10.74 1.41
N SER A 110 -8.04 11.49 2.21
CA SER A 110 -8.72 12.69 1.72
C SER A 110 -7.73 13.62 1.02
N SER A 111 -6.44 13.41 1.27
CA SER A 111 -5.39 14.23 0.67
C SER A 111 -5.43 14.12 -0.85
N THR A 112 -4.44 14.73 -1.50
CA THR A 112 -4.35 14.71 -2.95
C THR A 112 -2.91 14.50 -3.41
N PRO A 113 -2.75 13.76 -4.52
CA PRO A 113 -1.43 13.47 -5.09
C PRO A 113 -0.78 14.70 -5.70
N ARG A 114 0.37 14.51 -6.34
CA ARG A 114 1.09 15.61 -6.97
C ARG A 114 1.29 15.34 -8.45
N VAL A 115 1.62 16.38 -9.21
CA VAL A 115 1.83 16.26 -10.64
C VAL A 115 3.30 15.97 -10.95
N ILE A 116 3.56 15.57 -12.18
CA ILE A 116 4.92 15.26 -12.62
C ILE A 116 5.82 16.48 -12.53
N PRO A 117 7.06 16.27 -12.05
CA PRO A 117 8.04 17.35 -11.90
C PRO A 117 8.54 17.87 -13.24
N GLY A 1 -30.53 9.86 28.04
CA GLY A 1 -29.29 10.48 27.60
C GLY A 1 -28.14 9.50 27.57
N SER A 2 -27.04 9.91 26.93
CA SER A 2 -25.86 9.05 26.82
C SER A 2 -24.64 9.87 26.43
N SER A 3 -23.69 9.98 27.36
CA SER A 3 -22.47 10.74 27.12
C SER A 3 -21.67 10.12 25.98
N GLY A 4 -20.78 10.93 25.39
CA GLY A 4 -19.96 10.44 24.29
C GLY A 4 -20.17 11.24 23.02
N SER A 5 -19.47 12.37 22.91
CA SER A 5 -19.59 13.23 21.74
C SER A 5 -18.95 12.56 20.52
N SER A 6 -19.02 13.25 19.38
CA SER A 6 -18.45 12.73 18.14
C SER A 6 -17.07 13.32 17.88
N GLY A 7 -16.75 14.39 18.59
CA GLY A 7 -15.46 15.04 18.43
C GLY A 7 -15.14 15.33 16.98
N PRO A 8 -13.86 15.62 16.69
CA PRO A 8 -13.40 15.94 15.33
C PRO A 8 -13.43 14.71 14.42
N ASN A 9 -13.45 14.96 13.11
CA ASN A 9 -13.48 13.88 12.13
C ASN A 9 -12.09 13.27 11.96
N PHE A 10 -12.00 11.95 12.11
CA PHE A 10 -10.73 11.25 11.98
C PHE A 10 -10.40 11.02 10.50
N SER A 11 -9.28 10.35 10.25
CA SER A 11 -8.85 10.06 8.89
C SER A 11 -10.04 9.82 7.98
N HIS A 12 -9.89 10.14 6.70
CA HIS A 12 -10.95 9.96 5.73
C HIS A 12 -10.46 9.14 4.53
N TRP A 13 -10.30 7.85 4.74
CA TRP A 13 -9.83 6.95 3.68
C TRP A 13 -11.00 6.49 2.81
N GLY A 14 -11.00 6.93 1.55
CA GLY A 14 -12.07 6.55 0.64
C GLY A 14 -11.96 5.12 0.19
N PRO A 15 -12.63 4.79 -0.91
CA PRO A 15 -12.63 3.42 -1.47
C PRO A 15 -11.28 3.05 -2.07
N PRO A 16 -11.03 1.74 -2.20
CA PRO A 16 -9.78 1.22 -2.75
C PRO A 16 -9.64 1.50 -4.24
N ARG A 17 -8.46 1.24 -4.78
CA ARG A 17 -8.20 1.46 -6.21
C ARG A 17 -7.24 0.41 -6.76
N ILE A 18 -7.67 -0.28 -7.80
CA ILE A 18 -6.83 -1.31 -8.42
C ILE A 18 -6.01 -0.73 -9.57
N VAL A 19 -4.72 -1.06 -9.58
CA VAL A 19 -3.82 -0.59 -10.63
C VAL A 19 -2.82 -1.66 -11.03
N GLU A 20 -2.80 -1.98 -12.32
CA GLU A 20 -1.89 -3.00 -12.83
C GLU A 20 -0.54 -2.39 -13.19
N ILE A 21 0.51 -2.86 -12.52
CA ILE A 21 1.86 -2.37 -12.76
C ILE A 21 2.75 -3.44 -13.39
N PHE A 22 3.09 -3.26 -14.65
CA PHE A 22 3.93 -4.21 -15.37
C PHE A 22 5.38 -4.10 -14.91
N ARG A 23 5.88 -5.17 -14.29
CA ARG A 23 7.25 -5.19 -13.80
C ARG A 23 8.23 -4.83 -14.92
N GLU A 24 9.43 -4.40 -14.54
CA GLU A 24 10.45 -4.02 -15.50
C GLU A 24 11.77 -4.74 -15.22
N PRO A 25 12.53 -5.00 -16.28
CA PRO A 25 13.82 -5.70 -16.18
C PRO A 25 14.88 -4.84 -15.50
N ASN A 26 15.63 -4.09 -16.30
CA ASN A 26 16.68 -3.22 -15.77
C ASN A 26 16.18 -2.44 -14.57
N VAL A 27 14.91 -2.02 -14.61
CA VAL A 27 14.32 -1.26 -13.52
C VAL A 27 13.17 -2.04 -12.87
N SER A 28 13.03 -1.89 -11.57
CA SER A 28 11.98 -2.57 -10.83
C SER A 28 10.64 -1.86 -11.01
N LEU A 29 9.74 -2.07 -10.05
CA LEU A 29 8.41 -1.45 -10.11
C LEU A 29 8.49 0.04 -9.80
N GLY A 30 9.51 0.42 -9.03
CA GLY A 30 9.69 1.82 -8.68
C GLY A 30 8.87 2.22 -7.46
N ILE A 31 8.35 1.23 -6.74
CA ILE A 31 7.54 1.49 -5.56
C ILE A 31 8.26 1.01 -4.30
N SER A 32 8.01 1.69 -3.19
CA SER A 32 8.64 1.35 -1.92
C SER A 32 7.59 1.28 -0.80
N ILE A 33 8.01 0.79 0.36
CA ILE A 33 7.12 0.67 1.50
C ILE A 33 7.85 1.00 2.80
N VAL A 34 7.10 1.51 3.77
CA VAL A 34 7.67 1.87 5.07
C VAL A 34 7.30 0.85 6.13
N GLY A 35 7.98 0.91 7.26
CA GLY A 35 7.70 -0.03 8.35
C GLY A 35 7.33 -1.40 7.85
N GLY A 36 6.21 -1.93 8.36
CA GLY A 36 5.76 -3.24 7.95
C GLY A 36 4.89 -3.91 9.00
N GLN A 37 5.54 -4.53 9.98
CA GLN A 37 4.82 -5.21 11.05
C GLN A 37 5.62 -5.19 12.34
N THR A 38 5.08 -4.50 13.35
CA THR A 38 5.76 -4.40 14.65
C THR A 38 5.12 -5.33 15.67
N VAL A 39 5.61 -5.27 16.91
CA VAL A 39 5.09 -6.11 17.97
C VAL A 39 4.27 -5.29 18.96
N ILE A 40 2.97 -5.23 18.73
CA ILE A 40 2.07 -4.48 19.60
C ILE A 40 0.65 -5.03 19.53
N LYS A 41 0.01 -5.18 20.69
CA LYS A 41 -1.35 -5.69 20.77
C LYS A 41 -2.19 -5.19 19.60
N ARG A 42 -3.10 -6.03 19.13
CA ARG A 42 -3.96 -5.67 18.01
C ARG A 42 -5.12 -4.78 18.47
N LEU A 43 -4.77 -3.72 19.19
CA LEU A 43 -5.78 -2.79 19.69
C LEU A 43 -5.86 -1.54 18.83
N LYS A 44 -7.08 -1.13 18.50
CA LYS A 44 -7.29 0.06 17.68
C LYS A 44 -6.72 1.30 18.36
N ASN A 45 -6.07 2.15 17.58
CA ASN A 45 -5.48 3.38 18.10
C ASN A 45 -6.43 4.56 17.91
N GLY A 46 -6.58 5.01 16.67
CA GLY A 46 -7.45 6.13 16.38
C GLY A 46 -7.19 6.74 15.03
N GLU A 47 -6.32 7.75 15.00
CA GLU A 47 -5.97 8.43 13.75
C GLU A 47 -4.96 7.61 12.95
N GLU A 48 -4.48 6.53 13.55
CA GLU A 48 -3.51 5.66 12.88
C GLU A 48 -4.02 4.22 12.82
N LEU A 49 -3.30 3.38 12.09
CA LEU A 49 -3.69 1.98 11.95
C LEU A 49 -2.51 1.14 11.46
N LYS A 50 -2.57 -0.16 11.70
CA LYS A 50 -1.51 -1.08 11.27
C LYS A 50 -1.72 -1.50 9.82
N GLY A 51 -0.62 -1.51 9.06
CA GLY A 51 -0.71 -1.90 7.66
C GLY A 51 0.50 -1.43 6.87
N ILE A 52 0.55 -1.82 5.60
CA ILE A 52 1.65 -1.44 4.72
C ILE A 52 1.34 -0.13 4.00
N PHE A 53 2.24 0.84 4.12
CA PHE A 53 2.06 2.13 3.47
C PHE A 53 3.22 2.43 2.52
N ILE A 54 2.89 2.97 1.35
CA ILE A 54 3.90 3.30 0.36
C ILE A 54 4.98 4.21 0.94
N LYS A 55 6.24 3.86 0.69
CA LYS A 55 7.36 4.63 1.20
C LYS A 55 7.75 5.73 0.21
N GLN A 56 7.88 5.35 -1.06
CA GLN A 56 8.25 6.31 -2.10
C GLN A 56 8.09 5.68 -3.49
N VAL A 57 7.80 6.53 -4.48
CA VAL A 57 7.62 6.05 -5.85
C VAL A 57 8.42 6.91 -6.83
N LEU A 58 9.21 6.24 -7.66
CA LEU A 58 10.03 6.94 -8.65
C LEU A 58 9.18 7.47 -9.79
N GLU A 59 9.82 8.16 -10.74
CA GLU A 59 9.11 8.72 -11.88
C GLU A 59 9.37 7.89 -13.14
N ASP A 60 10.62 7.48 -13.32
CA ASP A 60 11.00 6.69 -14.47
C ASP A 60 10.71 5.21 -14.24
N SER A 61 9.61 4.93 -13.55
CA SER A 61 9.21 3.55 -13.25
C SER A 61 7.79 3.28 -13.74
N PRO A 62 7.41 2.00 -13.73
CA PRO A 62 6.07 1.57 -14.17
C PRO A 62 4.98 2.00 -13.20
N ALA A 63 5.37 2.27 -11.96
CA ALA A 63 4.42 2.70 -10.93
C ALA A 63 4.31 4.21 -10.88
N GLY A 64 5.37 4.90 -11.30
CA GLY A 64 5.37 6.35 -11.30
C GLY A 64 4.64 6.93 -12.49
N LYS A 65 4.54 6.14 -13.56
CA LYS A 65 3.86 6.59 -14.77
C LYS A 65 2.34 6.45 -14.63
N THR A 66 1.91 5.41 -13.93
CA THR A 66 0.49 5.18 -13.71
C THR A 66 -0.14 6.29 -12.88
N ASN A 67 0.71 7.09 -12.24
CA ASN A 67 0.24 8.19 -11.40
C ASN A 67 -0.94 7.76 -10.54
N ALA A 68 -1.05 6.45 -10.31
CA ALA A 68 -2.13 5.92 -9.49
C ALA A 68 -1.61 5.48 -8.12
N LEU A 69 -0.31 5.69 -7.88
CA LEU A 69 0.29 5.33 -6.61
C LEU A 69 1.26 6.41 -6.14
N LYS A 70 1.17 6.76 -4.86
CA LYS A 70 2.04 7.78 -4.28
C LYS A 70 2.40 7.43 -2.85
N THR A 71 3.51 7.99 -2.36
CA THR A 71 3.97 7.73 -1.01
C THR A 71 2.90 8.11 0.01
N GLY A 72 2.69 7.24 0.99
CA GLY A 72 1.69 7.50 2.02
C GLY A 72 0.49 6.59 1.90
N ASP A 73 0.18 6.19 0.67
CA ASP A 73 -0.96 5.30 0.42
C ASP A 73 -0.91 4.07 1.33
N LYS A 74 -2.02 3.36 1.42
CA LYS A 74 -2.11 2.17 2.25
C LYS A 74 -2.36 0.93 1.39
N ILE A 75 -1.34 0.09 1.28
CA ILE A 75 -1.46 -1.14 0.50
C ILE A 75 -2.20 -2.22 1.27
N LEU A 76 -3.33 -2.67 0.72
CA LEU A 76 -4.14 -3.70 1.36
C LEU A 76 -3.94 -5.04 0.67
N GLU A 77 -3.58 -5.00 -0.61
CA GLU A 77 -3.36 -6.22 -1.38
C GLU A 77 -2.60 -5.91 -2.68
N VAL A 78 -1.85 -6.89 -3.16
CA VAL A 78 -1.08 -6.74 -4.38
C VAL A 78 -1.03 -8.03 -5.19
N SER A 79 -1.42 -7.95 -6.45
CA SER A 79 -1.44 -9.12 -7.32
C SER A 79 -2.34 -10.21 -6.75
N GLY A 80 -3.23 -9.82 -5.84
CA GLY A 80 -4.14 -10.77 -5.24
C GLY A 80 -3.58 -11.41 -3.98
N VAL A 81 -2.79 -10.64 -3.24
CA VAL A 81 -2.18 -11.13 -2.01
C VAL A 81 -2.41 -10.16 -0.86
N ASP A 82 -3.02 -10.66 0.22
CA ASP A 82 -3.30 -9.83 1.39
C ASP A 82 -2.00 -9.40 2.07
N LEU A 83 -1.71 -8.11 1.99
CA LEU A 83 -0.49 -7.57 2.60
C LEU A 83 -0.84 -6.65 3.78
N GLN A 84 -2.13 -6.43 3.98
CA GLN A 84 -2.59 -5.56 5.07
C GLN A 84 -1.80 -5.84 6.34
N ASN A 85 -2.01 -7.02 6.93
CA ASN A 85 -1.31 -7.39 8.15
C ASN A 85 0.00 -8.08 7.84
N ALA A 86 0.58 -7.75 6.69
CA ALA A 86 1.84 -8.34 6.27
C ALA A 86 3.01 -7.41 6.60
N SER A 87 4.07 -7.99 7.17
CA SER A 87 5.25 -7.22 7.54
C SER A 87 5.91 -6.61 6.30
N HIS A 88 7.02 -5.90 6.52
CA HIS A 88 7.74 -5.26 5.43
C HIS A 88 8.20 -6.30 4.42
N SER A 89 8.71 -7.42 4.90
CA SER A 89 9.20 -8.48 4.04
C SER A 89 8.03 -9.27 3.44
N GLU A 90 7.03 -9.56 4.26
CA GLU A 90 5.86 -10.29 3.82
C GLU A 90 5.22 -9.62 2.61
N ALA A 91 5.33 -8.29 2.56
CA ALA A 91 4.75 -7.53 1.45
C ALA A 91 5.78 -7.30 0.35
N VAL A 92 7.03 -7.10 0.75
CA VAL A 92 8.11 -6.87 -0.21
C VAL A 92 8.20 -8.00 -1.22
N GLU A 93 8.07 -9.23 -0.74
CA GLU A 93 8.13 -10.40 -1.60
C GLU A 93 6.91 -10.47 -2.52
N ALA A 94 5.77 -10.00 -2.01
CA ALA A 94 4.54 -10.01 -2.79
C ALA A 94 4.67 -9.13 -4.04
N ILE A 95 5.26 -7.96 -3.86
CA ILE A 95 5.44 -7.03 -4.96
C ILE A 95 6.53 -7.51 -5.92
N LYS A 96 7.56 -8.14 -5.37
CA LYS A 96 8.66 -8.67 -6.17
C LYS A 96 8.28 -10.00 -6.80
N ASN A 97 7.34 -10.71 -6.18
CA ASN A 97 6.90 -12.00 -6.69
C ASN A 97 5.50 -11.89 -7.30
N ALA A 98 5.04 -10.66 -7.48
CA ALA A 98 3.72 -10.42 -8.07
C ALA A 98 3.67 -10.90 -9.51
N GLY A 99 2.86 -11.93 -9.76
CA GLY A 99 2.73 -12.46 -11.11
C GLY A 99 2.41 -11.39 -12.13
N ASN A 100 3.46 -10.84 -12.75
CA ASN A 100 3.28 -9.80 -13.75
C ASN A 100 2.00 -10.03 -14.57
N PRO A 101 1.19 -8.98 -14.71
CA PRO A 101 1.48 -7.67 -14.12
C PRO A 101 1.37 -7.68 -12.60
N VAL A 102 1.64 -6.53 -11.98
CA VAL A 102 1.57 -6.40 -10.53
C VAL A 102 0.46 -5.46 -10.12
N VAL A 103 -0.72 -6.02 -9.86
CA VAL A 103 -1.88 -5.23 -9.44
C VAL A 103 -1.70 -4.70 -8.02
N PHE A 104 -2.13 -3.47 -7.80
CA PHE A 104 -2.02 -2.84 -6.49
C PHE A 104 -3.39 -2.42 -5.97
N ILE A 105 -3.66 -2.72 -4.71
CA ILE A 105 -4.94 -2.36 -4.10
C ILE A 105 -4.73 -1.49 -2.85
N VAL A 106 -4.71 -0.19 -3.06
CA VAL A 106 -4.53 0.75 -1.96
C VAL A 106 -5.70 1.73 -1.88
N GLN A 107 -5.60 2.68 -0.94
CA GLN A 107 -6.64 3.67 -0.76
C GLN A 107 -6.04 5.05 -0.45
N SER A 108 -6.10 5.94 -1.43
CA SER A 108 -5.56 7.29 -1.26
C SER A 108 -6.45 8.12 -0.35
N LEU A 109 -5.82 8.81 0.60
CA LEU A 109 -6.55 9.64 1.55
C LEU A 109 -7.13 10.87 0.86
N SER A 110 -8.00 11.59 1.55
CA SER A 110 -8.63 12.78 1.00
C SER A 110 -7.64 13.58 0.17
N SER A 111 -6.56 14.02 0.82
CA SER A 111 -5.52 14.80 0.14
C SER A 111 -4.69 13.92 -0.78
N THR A 112 -3.80 14.54 -1.55
CA THR A 112 -2.95 13.82 -2.47
C THR A 112 -1.63 14.57 -2.70
N PRO A 113 -0.54 13.79 -2.88
CA PRO A 113 0.79 14.36 -3.11
C PRO A 113 0.92 15.02 -4.47
N ARG A 114 2.15 15.35 -4.86
CA ARG A 114 2.40 15.99 -6.14
C ARG A 114 3.72 15.51 -6.75
N VAL A 115 3.84 15.61 -8.06
CA VAL A 115 5.04 15.18 -8.76
C VAL A 115 5.27 16.01 -10.01
N ILE A 116 6.54 16.21 -10.37
CA ILE A 116 6.89 16.98 -11.56
C ILE A 116 6.10 16.51 -12.77
N PRO A 117 5.86 17.44 -13.72
CA PRO A 117 5.11 17.15 -14.93
C PRO A 117 5.89 16.23 -15.89
N GLY A 1 -27.35 -14.55 26.66
CA GLY A 1 -27.48 -15.32 25.43
C GLY A 1 -27.00 -14.54 24.22
N SER A 2 -26.67 -13.27 24.42
CA SER A 2 -26.21 -12.42 23.33
C SER A 2 -25.10 -11.49 23.81
N SER A 3 -24.42 -10.86 22.86
CA SER A 3 -23.32 -9.94 23.19
C SER A 3 -23.06 -8.98 22.02
N GLY A 4 -23.27 -7.69 22.28
CA GLY A 4 -23.04 -6.69 21.25
C GLY A 4 -21.67 -6.06 21.34
N SER A 5 -21.24 -5.41 20.26
CA SER A 5 -19.94 -4.76 20.22
C SER A 5 -19.88 -3.72 19.11
N SER A 6 -18.93 -2.79 19.22
CA SER A 6 -18.77 -1.73 18.24
C SER A 6 -17.34 -1.22 18.21
N GLY A 7 -17.10 -0.19 17.40
CA GLY A 7 -15.77 0.37 17.31
C GLY A 7 -15.56 1.14 16.01
N PRO A 8 -15.99 2.41 15.99
CA PRO A 8 -15.86 3.27 14.81
C PRO A 8 -14.41 3.65 14.54
N ASN A 9 -14.22 4.68 13.70
CA ASN A 9 -12.89 5.14 13.36
C ASN A 9 -12.84 6.67 13.28
N PHE A 10 -11.69 7.20 12.87
CA PHE A 10 -11.52 8.64 12.75
C PHE A 10 -11.14 9.03 11.33
N SER A 11 -9.96 8.58 10.90
CA SER A 11 -9.48 8.88 9.55
C SER A 11 -10.61 8.80 8.53
N HIS A 12 -10.39 9.41 7.38
CA HIS A 12 -11.39 9.41 6.32
C HIS A 12 -10.84 8.78 5.05
N TRP A 13 -10.60 7.47 5.10
CA TRP A 13 -10.07 6.74 3.96
C TRP A 13 -11.19 6.32 3.01
N GLY A 14 -11.13 6.81 1.77
CA GLY A 14 -12.16 6.47 0.79
C GLY A 14 -11.97 5.08 0.22
N PRO A 15 -12.64 4.81 -0.91
CA PRO A 15 -12.55 3.52 -1.58
C PRO A 15 -11.18 3.27 -2.22
N PRO A 16 -10.76 2.00 -2.26
CA PRO A 16 -9.48 1.61 -2.83
C PRO A 16 -9.44 1.77 -4.35
N ARG A 17 -8.26 1.59 -4.93
CA ARG A 17 -8.10 1.71 -6.38
C ARG A 17 -7.15 0.66 -6.91
N ILE A 18 -7.59 -0.08 -7.92
CA ILE A 18 -6.77 -1.13 -8.51
C ILE A 18 -5.95 -0.59 -9.68
N VAL A 19 -4.65 -0.88 -9.67
CA VAL A 19 -3.75 -0.42 -10.72
C VAL A 19 -2.76 -1.52 -11.11
N GLU A 20 -2.76 -1.86 -12.40
CA GLU A 20 -1.86 -2.90 -12.91
C GLU A 20 -0.49 -2.31 -13.23
N ILE A 21 0.54 -2.78 -12.52
CA ILE A 21 1.90 -2.30 -12.74
C ILE A 21 2.79 -3.42 -13.28
N PHE A 22 3.14 -3.32 -14.56
CA PHE A 22 3.99 -4.31 -15.20
C PHE A 22 5.43 -4.20 -14.71
N ARG A 23 5.96 -5.30 -14.19
CA ARG A 23 7.32 -5.33 -13.67
C ARG A 23 8.33 -5.02 -14.79
N GLU A 24 9.51 -4.56 -14.39
CA GLU A 24 10.55 -4.23 -15.36
C GLU A 24 11.82 -5.02 -15.07
N PRO A 25 12.60 -5.31 -16.13
CA PRO A 25 13.85 -6.06 -16.02
C PRO A 25 14.95 -5.26 -15.32
N ASN A 26 15.73 -4.53 -16.10
CA ASN A 26 16.82 -3.72 -15.55
C ASN A 26 16.33 -2.90 -14.36
N VAL A 27 15.09 -2.43 -14.44
CA VAL A 27 14.51 -1.63 -13.37
C VAL A 27 13.32 -2.35 -12.73
N SER A 28 13.14 -2.13 -11.43
CA SER A 28 12.04 -2.76 -10.70
C SER A 28 10.74 -1.99 -10.92
N LEU A 29 9.75 -2.29 -10.08
CA LEU A 29 8.45 -1.63 -10.17
C LEU A 29 8.58 -0.13 -9.93
N GLY A 30 9.57 0.25 -9.14
CA GLY A 30 9.79 1.65 -8.83
C GLY A 30 8.99 2.13 -7.64
N ILE A 31 8.43 1.17 -6.90
CA ILE A 31 7.63 1.50 -5.72
C ILE A 31 8.32 1.04 -4.44
N SER A 32 8.08 1.76 -3.35
CA SER A 32 8.68 1.43 -2.07
C SER A 32 7.64 1.44 -0.96
N ILE A 33 8.03 0.98 0.23
CA ILE A 33 7.12 0.93 1.36
C ILE A 33 7.84 1.32 2.65
N VAL A 34 7.08 1.83 3.61
CA VAL A 34 7.63 2.25 4.89
C VAL A 34 7.26 1.27 6.00
N GLY A 35 7.85 1.45 7.18
CA GLY A 35 7.57 0.58 8.30
C GLY A 35 7.44 -0.88 7.88
N GLY A 36 6.55 -1.61 8.55
CA GLY A 36 6.36 -3.00 8.23
C GLY A 36 7.08 -3.92 9.20
N GLN A 37 6.33 -4.47 10.16
CA GLN A 37 6.91 -5.37 11.16
C GLN A 37 6.09 -6.66 11.27
N THR A 38 6.77 -7.76 11.53
CA THR A 38 6.11 -9.06 11.66
C THR A 38 6.03 -9.48 13.12
N VAL A 39 4.83 -9.46 13.68
CA VAL A 39 4.62 -9.86 15.06
C VAL A 39 3.14 -9.87 15.42
N ILE A 40 2.76 -10.74 16.35
CA ILE A 40 1.37 -10.84 16.78
C ILE A 40 1.27 -11.35 18.21
N LYS A 41 0.85 -10.47 19.11
CA LYS A 41 0.71 -10.83 20.51
C LYS A 41 -0.49 -10.11 21.14
N ARG A 42 -1.34 -10.88 21.82
CA ARG A 42 -2.52 -10.33 22.46
C ARG A 42 -2.17 -9.71 23.82
N LEU A 43 -1.42 -8.63 23.79
CA LEU A 43 -1.01 -7.94 25.01
C LEU A 43 -2.00 -6.84 25.38
N LYS A 44 -1.98 -5.77 24.60
CA LYS A 44 -2.88 -4.63 24.84
C LYS A 44 -3.49 -4.14 23.54
N ASN A 45 -4.82 -4.10 23.49
CA ASN A 45 -5.53 -3.65 22.30
C ASN A 45 -5.10 -2.23 21.92
N GLY A 46 -5.18 -1.93 20.63
CA GLY A 46 -4.80 -0.61 20.15
C GLY A 46 -3.34 -0.54 19.76
N GLU A 47 -3.06 0.04 18.59
CA GLU A 47 -1.70 0.17 18.10
C GLU A 47 -1.65 1.04 16.86
N GLU A 48 -0.60 1.85 16.74
CA GLU A 48 -0.44 2.74 15.61
C GLU A 48 -0.52 1.97 14.29
N LEU A 49 -0.44 2.69 13.18
CA LEU A 49 -0.52 2.08 11.86
C LEU A 49 0.40 0.86 11.78
N LYS A 50 -0.16 -0.27 11.39
CA LYS A 50 0.61 -1.51 11.26
C LYS A 50 0.63 -1.99 9.82
N GLY A 51 -0.34 -1.53 9.03
CA GLY A 51 -0.40 -1.92 7.63
C GLY A 51 0.79 -1.46 6.84
N ILE A 52 0.76 -1.69 5.53
CA ILE A 52 1.87 -1.30 4.65
C ILE A 52 1.52 -0.04 3.88
N PHE A 53 2.40 0.96 3.94
CA PHE A 53 2.19 2.23 3.25
C PHE A 53 3.34 2.52 2.30
N ILE A 54 3.02 3.12 1.15
CA ILE A 54 4.04 3.46 0.17
C ILE A 54 5.11 4.36 0.76
N LYS A 55 6.37 4.09 0.42
CA LYS A 55 7.48 4.89 0.92
C LYS A 55 7.91 5.93 -0.11
N GLN A 56 8.05 5.51 -1.35
CA GLN A 56 8.45 6.40 -2.43
C GLN A 56 8.28 5.74 -3.79
N VAL A 57 8.01 6.54 -4.81
CA VAL A 57 7.84 6.03 -6.17
C VAL A 57 8.68 6.83 -7.17
N LEU A 58 9.47 6.11 -7.95
CA LEU A 58 10.33 6.75 -8.95
C LEU A 58 9.50 7.27 -10.12
N GLU A 59 10.16 7.95 -11.04
CA GLU A 59 9.48 8.51 -12.21
C GLU A 59 9.71 7.63 -13.44
N ASP A 60 10.94 7.19 -13.62
CA ASP A 60 11.29 6.33 -14.76
C ASP A 60 10.95 4.88 -14.47
N SER A 61 9.82 4.66 -13.80
CA SER A 61 9.39 3.31 -13.46
C SER A 61 7.97 3.06 -13.93
N PRO A 62 7.55 1.78 -13.91
CA PRO A 62 6.20 1.38 -14.33
C PRO A 62 5.12 1.85 -13.36
N ALA A 63 5.53 2.15 -12.14
CA ALA A 63 4.60 2.61 -11.12
C ALA A 63 4.50 4.13 -11.11
N GLY A 64 5.58 4.79 -11.52
CA GLY A 64 5.59 6.24 -11.55
C GLY A 64 4.77 6.81 -12.70
N LYS A 65 4.74 6.09 -13.82
CA LYS A 65 3.98 6.52 -14.99
C LYS A 65 2.48 6.37 -14.74
N THR A 66 2.09 5.30 -14.04
CA THR A 66 0.69 5.05 -13.74
C THR A 66 0.07 6.23 -13.00
N ASN A 67 0.91 7.05 -12.37
CA ASN A 67 0.44 8.20 -11.63
C ASN A 67 -0.81 7.86 -10.84
N ALA A 68 -0.97 6.59 -10.52
CA ALA A 68 -2.13 6.13 -9.75
C ALA A 68 -1.73 5.76 -8.32
N LEU A 69 -0.45 5.90 -8.01
CA LEU A 69 0.06 5.57 -6.68
C LEU A 69 1.12 6.59 -6.24
N LYS A 70 1.09 6.94 -4.96
CA LYS A 70 2.04 7.90 -4.42
C LYS A 70 2.39 7.54 -2.97
N THR A 71 3.57 7.99 -2.53
CA THR A 71 4.01 7.73 -1.17
C THR A 71 2.98 8.18 -0.15
N GLY A 72 2.77 7.36 0.88
CA GLY A 72 1.80 7.69 1.90
C GLY A 72 0.55 6.84 1.83
N ASP A 73 0.26 6.31 0.63
CA ASP A 73 -0.91 5.48 0.44
C ASP A 73 -0.86 4.24 1.33
N LYS A 74 -1.97 3.53 1.42
CA LYS A 74 -2.06 2.33 2.24
C LYS A 74 -2.32 1.10 1.38
N ILE A 75 -1.31 0.24 1.26
CA ILE A 75 -1.43 -0.98 0.47
C ILE A 75 -2.19 -2.05 1.23
N LEU A 76 -3.31 -2.49 0.66
CA LEU A 76 -4.13 -3.52 1.29
C LEU A 76 -3.94 -4.87 0.59
N GLU A 77 -3.53 -4.82 -0.66
CA GLU A 77 -3.31 -6.04 -1.45
C GLU A 77 -2.52 -5.73 -2.71
N VAL A 78 -1.77 -6.72 -3.19
CA VAL A 78 -0.97 -6.56 -4.39
C VAL A 78 -0.94 -7.86 -5.21
N SER A 79 -1.30 -7.76 -6.48
CA SER A 79 -1.31 -8.91 -7.36
C SER A 79 -2.26 -9.98 -6.84
N GLY A 80 -3.15 -9.59 -5.93
CA GLY A 80 -4.11 -10.53 -5.36
C GLY A 80 -3.59 -11.18 -4.09
N VAL A 81 -2.79 -10.45 -3.34
CA VAL A 81 -2.23 -10.97 -2.09
C VAL A 81 -2.47 -10.00 -0.94
N ASP A 82 -3.08 -10.51 0.13
CA ASP A 82 -3.36 -9.69 1.30
C ASP A 82 -2.07 -9.27 2.00
N LEU A 83 -1.77 -7.98 1.96
CA LEU A 83 -0.57 -7.45 2.59
C LEU A 83 -0.93 -6.51 3.74
N GLN A 84 -2.22 -6.37 4.00
CA GLN A 84 -2.69 -5.50 5.07
C GLN A 84 -1.95 -5.79 6.38
N ASN A 85 -2.17 -6.99 6.91
CA ASN A 85 -1.53 -7.39 8.16
C ASN A 85 -0.15 -7.99 7.90
N ALA A 86 0.45 -7.61 6.77
CA ALA A 86 1.77 -8.11 6.40
C ALA A 86 2.86 -7.10 6.76
N SER A 87 4.02 -7.61 7.16
CA SER A 87 5.14 -6.76 7.53
C SER A 87 5.81 -6.17 6.30
N HIS A 88 6.91 -5.45 6.51
CA HIS A 88 7.65 -4.83 5.41
C HIS A 88 8.10 -5.89 4.41
N SER A 89 8.67 -6.98 4.92
CA SER A 89 9.14 -8.06 4.07
C SER A 89 7.98 -8.85 3.49
N GLU A 90 6.98 -9.10 4.33
CA GLU A 90 5.80 -9.86 3.90
C GLU A 90 5.19 -9.26 2.64
N ALA A 91 5.22 -7.93 2.55
CA ALA A 91 4.67 -7.23 1.39
C ALA A 91 5.68 -7.20 0.24
N VAL A 92 6.94 -6.98 0.58
CA VAL A 92 8.01 -6.92 -0.42
C VAL A 92 7.94 -8.13 -1.35
N GLU A 93 8.09 -9.32 -0.79
CA GLU A 93 8.06 -10.55 -1.57
C GLU A 93 6.83 -10.58 -2.48
N ALA A 94 5.71 -10.07 -1.96
CA ALA A 94 4.47 -10.04 -2.73
C ALA A 94 4.59 -9.11 -3.93
N ILE A 95 5.19 -7.95 -3.71
CA ILE A 95 5.37 -6.97 -4.79
C ILE A 95 6.35 -7.48 -5.84
N LYS A 96 7.46 -8.07 -5.37
CA LYS A 96 8.48 -8.61 -6.26
C LYS A 96 8.01 -9.91 -6.91
N ASN A 97 7.21 -10.68 -6.17
CA ASN A 97 6.70 -11.94 -6.67
C ASN A 97 5.25 -11.81 -7.13
N ALA A 98 4.84 -10.58 -7.43
CA ALA A 98 3.49 -10.30 -7.88
C ALA A 98 3.27 -10.81 -9.30
N GLY A 99 2.49 -11.88 -9.44
CA GLY A 99 2.22 -12.45 -10.74
C GLY A 99 1.97 -11.38 -11.80
N ASN A 100 3.03 -10.97 -12.48
CA ASN A 100 2.93 -9.95 -13.51
C ASN A 100 1.65 -10.14 -14.32
N PRO A 101 0.92 -9.02 -14.53
CA PRO A 101 1.31 -7.71 -14.01
C PRO A 101 1.18 -7.62 -12.49
N VAL A 102 1.67 -6.52 -11.93
CA VAL A 102 1.62 -6.33 -10.48
C VAL A 102 0.51 -5.33 -10.11
N VAL A 103 -0.63 -5.86 -9.69
CA VAL A 103 -1.76 -5.03 -9.30
C VAL A 103 -1.56 -4.45 -7.91
N PHE A 104 -2.04 -3.23 -7.71
CA PHE A 104 -1.92 -2.56 -6.41
C PHE A 104 -3.28 -2.09 -5.91
N ILE A 105 -3.62 -2.49 -4.68
CA ILE A 105 -4.89 -2.11 -4.09
C ILE A 105 -4.68 -1.23 -2.86
N VAL A 106 -4.65 0.08 -3.08
CA VAL A 106 -4.46 1.03 -1.99
C VAL A 106 -5.62 2.01 -1.90
N GLN A 107 -5.61 2.84 -0.86
CA GLN A 107 -6.67 3.82 -0.66
C GLN A 107 -6.09 5.14 -0.16
N SER A 108 -6.22 6.18 -0.99
CA SER A 108 -5.71 7.50 -0.64
C SER A 108 -6.69 8.24 0.26
N LEU A 109 -6.16 8.92 1.28
CA LEU A 109 -6.99 9.67 2.22
C LEU A 109 -7.63 10.87 1.52
N SER A 110 -8.54 11.53 2.24
CA SER A 110 -9.23 12.70 1.69
C SER A 110 -8.25 13.65 1.01
N SER A 111 -6.97 13.52 1.37
CA SER A 111 -5.94 14.38 0.79
C SER A 111 -5.99 14.33 -0.74
N THR A 112 -5.04 15.01 -1.37
CA THR A 112 -4.97 15.05 -2.82
C THR A 112 -3.53 15.09 -3.31
N PRO A 113 -3.29 14.49 -4.49
CA PRO A 113 -1.95 14.45 -5.09
C PRO A 113 -1.48 15.82 -5.57
N ARG A 114 -0.45 15.83 -6.41
CA ARG A 114 0.09 17.07 -6.94
C ARG A 114 0.23 17.00 -8.46
N VAL A 115 0.82 18.04 -9.05
CA VAL A 115 1.02 18.09 -10.49
C VAL A 115 2.50 18.26 -10.84
N ILE A 116 2.88 17.77 -12.01
CA ILE A 116 4.25 17.86 -12.46
C ILE A 116 4.42 18.93 -13.55
N PRO A 117 5.65 19.40 -13.74
CA PRO A 117 5.96 20.42 -14.74
C PRO A 117 5.83 19.90 -16.16
N GLY A 1 -27.33 -11.21 27.45
CA GLY A 1 -27.48 -10.34 26.30
C GLY A 1 -26.77 -9.00 26.48
N SER A 2 -25.50 -8.96 26.10
CA SER A 2 -24.71 -7.74 26.23
C SER A 2 -24.40 -7.15 24.86
N SER A 3 -23.72 -6.01 24.85
CA SER A 3 -23.37 -5.33 23.61
C SER A 3 -22.13 -4.46 23.80
N GLY A 4 -21.50 -4.10 22.69
CA GLY A 4 -20.31 -3.27 22.76
C GLY A 4 -20.31 -2.15 21.72
N SER A 5 -19.20 -1.44 21.62
CA SER A 5 -19.09 -0.33 20.67
C SER A 5 -17.67 -0.18 20.18
N SER A 6 -17.50 0.53 19.07
CA SER A 6 -16.18 0.75 18.49
C SER A 6 -15.77 2.21 18.60
N GLY A 7 -16.37 3.05 17.75
CA GLY A 7 -16.06 4.47 17.77
C GLY A 7 -15.46 4.95 16.46
N PRO A 8 -15.78 6.20 16.08
CA PRO A 8 -15.28 6.80 14.84
C PRO A 8 -13.78 7.08 14.89
N ASN A 9 -13.31 7.92 13.97
CA ASN A 9 -11.90 8.27 13.92
C ASN A 9 -11.69 9.55 13.13
N PHE A 10 -10.45 10.04 13.11
CA PHE A 10 -10.12 11.26 12.40
C PHE A 10 -9.86 10.97 10.91
N SER A 11 -8.70 10.40 10.63
CA SER A 11 -8.32 10.07 9.26
C SER A 11 -9.54 9.64 8.45
N HIS A 12 -9.49 9.88 7.15
CA HIS A 12 -10.59 9.53 6.26
C HIS A 12 -10.08 8.81 5.01
N TRP A 13 -10.10 7.49 5.06
CA TRP A 13 -9.64 6.68 3.94
C TRP A 13 -10.79 6.32 3.01
N GLY A 14 -10.78 6.92 1.81
CA GLY A 14 -11.83 6.65 0.84
C GLY A 14 -11.76 5.25 0.27
N PRO A 15 -12.44 5.03 -0.86
CA PRO A 15 -12.47 3.72 -1.53
C PRO A 15 -11.13 3.37 -2.17
N PRO A 16 -10.82 2.08 -2.21
CA PRO A 16 -9.56 1.57 -2.79
C PRO A 16 -9.52 1.74 -4.31
N ARG A 17 -8.36 1.50 -4.90
CA ARG A 17 -8.19 1.62 -6.34
C ARG A 17 -7.22 0.55 -6.86
N ILE A 18 -7.67 -0.21 -7.85
CA ILE A 18 -6.84 -1.25 -8.44
C ILE A 18 -6.06 -0.73 -9.64
N VAL A 19 -4.76 -1.01 -9.66
CA VAL A 19 -3.90 -0.56 -10.74
C VAL A 19 -2.90 -1.65 -11.13
N GLU A 20 -2.81 -1.92 -12.43
CA GLU A 20 -1.88 -2.94 -12.93
C GLU A 20 -0.51 -2.33 -13.22
N ILE A 21 0.51 -2.82 -12.51
CA ILE A 21 1.87 -2.33 -12.70
C ILE A 21 2.80 -3.45 -13.17
N PHE A 22 3.37 -3.28 -14.36
CA PHE A 22 4.28 -4.27 -14.91
C PHE A 22 5.69 -4.09 -14.36
N ARG A 23 6.29 -5.20 -13.92
CA ARG A 23 7.63 -5.15 -13.37
C ARG A 23 8.67 -4.87 -14.46
N GLU A 24 9.77 -4.23 -14.07
CA GLU A 24 10.83 -3.91 -15.01
C GLU A 24 12.15 -4.53 -14.60
N PRO A 25 12.98 -4.89 -15.58
CA PRO A 25 14.29 -5.50 -15.34
C PRO A 25 15.28 -4.52 -14.73
N ASN A 26 16.03 -3.84 -15.59
CA ASN A 26 17.03 -2.88 -15.12
C ASN A 26 16.45 -1.99 -14.02
N VAL A 27 15.18 -1.63 -14.16
CA VAL A 27 14.51 -0.79 -13.17
C VAL A 27 13.39 -1.55 -12.46
N SER A 28 13.24 -1.30 -11.17
CA SER A 28 12.22 -1.96 -10.37
C SER A 28 10.87 -1.28 -10.55
N LEU A 29 9.82 -1.89 -9.99
CA LEU A 29 8.48 -1.34 -10.08
C LEU A 29 8.47 0.15 -9.76
N GLY A 30 9.51 0.60 -9.06
CA GLY A 30 9.61 2.00 -8.70
C GLY A 30 8.86 2.33 -7.42
N ILE A 31 7.95 1.44 -7.03
CA ILE A 31 7.17 1.63 -5.81
C ILE A 31 7.94 1.14 -4.59
N SER A 32 7.70 1.80 -3.45
CA SER A 32 8.37 1.43 -2.20
C SER A 32 7.35 1.25 -1.08
N ILE A 33 7.83 0.73 0.05
CA ILE A 33 6.95 0.52 1.20
C ILE A 33 7.65 0.92 2.50
N VAL A 34 6.85 1.39 3.46
CA VAL A 34 7.39 1.81 4.75
C VAL A 34 7.07 0.80 5.84
N GLY A 35 7.68 0.98 7.00
CA GLY A 35 7.45 0.07 8.12
C GLY A 35 7.23 -1.36 7.66
N GLY A 36 6.32 -2.07 8.33
CA GLY A 36 6.05 -3.44 7.97
C GLY A 36 6.43 -4.41 9.07
N GLN A 37 5.58 -4.50 10.10
CA GLN A 37 5.83 -5.40 11.21
C GLN A 37 4.71 -6.42 11.35
N THR A 38 4.96 -7.45 12.16
CA THR A 38 3.97 -8.50 12.37
C THR A 38 2.91 -8.06 13.37
N VAL A 39 1.95 -8.95 13.65
CA VAL A 39 0.88 -8.66 14.59
C VAL A 39 0.48 -9.90 15.38
N ILE A 40 0.37 -9.74 16.70
CA ILE A 40 0.00 -10.85 17.56
C ILE A 40 -1.51 -10.86 17.81
N LYS A 41 -2.00 -11.99 18.32
CA LYS A 41 -3.43 -12.13 18.60
C LYS A 41 -3.78 -11.55 19.97
N ARG A 42 -4.08 -10.26 20.00
CA ARG A 42 -4.42 -9.58 21.24
C ARG A 42 -5.84 -9.00 21.17
N LEU A 43 -6.29 -8.69 19.95
CA LEU A 43 -7.62 -8.14 19.75
C LEU A 43 -7.82 -6.88 20.60
N LYS A 44 -6.86 -5.97 20.52
CA LYS A 44 -6.93 -4.72 21.29
C LYS A 44 -7.07 -3.52 20.36
N ASN A 45 -6.34 -3.56 19.24
CA ASN A 45 -6.38 -2.47 18.27
C ASN A 45 -7.80 -2.27 17.73
N GLY A 46 -8.04 -1.11 17.15
CA GLY A 46 -9.35 -0.82 16.59
C GLY A 46 -9.56 0.66 16.35
N GLU A 47 -8.97 1.49 17.21
CA GLU A 47 -9.10 2.93 17.09
C GLU A 47 -8.11 3.48 16.07
N GLU A 48 -7.43 2.59 15.36
CA GLU A 48 -6.46 2.98 14.35
C GLU A 48 -6.27 1.89 13.31
N LEU A 49 -5.49 2.18 12.28
CA LEU A 49 -5.24 1.22 11.21
C LEU A 49 -3.74 1.13 10.90
N LYS A 50 -3.30 -0.06 10.52
CA LYS A 50 -1.90 -0.28 10.19
C LYS A 50 -1.76 -1.28 9.05
N GLY A 51 -0.51 -1.61 8.69
CA GLY A 51 -0.27 -2.55 7.63
C GLY A 51 0.88 -2.13 6.74
N ILE A 52 0.62 -2.01 5.43
CA ILE A 52 1.64 -1.62 4.47
C ILE A 52 1.27 -0.32 3.77
N PHE A 53 2.13 0.68 3.88
CA PHE A 53 1.89 1.98 3.26
C PHE A 53 3.02 2.34 2.32
N ILE A 54 2.67 2.79 1.12
CA ILE A 54 3.67 3.18 0.13
C ILE A 54 4.76 4.05 0.75
N LYS A 55 6.00 3.84 0.33
CA LYS A 55 7.13 4.60 0.85
C LYS A 55 7.55 5.68 -0.15
N GLN A 56 7.54 5.33 -1.43
CA GLN A 56 7.93 6.27 -2.47
C GLN A 56 7.80 5.62 -3.85
N VAL A 57 7.52 6.44 -4.86
CA VAL A 57 7.38 5.96 -6.23
C VAL A 57 8.28 6.73 -7.19
N LEU A 58 9.25 6.03 -7.78
CA LEU A 58 10.17 6.66 -8.72
C LEU A 58 9.41 7.37 -9.84
N GLU A 59 10.14 7.75 -10.89
CA GLU A 59 9.54 8.44 -12.02
C GLU A 59 9.65 7.60 -13.29
N ASP A 60 10.88 7.18 -13.61
CA ASP A 60 11.11 6.36 -14.79
C ASP A 60 10.79 4.90 -14.52
N SER A 61 9.68 4.67 -13.82
CA SER A 61 9.26 3.31 -13.50
C SER A 61 7.84 3.04 -13.98
N PRO A 62 7.42 1.77 -13.94
CA PRO A 62 6.09 1.35 -14.37
C PRO A 62 5.00 1.84 -13.41
N ALA A 63 5.41 2.27 -12.22
CA ALA A 63 4.47 2.75 -11.23
C ALA A 63 4.43 4.28 -11.21
N GLY A 64 5.54 4.90 -11.60
CA GLY A 64 5.61 6.34 -11.63
C GLY A 64 4.84 6.95 -12.80
N LYS A 65 4.65 6.16 -13.84
CA LYS A 65 3.93 6.62 -15.02
C LYS A 65 2.42 6.50 -14.82
N THR A 66 2.00 5.42 -14.16
CA THR A 66 0.58 5.19 -13.90
C THR A 66 -0.04 6.36 -13.13
N ASN A 67 0.80 7.12 -12.45
CA ASN A 67 0.35 8.27 -11.68
C ASN A 67 -0.94 7.94 -10.93
N ALA A 68 -1.15 6.65 -10.66
CA ALA A 68 -2.33 6.20 -9.95
C ALA A 68 -1.99 5.76 -8.53
N LEU A 69 -0.74 5.98 -8.14
CA LEU A 69 -0.28 5.61 -6.80
C LEU A 69 0.74 6.62 -6.28
N LYS A 70 0.56 7.01 -5.02
CA LYS A 70 1.47 7.98 -4.39
C LYS A 70 1.96 7.47 -3.04
N THR A 71 3.03 8.05 -2.54
CA THR A 71 3.60 7.66 -1.26
C THR A 71 2.67 8.04 -0.11
N GLY A 72 2.48 7.12 0.81
CA GLY A 72 1.61 7.38 1.96
C GLY A 72 0.35 6.53 1.92
N ASP A 73 -0.05 6.12 0.73
CA ASP A 73 -1.26 5.30 0.57
C ASP A 73 -1.21 4.09 1.51
N LYS A 74 -2.27 3.28 1.47
CA LYS A 74 -2.36 2.10 2.31
C LYS A 74 -2.58 0.84 1.46
N ILE A 75 -1.51 0.09 1.24
CA ILE A 75 -1.60 -1.13 0.46
C ILE A 75 -2.33 -2.23 1.22
N LEU A 76 -3.47 -2.66 0.67
CA LEU A 76 -4.27 -3.71 1.30
C LEU A 76 -4.05 -5.05 0.61
N GLU A 77 -3.63 -4.99 -0.65
CA GLU A 77 -3.39 -6.21 -1.43
C GLU A 77 -2.61 -5.89 -2.70
N VAL A 78 -1.84 -6.86 -3.16
CA VAL A 78 -1.03 -6.69 -4.37
C VAL A 78 -0.96 -7.98 -5.18
N SER A 79 -1.33 -7.90 -6.45
CA SER A 79 -1.32 -9.07 -7.33
C SER A 79 -2.24 -10.15 -6.80
N GLY A 80 -3.13 -9.77 -5.88
CA GLY A 80 -4.06 -10.73 -5.31
C GLY A 80 -3.54 -11.37 -4.05
N VAL A 81 -2.75 -10.61 -3.28
CA VAL A 81 -2.18 -11.12 -2.04
C VAL A 81 -2.43 -10.15 -0.89
N ASP A 82 -3.02 -10.67 0.18
CA ASP A 82 -3.33 -9.85 1.36
C ASP A 82 -2.05 -9.40 2.04
N LEU A 83 -1.75 -8.10 1.95
CA LEU A 83 -0.56 -7.54 2.56
C LEU A 83 -0.92 -6.62 3.72
N GLN A 84 -2.21 -6.36 3.88
CA GLN A 84 -2.69 -5.48 4.94
C GLN A 84 -1.88 -5.67 6.21
N ASN A 85 -2.05 -6.82 6.86
CA ASN A 85 -1.33 -7.13 8.09
C ASN A 85 -0.03 -7.86 7.78
N ALA A 86 0.61 -7.49 6.68
CA ALA A 86 1.87 -8.09 6.27
C ALA A 86 3.05 -7.18 6.58
N SER A 87 4.11 -7.75 7.14
CA SER A 87 5.29 -6.98 7.49
C SER A 87 5.95 -6.41 6.23
N HIS A 88 7.12 -5.78 6.42
CA HIS A 88 7.85 -5.20 5.30
C HIS A 88 8.35 -6.28 4.35
N SER A 89 8.78 -7.40 4.91
CA SER A 89 9.29 -8.51 4.11
C SER A 89 8.14 -9.28 3.45
N GLU A 90 7.08 -9.52 4.21
CA GLU A 90 5.92 -10.25 3.70
C GLU A 90 5.37 -9.57 2.44
N ALA A 91 5.39 -8.24 2.43
CA ALA A 91 4.89 -7.48 1.29
C ALA A 91 5.95 -7.39 0.19
N VAL A 92 7.21 -7.22 0.60
CA VAL A 92 8.30 -7.12 -0.35
C VAL A 92 8.31 -8.30 -1.31
N GLU A 93 8.11 -9.50 -0.78
CA GLU A 93 8.10 -10.71 -1.58
C GLU A 93 6.87 -10.74 -2.49
N ALA A 94 5.76 -10.19 -1.99
CA ALA A 94 4.52 -10.16 -2.76
C ALA A 94 4.67 -9.28 -4.00
N ILE A 95 5.15 -8.06 -3.80
CA ILE A 95 5.34 -7.13 -4.90
C ILE A 95 6.41 -7.63 -5.87
N LYS A 96 7.42 -8.29 -5.33
CA LYS A 96 8.51 -8.82 -6.14
C LYS A 96 8.12 -10.15 -6.78
N ASN A 97 7.22 -10.88 -6.10
CA ASN A 97 6.76 -12.17 -6.60
C ASN A 97 5.34 -12.07 -7.13
N ALA A 98 4.88 -10.84 -7.36
CA ALA A 98 3.53 -10.62 -7.87
C ALA A 98 3.41 -11.06 -9.32
N GLY A 99 2.67 -12.15 -9.55
CA GLY A 99 2.49 -12.65 -10.89
C GLY A 99 2.16 -11.55 -11.89
N ASN A 100 3.18 -11.05 -12.57
CA ASN A 100 2.99 -9.99 -13.55
C ASN A 100 1.72 -10.22 -14.37
N PRO A 101 0.95 -9.15 -14.56
CA PRO A 101 1.28 -7.82 -14.04
C PRO A 101 1.16 -7.75 -12.52
N VAL A 102 1.60 -6.63 -11.94
CA VAL A 102 1.54 -6.44 -10.50
C VAL A 102 0.43 -5.47 -10.12
N VAL A 103 -0.73 -6.02 -9.75
CA VAL A 103 -1.87 -5.20 -9.35
C VAL A 103 -1.69 -4.63 -7.96
N PHE A 104 -2.13 -3.39 -7.77
CA PHE A 104 -2.01 -2.74 -6.47
C PHE A 104 -3.38 -2.27 -5.97
N ILE A 105 -3.70 -2.64 -4.74
CA ILE A 105 -4.98 -2.26 -4.13
C ILE A 105 -4.78 -1.37 -2.92
N VAL A 106 -4.74 -0.06 -3.14
CA VAL A 106 -4.55 0.89 -2.05
C VAL A 106 -5.70 1.89 -1.99
N GLN A 107 -5.70 2.72 -0.96
CA GLN A 107 -6.75 3.72 -0.78
C GLN A 107 -6.15 5.06 -0.37
N SER A 108 -6.30 6.06 -1.23
CA SER A 108 -5.78 7.39 -0.96
C SER A 108 -6.66 8.13 0.04
N LEU A 109 -6.04 8.64 1.09
CA LEU A 109 -6.76 9.37 2.13
C LEU A 109 -7.42 10.63 1.56
N SER A 110 -8.08 11.39 2.42
CA SER A 110 -8.74 12.62 2.00
C SER A 110 -7.95 13.31 0.89
N SER A 111 -8.67 14.03 0.03
CA SER A 111 -8.04 14.74 -1.08
C SER A 111 -6.69 15.33 -0.66
N THR A 112 -5.83 15.56 -1.64
CA THR A 112 -4.50 16.13 -1.37
C THR A 112 -3.94 16.80 -2.61
N PRO A 113 -3.20 17.91 -2.40
CA PRO A 113 -2.58 18.67 -3.49
C PRO A 113 -1.44 17.91 -4.14
N ARG A 114 -1.03 18.36 -5.32
CA ARG A 114 0.06 17.73 -6.06
C ARG A 114 0.40 18.51 -7.32
N VAL A 115 1.64 18.39 -7.77
CA VAL A 115 2.09 19.08 -8.97
C VAL A 115 3.11 18.25 -9.74
N ILE A 116 3.38 18.66 -10.98
CA ILE A 116 4.33 17.95 -11.82
C ILE A 116 5.50 18.84 -12.19
N PRO A 117 6.72 18.28 -12.15
CA PRO A 117 7.95 19.01 -12.49
C PRO A 117 8.04 19.33 -13.97
N GLY A 1 -18.47 -17.86 15.90
CA GLY A 1 -18.90 -16.91 14.89
C GLY A 1 -19.16 -15.54 15.47
N SER A 2 -18.24 -14.61 15.24
CA SER A 2 -18.38 -13.25 15.74
C SER A 2 -19.58 -12.55 15.10
N SER A 3 -20.26 -11.72 15.89
CA SER A 3 -21.42 -10.99 15.40
C SER A 3 -21.28 -9.50 15.66
N GLY A 4 -20.12 -8.94 15.32
CA GLY A 4 -19.87 -7.53 15.53
C GLY A 4 -18.69 -7.02 14.73
N SER A 5 -18.17 -5.86 15.11
CA SER A 5 -17.03 -5.27 14.42
C SER A 5 -16.45 -4.11 15.22
N SER A 6 -15.26 -3.67 14.85
CA SER A 6 -14.59 -2.57 15.53
C SER A 6 -13.82 -1.71 14.54
N GLY A 7 -13.64 -0.44 14.89
CA GLY A 7 -12.93 0.49 14.02
C GLY A 7 -13.28 1.93 14.29
N PRO A 8 -12.78 2.47 15.42
CA PRO A 8 -13.02 3.85 15.81
C PRO A 8 -12.31 4.85 14.90
N ASN A 9 -11.62 4.34 13.88
CA ASN A 9 -10.90 5.18 12.94
C ASN A 9 -11.64 6.50 12.72
N PHE A 10 -10.87 7.56 12.49
CA PHE A 10 -11.45 8.88 12.26
C PHE A 10 -10.98 9.45 10.92
N SER A 11 -9.87 8.92 10.40
CA SER A 11 -9.33 9.38 9.13
C SER A 11 -10.41 9.44 8.06
N HIS A 12 -10.02 9.86 6.86
CA HIS A 12 -10.95 9.97 5.74
C HIS A 12 -10.45 9.18 4.54
N TRP A 13 -10.33 7.88 4.71
CA TRP A 13 -9.86 7.00 3.63
C TRP A 13 -11.03 6.51 2.78
N GLY A 14 -11.05 6.93 1.52
CA GLY A 14 -12.12 6.52 0.63
C GLY A 14 -12.01 5.08 0.21
N PRO A 15 -12.68 4.72 -0.90
CA PRO A 15 -12.66 3.35 -1.42
C PRO A 15 -11.30 2.97 -2.01
N PRO A 16 -11.05 1.67 -2.13
CA PRO A 16 -9.80 1.15 -2.68
C PRO A 16 -9.66 1.40 -4.17
N ARG A 17 -8.43 1.37 -4.66
CA ARG A 17 -8.16 1.61 -6.08
C ARG A 17 -7.21 0.55 -6.63
N ILE A 18 -7.61 -0.07 -7.75
CA ILE A 18 -6.79 -1.09 -8.38
C ILE A 18 -5.93 -0.50 -9.49
N VAL A 19 -4.66 -0.90 -9.53
CA VAL A 19 -3.73 -0.41 -10.54
C VAL A 19 -2.75 -1.50 -10.96
N GLU A 20 -2.78 -1.85 -12.24
CA GLU A 20 -1.89 -2.89 -12.76
C GLU A 20 -0.51 -2.30 -13.06
N ILE A 21 0.52 -2.92 -12.47
CA ILE A 21 1.89 -2.46 -12.68
C ILE A 21 2.76 -3.59 -13.22
N PHE A 22 3.32 -3.38 -14.40
CA PHE A 22 4.18 -4.38 -15.03
C PHE A 22 5.62 -4.25 -14.52
N ARG A 23 6.19 -5.36 -14.08
CA ARG A 23 7.56 -5.38 -13.57
C ARG A 23 8.55 -5.06 -14.68
N GLU A 24 9.66 -4.42 -14.31
CA GLU A 24 10.69 -4.05 -15.27
C GLU A 24 11.99 -4.81 -14.99
N PRO A 25 12.77 -5.07 -16.05
CA PRO A 25 14.05 -5.77 -15.93
C PRO A 25 15.12 -4.93 -15.24
N ASN A 26 15.88 -4.18 -16.03
CA ASN A 26 16.93 -3.33 -15.50
C ASN A 26 16.43 -2.52 -14.31
N VAL A 27 15.17 -2.10 -14.37
CA VAL A 27 14.56 -1.32 -13.29
C VAL A 27 13.41 -2.08 -12.65
N SER A 28 13.26 -1.91 -11.34
CA SER A 28 12.19 -2.58 -10.61
C SER A 28 10.86 -1.86 -10.80
N LEU A 29 9.87 -2.21 -9.97
CA LEU A 29 8.55 -1.60 -10.05
C LEU A 29 8.64 -0.10 -9.78
N GLY A 30 9.65 0.30 -9.03
CA GLY A 30 9.83 1.71 -8.71
C GLY A 30 9.00 2.14 -7.51
N ILE A 31 8.49 1.17 -6.77
CA ILE A 31 7.69 1.46 -5.58
C ILE A 31 8.40 1.01 -4.31
N SER A 32 8.13 1.72 -3.22
CA SER A 32 8.74 1.40 -1.93
C SER A 32 7.70 1.36 -0.83
N ILE A 33 8.09 0.84 0.33
CA ILE A 33 7.19 0.75 1.47
C ILE A 33 7.89 1.14 2.76
N VAL A 34 7.11 1.60 3.74
CA VAL A 34 7.65 2.02 5.02
C VAL A 34 7.31 1.02 6.11
N GLY A 35 8.00 1.13 7.25
CA GLY A 35 7.75 0.22 8.36
C GLY A 35 7.52 -1.21 7.90
N GLY A 36 6.70 -1.94 8.64
CA GLY A 36 6.43 -3.33 8.30
C GLY A 36 7.07 -4.31 9.25
N GLN A 37 6.38 -4.62 10.34
CA GLN A 37 6.89 -5.55 11.34
C GLN A 37 6.20 -6.90 11.23
N THR A 38 6.92 -7.97 11.60
CA THR A 38 6.38 -9.31 11.55
C THR A 38 5.02 -9.40 12.24
N VAL A 39 4.21 -10.36 11.83
CA VAL A 39 2.89 -10.55 12.42
C VAL A 39 2.43 -12.00 12.31
N ILE A 40 2.31 -12.66 13.44
CA ILE A 40 1.87 -14.06 13.47
C ILE A 40 0.43 -14.18 13.93
N LYS A 41 0.20 -13.93 15.22
CA LYS A 41 -1.13 -14.00 15.79
C LYS A 41 -1.69 -12.61 16.08
N ARG A 42 -2.97 -12.55 16.44
CA ARG A 42 -3.62 -11.27 16.73
C ARG A 42 -3.72 -11.05 18.23
N LEU A 43 -2.72 -11.51 18.96
CA LEU A 43 -2.70 -11.38 20.42
C LEU A 43 -2.32 -9.95 20.82
N LYS A 44 -1.15 -9.51 20.39
CA LYS A 44 -0.67 -8.16 20.70
C LYS A 44 -0.98 -7.19 19.56
N ASN A 45 -2.12 -6.53 19.65
CA ASN A 45 -2.53 -5.57 18.63
C ASN A 45 -3.13 -4.32 19.26
N GLY A 46 -3.39 -3.32 18.43
CA GLY A 46 -3.97 -2.08 18.93
C GLY A 46 -2.95 -0.96 19.01
N GLU A 47 -2.63 -0.35 17.88
CA GLU A 47 -1.67 0.74 17.83
C GLU A 47 -1.75 1.47 16.49
N GLU A 48 -0.96 2.55 16.38
CA GLU A 48 -0.94 3.35 15.15
C GLU A 48 -0.89 2.44 13.92
N LEU A 49 -1.12 3.03 12.75
CA LEU A 49 -1.11 2.29 11.50
C LEU A 49 -0.07 1.17 11.55
N LYS A 50 -0.52 -0.06 11.25
CA LYS A 50 0.37 -1.21 11.26
C LYS A 50 0.47 -1.82 9.86
N GLY A 51 -0.46 -1.45 8.98
CA GLY A 51 -0.46 -1.96 7.63
C GLY A 51 0.74 -1.48 6.83
N ILE A 52 0.73 -1.77 5.54
CA ILE A 52 1.82 -1.36 4.65
C ILE A 52 1.47 -0.08 3.90
N PHE A 53 2.41 0.85 3.87
CA PHE A 53 2.20 2.12 3.18
C PHE A 53 3.32 2.37 2.17
N ILE A 54 3.00 3.15 1.13
CA ILE A 54 3.98 3.47 0.10
C ILE A 54 5.05 4.42 0.63
N LYS A 55 6.29 3.95 0.62
CA LYS A 55 7.41 4.76 1.10
C LYS A 55 7.79 5.82 0.08
N GLN A 56 7.94 5.39 -1.17
CA GLN A 56 8.31 6.31 -2.25
C GLN A 56 8.15 5.64 -3.61
N VAL A 57 7.82 6.44 -4.62
CA VAL A 57 7.63 5.93 -5.97
C VAL A 57 8.42 6.76 -6.99
N LEU A 58 9.23 6.08 -7.78
CA LEU A 58 10.03 6.74 -8.80
C LEU A 58 9.17 7.19 -9.98
N GLU A 59 9.70 8.12 -10.78
CA GLU A 59 8.99 8.62 -11.94
C GLU A 59 9.29 7.78 -13.17
N ASP A 60 10.56 7.43 -13.34
CA ASP A 60 10.99 6.63 -14.48
C ASP A 60 10.75 5.14 -14.23
N SER A 61 9.61 4.84 -13.59
CA SER A 61 9.26 3.46 -13.30
C SER A 61 7.84 3.15 -13.76
N PRO A 62 7.48 1.86 -13.73
CA PRO A 62 6.16 1.39 -14.15
C PRO A 62 5.07 1.81 -13.17
N ALA A 63 5.46 2.10 -11.94
CA ALA A 63 4.52 2.51 -10.90
C ALA A 63 4.33 4.02 -10.90
N GLY A 64 5.35 4.74 -11.38
CA GLY A 64 5.29 6.18 -11.42
C GLY A 64 4.44 6.69 -12.58
N LYS A 65 4.56 6.04 -13.73
CA LYS A 65 3.81 6.42 -14.91
C LYS A 65 2.31 6.26 -14.68
N THR A 66 1.93 5.20 -13.96
CA THR A 66 0.54 4.94 -13.66
C THR A 66 -0.12 6.14 -12.98
N ASN A 67 0.69 7.01 -12.42
CA ASN A 67 0.20 8.20 -11.73
C ASN A 67 -1.07 7.88 -10.95
N ALA A 68 -1.20 6.62 -10.54
CA ALA A 68 -2.37 6.18 -9.78
C ALA A 68 -1.97 5.81 -8.34
N LEU A 69 -0.68 5.89 -8.05
CA LEU A 69 -0.18 5.56 -6.73
C LEU A 69 0.87 6.58 -6.27
N LYS A 70 0.72 7.05 -5.03
CA LYS A 70 1.65 8.03 -4.48
C LYS A 70 2.20 7.55 -3.14
N THR A 71 3.17 8.29 -2.60
CA THR A 71 3.78 7.95 -1.33
C THR A 71 2.86 8.32 -0.16
N GLY A 72 2.79 7.45 0.83
CA GLY A 72 1.95 7.70 1.99
C GLY A 72 0.68 6.87 1.97
N ASP A 73 0.34 6.32 0.81
CA ASP A 73 -0.86 5.50 0.67
C ASP A 73 -0.79 4.27 1.57
N LYS A 74 -1.85 3.48 1.56
CA LYS A 74 -1.91 2.27 2.37
C LYS A 74 -2.20 1.05 1.51
N ILE A 75 -1.20 0.21 1.32
CA ILE A 75 -1.34 -0.99 0.52
C ILE A 75 -2.12 -2.06 1.27
N LEU A 76 -3.27 -2.46 0.71
CA LEU A 76 -4.10 -3.48 1.33
C LEU A 76 -3.94 -4.82 0.62
N GLU A 77 -3.52 -4.78 -0.64
CA GLU A 77 -3.33 -5.99 -1.43
C GLU A 77 -2.56 -5.69 -2.71
N VAL A 78 -1.83 -6.69 -3.20
CA VAL A 78 -1.05 -6.53 -4.42
C VAL A 78 -1.02 -7.82 -5.23
N SER A 79 -1.41 -7.74 -6.49
CA SER A 79 -1.43 -8.91 -7.37
C SER A 79 -2.37 -9.97 -6.83
N GLY A 80 -3.25 -9.58 -5.91
CA GLY A 80 -4.19 -10.51 -5.33
C GLY A 80 -3.66 -11.17 -4.06
N VAL A 81 -2.85 -10.42 -3.31
CA VAL A 81 -2.28 -10.93 -2.07
C VAL A 81 -2.49 -9.96 -0.92
N ASP A 82 -3.11 -10.46 0.15
CA ASP A 82 -3.37 -9.64 1.33
C ASP A 82 -2.07 -9.24 2.02
N LEU A 83 -1.74 -7.96 1.95
CA LEU A 83 -0.52 -7.45 2.58
C LEU A 83 -0.85 -6.53 3.75
N GLN A 84 -2.14 -6.33 3.99
CA GLN A 84 -2.58 -5.48 5.09
C GLN A 84 -1.82 -5.81 6.37
N ASN A 85 -2.08 -6.99 6.92
CA ASN A 85 -1.41 -7.42 8.15
C ASN A 85 -0.06 -8.07 7.84
N ALA A 86 0.54 -7.66 6.73
CA ALA A 86 1.83 -8.19 6.32
C ALA A 86 2.96 -7.23 6.70
N SER A 87 4.11 -7.79 7.07
CA SER A 87 5.26 -6.98 7.44
C SER A 87 5.93 -6.37 6.21
N HIS A 88 7.05 -5.69 6.43
CA HIS A 88 7.78 -5.06 5.34
C HIS A 88 8.28 -6.10 4.34
N SER A 89 8.71 -7.24 4.86
CA SER A 89 9.21 -8.32 4.02
C SER A 89 8.06 -9.12 3.41
N GLU A 90 7.04 -9.38 4.21
CA GLU A 90 5.87 -10.14 3.75
C GLU A 90 5.27 -9.50 2.49
N ALA A 91 5.31 -8.17 2.44
CA ALA A 91 4.77 -7.45 1.29
C ALA A 91 5.80 -7.33 0.19
N VAL A 92 7.06 -7.10 0.57
CA VAL A 92 8.14 -6.98 -0.39
C VAL A 92 8.16 -8.14 -1.36
N GLU A 93 8.01 -9.35 -0.83
CA GLU A 93 8.01 -10.55 -1.66
C GLU A 93 6.78 -10.60 -2.57
N ALA A 94 5.68 -10.03 -2.07
CA ALA A 94 4.44 -10.00 -2.83
C ALA A 94 4.59 -9.15 -4.10
N ILE A 95 5.11 -7.94 -3.92
CA ILE A 95 5.30 -7.03 -5.05
C ILE A 95 6.36 -7.56 -6.01
N LYS A 96 7.38 -8.22 -5.46
CA LYS A 96 8.45 -8.78 -6.27
C LYS A 96 8.03 -10.12 -6.87
N ASN A 97 7.13 -10.82 -6.19
CA ASN A 97 6.64 -12.10 -6.67
C ASN A 97 5.22 -11.99 -7.20
N ALA A 98 4.80 -10.77 -7.48
CA ALA A 98 3.46 -10.52 -8.01
C ALA A 98 3.33 -11.03 -9.43
N GLY A 99 2.53 -12.06 -9.62
CA GLY A 99 2.33 -12.63 -10.95
C GLY A 99 2.03 -11.57 -11.98
N ASN A 100 3.05 -11.10 -12.68
CA ASN A 100 2.88 -10.08 -13.70
C ASN A 100 1.56 -10.26 -14.45
N PRO A 101 0.81 -9.16 -14.60
CA PRO A 101 1.22 -7.85 -14.09
C PRO A 101 1.17 -7.79 -12.56
N VAL A 102 1.41 -6.60 -12.02
CA VAL A 102 1.41 -6.40 -10.58
C VAL A 102 0.34 -5.39 -10.16
N VAL A 103 -0.83 -5.91 -9.79
CA VAL A 103 -1.94 -5.05 -9.38
C VAL A 103 -1.70 -4.49 -7.97
N PHE A 104 -2.11 -3.25 -7.76
CA PHE A 104 -1.95 -2.60 -6.46
C PHE A 104 -3.30 -2.09 -5.94
N ILE A 105 -3.60 -2.44 -4.69
CA ILE A 105 -4.86 -2.02 -4.07
C ILE A 105 -4.59 -1.14 -2.85
N VAL A 106 -4.51 0.17 -3.08
CA VAL A 106 -4.28 1.12 -2.00
C VAL A 106 -5.43 2.11 -1.88
N GLN A 107 -5.33 2.99 -0.90
CA GLN A 107 -6.37 3.99 -0.66
C GLN A 107 -5.75 5.35 -0.33
N SER A 108 -5.81 6.27 -1.29
CA SER A 108 -5.25 7.60 -1.11
C SER A 108 -6.22 8.49 -0.34
N LEU A 109 -5.80 8.95 0.84
CA LEU A 109 -6.63 9.81 1.66
C LEU A 109 -7.21 10.96 0.86
N SER A 110 -8.18 11.66 1.44
CA SER A 110 -8.82 12.79 0.77
C SER A 110 -7.80 13.58 -0.05
N SER A 111 -6.55 13.56 0.39
CA SER A 111 -5.48 14.28 -0.30
C SER A 111 -5.61 14.12 -1.81
N THR A 112 -4.92 14.98 -2.55
CA THR A 112 -4.95 14.94 -4.00
C THR A 112 -3.55 14.89 -4.59
N PRO A 113 -3.41 14.23 -5.75
CA PRO A 113 -2.11 14.10 -6.44
C PRO A 113 -1.62 15.43 -7.01
N ARG A 114 -0.66 15.34 -7.91
CA ARG A 114 -0.09 16.53 -8.54
C ARG A 114 0.10 16.32 -10.04
N VAL A 115 0.17 17.42 -10.79
CA VAL A 115 0.36 17.36 -12.22
C VAL A 115 1.84 17.42 -12.58
N ILE A 116 2.12 17.47 -13.89
CA ILE A 116 3.50 17.54 -14.36
C ILE A 116 3.87 18.96 -14.77
N PRO A 117 5.09 19.37 -14.40
CA PRO A 117 5.61 20.71 -14.72
C PRO A 117 5.87 20.89 -16.21
N GLY A 1 -20.53 -9.62 20.30
CA GLY A 1 -21.65 -9.75 19.37
C GLY A 1 -21.81 -8.52 18.50
N SER A 2 -20.85 -8.29 17.61
CA SER A 2 -20.90 -7.14 16.71
C SER A 2 -20.08 -7.41 15.45
N SER A 3 -20.09 -6.45 14.54
CA SER A 3 -19.35 -6.57 13.29
C SER A 3 -17.96 -5.97 13.42
N GLY A 4 -16.99 -6.78 13.83
CA GLY A 4 -15.64 -6.31 13.99
C GLY A 4 -15.45 -5.46 15.23
N SER A 5 -14.36 -4.70 15.28
CA SER A 5 -14.06 -3.85 16.42
C SER A 5 -13.98 -2.39 16.00
N SER A 6 -14.32 -1.49 16.92
CA SER A 6 -14.28 -0.06 16.63
C SER A 6 -12.97 0.55 17.10
N GLY A 7 -12.63 1.71 16.54
CA GLY A 7 -11.39 2.38 16.91
C GLY A 7 -11.53 3.89 16.89
N PRO A 8 -10.81 4.57 17.80
CA PRO A 8 -10.84 6.03 17.91
C PRO A 8 -10.14 6.70 16.72
N ASN A 9 -9.24 5.97 16.08
CA ASN A 9 -8.51 6.49 14.94
C ASN A 9 -9.38 7.43 14.11
N PHE A 10 -8.76 8.46 13.53
CA PHE A 10 -9.48 9.43 12.72
C PHE A 10 -8.78 9.67 11.39
N SER A 11 -9.54 9.64 10.30
CA SER A 11 -8.97 9.85 8.97
C SER A 11 -10.08 9.88 7.92
N HIS A 12 -9.68 10.09 6.67
CA HIS A 12 -10.64 10.14 5.57
C HIS A 12 -10.16 9.30 4.39
N TRP A 13 -10.06 7.99 4.60
CA TRP A 13 -9.61 7.07 3.56
C TRP A 13 -10.78 6.59 2.72
N GLY A 14 -10.82 7.02 1.46
CA GLY A 14 -11.90 6.62 0.58
C GLY A 14 -11.79 5.16 0.16
N PRO A 15 -12.48 4.81 -0.94
CA PRO A 15 -12.47 3.44 -1.47
C PRO A 15 -11.13 3.06 -2.08
N PRO A 16 -10.87 1.75 -2.20
CA PRO A 16 -9.62 1.23 -2.75
C PRO A 16 -9.51 1.48 -4.26
N ARG A 17 -8.31 1.31 -4.80
CA ARG A 17 -8.07 1.52 -6.21
C ARG A 17 -7.15 0.44 -6.78
N ILE A 18 -7.56 -0.16 -7.89
CA ILE A 18 -6.78 -1.20 -8.54
C ILE A 18 -5.95 -0.64 -9.68
N VAL A 19 -4.66 -0.98 -9.70
CA VAL A 19 -3.76 -0.52 -10.74
C VAL A 19 -2.76 -1.60 -11.13
N GLU A 20 -2.74 -1.95 -12.42
CA GLU A 20 -1.84 -2.97 -12.92
C GLU A 20 -0.47 -2.38 -13.23
N ILE A 21 0.53 -2.79 -12.46
CA ILE A 21 1.89 -2.30 -12.65
C ILE A 21 2.81 -3.40 -13.18
N PHE A 22 3.30 -3.22 -14.40
CA PHE A 22 4.19 -4.19 -15.01
C PHE A 22 5.62 -4.06 -14.47
N ARG A 23 6.15 -5.17 -13.97
CA ARG A 23 7.50 -5.18 -13.43
C ARG A 23 8.53 -4.89 -14.50
N GLU A 24 9.64 -4.29 -14.11
CA GLU A 24 10.71 -3.94 -15.05
C GLU A 24 12.01 -4.64 -14.66
N PRO A 25 12.83 -4.96 -15.67
CA PRO A 25 14.12 -5.63 -15.47
C PRO A 25 15.15 -4.72 -14.79
N ASN A 26 15.92 -4.01 -15.60
CA ASN A 26 16.94 -3.10 -15.07
C ASN A 26 16.38 -2.25 -13.94
N VAL A 27 15.12 -1.86 -14.07
CA VAL A 27 14.46 -1.04 -13.05
C VAL A 27 13.31 -1.80 -12.39
N SER A 28 13.13 -1.59 -11.10
CA SER A 28 12.07 -2.24 -10.35
C SER A 28 10.74 -1.55 -10.58
N LEU A 29 9.74 -1.90 -9.76
CA LEU A 29 8.41 -1.31 -9.87
C LEU A 29 8.45 0.17 -9.54
N GLY A 30 9.52 0.61 -8.87
CA GLY A 30 9.65 2.01 -8.51
C GLY A 30 8.93 2.34 -7.22
N ILE A 31 8.02 1.46 -6.80
CA ILE A 31 7.26 1.67 -5.58
C ILE A 31 8.00 1.12 -4.36
N SER A 32 7.83 1.78 -3.23
CA SER A 32 8.50 1.36 -2.00
C SER A 32 7.49 1.27 -0.85
N ILE A 33 7.97 0.83 0.31
CA ILE A 33 7.12 0.70 1.48
C ILE A 33 7.87 1.08 2.76
N VAL A 34 7.14 1.63 3.72
CA VAL A 34 7.74 2.04 4.99
C VAL A 34 7.43 1.03 6.09
N GLY A 35 8.03 1.23 7.25
CA GLY A 35 7.81 0.34 8.38
C GLY A 35 7.62 -1.11 7.94
N GLY A 36 6.48 -1.68 8.30
CA GLY A 36 6.20 -3.05 7.93
C GLY A 36 6.59 -4.05 9.01
N GLN A 37 5.59 -4.53 9.74
CA GLN A 37 5.84 -5.48 10.83
C GLN A 37 4.59 -6.31 11.11
N THR A 38 4.74 -7.31 11.99
CA THR A 38 3.63 -8.18 12.34
C THR A 38 3.88 -8.87 13.68
N VAL A 39 2.81 -9.34 14.31
CA VAL A 39 2.91 -10.03 15.59
C VAL A 39 3.45 -11.44 15.42
N ILE A 40 4.28 -11.87 16.37
CA ILE A 40 4.86 -13.20 16.32
C ILE A 40 4.20 -14.13 17.34
N LYS A 41 4.29 -13.76 18.62
CA LYS A 41 3.71 -14.55 19.69
C LYS A 41 2.38 -15.16 19.26
N ARG A 42 1.98 -16.25 19.90
CA ARG A 42 0.73 -16.92 19.58
C ARG A 42 -0.40 -16.41 20.48
N LEU A 43 -0.81 -15.17 20.26
CA LEU A 43 -1.88 -14.58 21.05
C LEU A 43 -2.87 -13.83 20.16
N LYS A 44 -4.11 -13.69 20.63
CA LYS A 44 -5.14 -13.00 19.88
C LYS A 44 -5.11 -11.50 20.16
N ASN A 45 -4.79 -10.71 19.15
CA ASN A 45 -4.73 -9.26 19.30
C ASN A 45 -4.46 -8.59 17.95
N GLY A 46 -4.62 -7.27 17.92
CA GLY A 46 -4.38 -6.54 16.68
C GLY A 46 -4.07 -5.07 16.94
N GLU A 47 -3.79 -4.34 15.88
CA GLU A 47 -3.47 -2.91 15.99
C GLU A 47 -3.83 -2.17 14.71
N GLU A 48 -3.88 -0.84 14.80
CA GLU A 48 -4.22 -0.01 13.65
C GLU A 48 -2.96 0.60 13.03
N LEU A 49 -3.13 1.25 11.87
CA LEU A 49 -2.01 1.88 11.19
C LEU A 49 -0.73 1.06 11.36
N LYS A 50 -0.82 -0.24 11.12
CA LYS A 50 0.32 -1.13 11.24
C LYS A 50 0.59 -1.86 9.94
N GLY A 51 -0.38 -1.82 9.03
CA GLY A 51 -0.23 -2.49 7.74
C GLY A 51 0.94 -1.95 6.95
N ILE A 52 0.80 -1.92 5.64
CA ILE A 52 1.86 -1.43 4.76
C ILE A 52 1.44 -0.14 4.05
N PHE A 53 2.39 0.76 3.85
CA PHE A 53 2.12 2.03 3.18
C PHE A 53 3.23 2.37 2.20
N ILE A 54 2.86 2.97 1.07
CA ILE A 54 3.83 3.35 0.05
C ILE A 54 4.88 4.29 0.63
N LYS A 55 6.15 3.90 0.52
CA LYS A 55 7.25 4.71 1.02
C LYS A 55 7.62 5.78 0.01
N GLN A 56 7.76 5.39 -1.26
CA GLN A 56 8.12 6.33 -2.31
C GLN A 56 7.95 5.70 -3.68
N VAL A 57 7.62 6.52 -4.68
CA VAL A 57 7.42 6.04 -6.04
C VAL A 57 8.11 6.95 -7.05
N LEU A 58 8.98 6.38 -7.86
CA LEU A 58 9.71 7.14 -8.87
C LEU A 58 8.76 7.60 -9.98
N GLU A 59 9.34 8.16 -11.04
CA GLU A 59 8.55 8.65 -12.17
C GLU A 59 8.87 7.85 -13.43
N ASP A 60 10.14 7.54 -13.63
CA ASP A 60 10.57 6.78 -14.79
C ASP A 60 10.31 5.29 -14.60
N SER A 61 9.52 4.97 -13.58
CA SER A 61 9.19 3.57 -13.28
C SER A 61 7.77 3.24 -13.76
N PRO A 62 7.44 1.94 -13.74
CA PRO A 62 6.12 1.46 -14.17
C PRO A 62 5.02 1.86 -13.19
N ALA A 63 5.42 2.32 -12.01
CA ALA A 63 4.46 2.74 -11.00
C ALA A 63 4.34 4.26 -10.94
N GLY A 64 5.32 4.94 -11.52
CA GLY A 64 5.31 6.39 -11.52
C GLY A 64 4.53 6.96 -12.69
N LYS A 65 4.54 6.25 -13.81
CA LYS A 65 3.83 6.69 -15.00
C LYS A 65 2.32 6.53 -14.82
N THR A 66 1.92 5.45 -14.14
CA THR A 66 0.51 5.19 -13.90
C THR A 66 -0.15 6.35 -13.16
N ASN A 67 0.65 7.13 -12.44
CA ASN A 67 0.13 8.27 -11.69
C ASN A 67 -1.13 7.90 -10.92
N ALA A 68 -1.29 6.61 -10.64
CA ALA A 68 -2.46 6.13 -9.91
C ALA A 68 -2.08 5.73 -8.48
N LEU A 69 -0.81 5.89 -8.15
CA LEU A 69 -0.33 5.56 -6.80
C LEU A 69 0.70 6.57 -6.32
N LYS A 70 0.54 7.01 -5.07
CA LYS A 70 1.46 7.98 -4.49
C LYS A 70 1.98 7.50 -3.14
N THR A 71 2.96 8.21 -2.59
CA THR A 71 3.55 7.85 -1.30
C THR A 71 2.60 8.19 -0.16
N GLY A 72 2.58 7.33 0.86
CA GLY A 72 1.72 7.56 2.01
C GLY A 72 0.48 6.68 1.98
N ASP A 73 0.13 6.20 0.79
CA ASP A 73 -1.05 5.35 0.63
C ASP A 73 -0.95 4.12 1.54
N LYS A 74 -2.02 3.32 1.55
CA LYS A 74 -2.06 2.12 2.38
C LYS A 74 -2.31 0.89 1.51
N ILE A 75 -1.27 0.10 1.29
CA ILE A 75 -1.39 -1.11 0.48
C ILE A 75 -2.18 -2.18 1.22
N LEU A 76 -3.30 -2.59 0.63
CA LEU A 76 -4.15 -3.61 1.22
C LEU A 76 -3.97 -4.95 0.52
N GLU A 77 -3.52 -4.90 -0.73
CA GLU A 77 -3.30 -6.11 -1.52
C GLU A 77 -2.49 -5.80 -2.77
N VAL A 78 -1.74 -6.79 -3.24
CA VAL A 78 -0.93 -6.62 -4.44
C VAL A 78 -0.89 -7.91 -5.26
N SER A 79 -1.26 -7.80 -6.53
CA SER A 79 -1.27 -8.96 -7.43
C SER A 79 -2.23 -10.03 -6.91
N GLY A 80 -3.13 -9.63 -6.02
CA GLY A 80 -4.09 -10.56 -5.47
C GLY A 80 -3.59 -11.23 -4.20
N VAL A 81 -2.79 -10.50 -3.43
CA VAL A 81 -2.25 -11.03 -2.19
C VAL A 81 -2.50 -10.07 -1.02
N ASP A 82 -3.15 -10.58 0.02
CA ASP A 82 -3.46 -9.77 1.19
C ASP A 82 -2.18 -9.38 1.93
N LEU A 83 -1.85 -8.09 1.89
CA LEU A 83 -0.65 -7.59 2.55
C LEU A 83 -1.02 -6.68 3.72
N GLN A 84 -2.31 -6.42 3.88
CA GLN A 84 -2.80 -5.58 4.97
C GLN A 84 -2.02 -5.84 6.25
N ASN A 85 -2.16 -7.04 6.80
CA ASN A 85 -1.47 -7.42 8.02
C ASN A 85 -0.14 -8.08 7.71
N ALA A 86 0.51 -7.62 6.65
CA ALA A 86 1.80 -8.17 6.24
C ALA A 86 2.94 -7.22 6.63
N SER A 87 4.02 -7.79 7.14
CA SER A 87 5.17 -7.00 7.55
C SER A 87 5.87 -6.38 6.34
N HIS A 88 6.99 -5.73 6.58
CA HIS A 88 7.75 -5.09 5.51
C HIS A 88 8.26 -6.13 4.51
N SER A 89 8.65 -7.29 5.01
CA SER A 89 9.15 -8.36 4.15
C SER A 89 7.99 -9.13 3.52
N GLU A 90 6.96 -9.39 4.31
CA GLU A 90 5.79 -10.12 3.82
C GLU A 90 5.22 -9.47 2.57
N ALA A 91 5.27 -8.14 2.54
CA ALA A 91 4.75 -7.38 1.39
C ALA A 91 5.77 -7.36 0.25
N VAL A 92 7.05 -7.17 0.61
CA VAL A 92 8.12 -7.12 -0.38
C VAL A 92 8.08 -8.35 -1.29
N GLU A 93 8.05 -9.53 -0.68
CA GLU A 93 8.02 -10.78 -1.43
C GLU A 93 6.79 -10.83 -2.35
N ALA A 94 5.68 -10.25 -1.88
CA ALA A 94 4.45 -10.23 -2.66
C ALA A 94 4.63 -9.45 -3.96
N ILE A 95 5.25 -8.28 -3.84
CA ILE A 95 5.48 -7.43 -5.00
C ILE A 95 6.49 -8.07 -5.96
N LYS A 96 7.51 -8.70 -5.40
CA LYS A 96 8.54 -9.36 -6.19
C LYS A 96 8.05 -10.71 -6.70
N ASN A 97 7.11 -11.30 -5.99
CA ASN A 97 6.55 -12.60 -6.37
C ASN A 97 5.14 -12.45 -6.94
N ALA A 98 4.81 -11.23 -7.36
CA ALA A 98 3.50 -10.94 -7.92
C ALA A 98 3.44 -11.34 -9.40
N GLY A 99 2.58 -12.30 -9.71
CA GLY A 99 2.45 -12.75 -11.08
C GLY A 99 2.14 -11.62 -12.05
N ASN A 100 3.18 -11.10 -12.69
CA ASN A 100 3.02 -10.00 -13.63
C ASN A 100 1.75 -10.18 -14.46
N PRO A 101 1.00 -9.08 -14.64
CA PRO A 101 1.37 -7.77 -14.08
C PRO A 101 1.24 -7.74 -12.57
N VAL A 102 1.72 -6.65 -11.96
CA VAL A 102 1.65 -6.49 -10.51
C VAL A 102 0.58 -5.48 -10.12
N VAL A 103 -0.60 -5.97 -9.79
CA VAL A 103 -1.72 -5.11 -9.39
C VAL A 103 -1.52 -4.57 -7.98
N PHE A 104 -1.99 -3.35 -7.75
CA PHE A 104 -1.87 -2.72 -6.44
C PHE A 104 -3.23 -2.23 -5.94
N ILE A 105 -3.56 -2.58 -4.71
CA ILE A 105 -4.83 -2.18 -4.11
C ILE A 105 -4.61 -1.30 -2.88
N VAL A 106 -4.51 0.01 -3.09
CA VAL A 106 -4.30 0.95 -2.01
C VAL A 106 -5.46 1.94 -1.91
N GLN A 107 -5.36 2.86 -0.95
CA GLN A 107 -6.39 3.87 -0.75
C GLN A 107 -5.77 5.23 -0.47
N SER A 108 -5.83 6.12 -1.46
CA SER A 108 -5.27 7.47 -1.31
C SER A 108 -6.20 8.35 -0.50
N LEU A 109 -5.70 8.86 0.63
CA LEU A 109 -6.49 9.73 1.49
C LEU A 109 -7.14 10.85 0.69
N SER A 110 -7.99 11.63 1.36
CA SER A 110 -8.69 12.73 0.70
C SER A 110 -7.80 13.38 -0.36
N SER A 111 -6.82 14.14 0.10
CA SER A 111 -5.90 14.83 -0.81
C SER A 111 -4.51 14.20 -0.76
N THR A 112 -3.58 14.77 -1.52
CA THR A 112 -2.21 14.26 -1.55
C THR A 112 -1.27 15.30 -2.16
N PRO A 113 0.03 15.13 -1.89
CA PRO A 113 1.08 16.04 -2.40
C PRO A 113 1.27 15.90 -3.91
N ARG A 114 2.29 16.58 -4.43
CA ARG A 114 2.59 16.54 -5.86
C ARG A 114 4.08 16.57 -6.10
N VAL A 115 4.48 16.48 -7.37
CA VAL A 115 5.89 16.50 -7.73
C VAL A 115 6.11 17.28 -9.03
N ILE A 116 7.37 17.51 -9.36
CA ILE A 116 7.71 18.24 -10.57
C ILE A 116 6.94 17.73 -11.78
N PRO A 117 6.68 18.62 -12.75
CA PRO A 117 5.95 18.27 -13.96
C PRO A 117 6.74 17.35 -14.89
N GLY A 1 -29.45 -1.29 20.77
CA GLY A 1 -29.28 -0.37 19.65
C GLY A 1 -28.44 0.83 20.01
N SER A 2 -27.12 0.68 19.96
CA SER A 2 -26.21 1.76 20.29
C SER A 2 -26.09 2.75 19.13
N SER A 3 -26.25 2.24 17.92
CA SER A 3 -26.16 3.08 16.72
C SER A 3 -25.10 4.16 16.90
N GLY A 4 -23.98 3.80 17.53
CA GLY A 4 -22.92 4.75 17.75
C GLY A 4 -23.09 5.53 19.03
N SER A 5 -22.41 5.10 20.09
CA SER A 5 -22.49 5.76 21.38
C SER A 5 -21.43 6.86 21.51
N SER A 6 -21.68 7.98 20.85
CA SER A 6 -20.74 9.10 20.87
C SER A 6 -19.34 8.65 20.43
N GLY A 7 -19.30 7.70 19.52
CA GLY A 7 -18.03 7.20 19.03
C GLY A 7 -17.12 8.31 18.54
N PRO A 8 -15.80 8.12 18.72
CA PRO A 8 -14.80 9.11 18.29
C PRO A 8 -14.69 9.20 16.77
N ASN A 9 -13.82 10.09 16.30
CA ASN A 9 -13.61 10.28 14.87
C ASN A 9 -12.58 9.29 14.33
N PHE A 10 -12.32 9.37 13.03
CA PHE A 10 -11.35 8.47 12.39
C PHE A 10 -10.99 8.98 11.00
N SER A 11 -9.79 8.64 10.55
CA SER A 11 -9.33 9.06 9.23
C SER A 11 -10.44 8.94 8.19
N HIS A 12 -10.28 9.65 7.07
CA HIS A 12 -11.27 9.62 6.01
C HIS A 12 -10.74 8.88 4.79
N TRP A 13 -10.52 7.58 4.94
CA TRP A 13 -10.01 6.77 3.84
C TRP A 13 -11.14 6.29 2.94
N GLY A 14 -11.21 6.84 1.74
CA GLY A 14 -12.26 6.45 0.80
C GLY A 14 -12.07 5.04 0.27
N PRO A 15 -12.74 4.74 -0.85
CA PRO A 15 -12.66 3.41 -1.48
C PRO A 15 -11.30 3.16 -2.11
N PRO A 16 -10.88 1.88 -2.10
CA PRO A 16 -9.59 1.47 -2.66
C PRO A 16 -9.57 1.56 -4.19
N ARG A 17 -8.37 1.56 -4.76
CA ARG A 17 -8.22 1.65 -6.21
C ARG A 17 -7.26 0.58 -6.72
N ILE A 18 -7.61 -0.05 -7.83
CA ILE A 18 -6.78 -1.09 -8.42
C ILE A 18 -5.94 -0.53 -9.56
N VAL A 19 -4.64 -0.85 -9.54
CA VAL A 19 -3.72 -0.38 -10.57
C VAL A 19 -2.79 -1.50 -11.02
N GLU A 20 -2.84 -1.83 -12.30
CA GLU A 20 -1.99 -2.89 -12.85
C GLU A 20 -0.60 -2.34 -13.21
N ILE A 21 0.40 -2.73 -12.45
CA ILE A 21 1.78 -2.29 -12.69
C ILE A 21 2.64 -3.43 -13.20
N PHE A 22 3.11 -3.30 -14.44
CA PHE A 22 3.96 -4.32 -15.05
C PHE A 22 5.39 -4.22 -14.52
N ARG A 23 5.94 -5.35 -14.11
CA ARG A 23 7.30 -5.40 -13.59
C ARG A 23 8.32 -5.14 -14.70
N GLU A 24 9.42 -4.49 -14.34
CA GLU A 24 10.47 -4.18 -15.31
C GLU A 24 11.73 -4.98 -15.01
N PRO A 25 12.50 -5.28 -16.07
CA PRO A 25 13.75 -6.05 -15.96
C PRO A 25 14.85 -5.26 -15.25
N ASN A 26 15.65 -4.54 -16.04
CA ASN A 26 16.74 -3.74 -15.50
C ASN A 26 16.27 -2.92 -14.30
N VAL A 27 15.03 -2.43 -14.38
CA VAL A 27 14.46 -1.63 -13.30
C VAL A 27 13.27 -2.34 -12.66
N SER A 28 13.13 -2.17 -11.36
CA SER A 28 12.04 -2.80 -10.62
C SER A 28 10.73 -2.04 -10.84
N LEU A 29 9.76 -2.27 -9.96
CA LEU A 29 8.46 -1.60 -10.05
C LEU A 29 8.59 -0.12 -9.78
N GLY A 30 9.59 0.25 -8.99
CA GLY A 30 9.81 1.65 -8.66
C GLY A 30 8.97 2.10 -7.47
N ILE A 31 8.41 1.15 -6.75
CA ILE A 31 7.58 1.45 -5.59
C ILE A 31 8.25 1.00 -4.29
N SER A 32 7.99 1.72 -3.21
CA SER A 32 8.57 1.39 -1.92
C SER A 32 7.49 1.38 -0.83
N ILE A 33 7.87 0.93 0.36
CA ILE A 33 6.95 0.86 1.48
C ILE A 33 7.65 1.22 2.79
N VAL A 34 6.88 1.77 3.73
CA VAL A 34 7.42 2.15 5.02
C VAL A 34 7.00 1.16 6.12
N GLY A 35 7.67 1.24 7.26
CA GLY A 35 7.35 0.36 8.36
C GLY A 35 7.48 -1.12 7.98
N GLY A 36 6.68 -1.96 8.62
CA GLY A 36 6.73 -3.38 8.33
C GLY A 36 7.81 -4.10 9.12
N GLN A 37 7.53 -5.34 9.51
CA GLN A 37 8.49 -6.13 10.28
C GLN A 37 9.07 -5.31 11.42
N THR A 38 8.26 -4.43 11.98
CA THR A 38 8.70 -3.59 13.09
C THR A 38 8.16 -4.10 14.42
N VAL A 39 9.05 -4.55 15.29
CA VAL A 39 8.66 -5.07 16.60
C VAL A 39 9.50 -4.44 17.71
N ILE A 40 8.84 -3.71 18.60
CA ILE A 40 9.52 -3.06 19.70
C ILE A 40 9.06 -3.63 21.04
N LYS A 41 7.78 -3.44 21.36
CA LYS A 41 7.22 -3.94 22.61
C LYS A 41 5.80 -4.46 22.39
N ARG A 42 5.23 -5.03 23.45
CA ARG A 42 3.87 -5.57 23.38
C ARG A 42 2.89 -4.51 22.88
N LEU A 43 2.58 -4.56 21.59
CA LEU A 43 1.64 -3.60 21.00
C LEU A 43 0.24 -4.18 20.91
N LYS A 44 -0.69 -3.58 21.66
CA LYS A 44 -2.07 -4.04 21.67
C LYS A 44 -2.81 -3.59 20.41
N ASN A 45 -4.01 -4.11 20.21
CA ASN A 45 -4.81 -3.76 19.05
C ASN A 45 -5.85 -2.70 19.40
N GLY A 46 -5.74 -1.54 18.77
CA GLY A 46 -6.68 -0.46 19.03
C GLY A 46 -6.10 0.90 18.69
N GLU A 47 -5.74 1.09 17.43
CA GLU A 47 -5.17 2.36 16.98
C GLU A 47 -5.51 2.62 15.52
N GLU A 48 -5.09 3.78 15.02
CA GLU A 48 -5.36 4.15 13.64
C GLU A 48 -5.02 3.01 12.70
N LEU A 49 -5.78 2.90 11.60
CA LEU A 49 -5.57 1.84 10.62
C LEU A 49 -4.07 1.56 10.44
N LYS A 50 -3.70 0.29 10.52
CA LYS A 50 -2.30 -0.11 10.36
C LYS A 50 -2.13 -0.96 9.11
N GLY A 51 -0.89 -1.10 8.67
CA GLY A 51 -0.60 -1.90 7.49
C GLY A 51 0.61 -1.41 6.74
N ILE A 52 0.74 -1.82 5.48
CA ILE A 52 1.87 -1.41 4.64
C ILE A 52 1.51 -0.21 3.78
N PHE A 53 2.21 0.90 4.00
CA PHE A 53 1.97 2.12 3.25
C PHE A 53 3.13 2.41 2.30
N ILE A 54 2.83 3.09 1.19
CA ILE A 54 3.85 3.43 0.21
C ILE A 54 4.91 4.34 0.82
N LYS A 55 6.18 4.02 0.55
CA LYS A 55 7.29 4.80 1.07
C LYS A 55 7.72 5.86 0.06
N GLN A 56 7.89 5.45 -1.19
CA GLN A 56 8.30 6.36 -2.25
C GLN A 56 8.17 5.70 -3.63
N VAL A 57 7.93 6.51 -4.65
CA VAL A 57 7.78 6.01 -6.00
C VAL A 57 8.63 6.81 -6.98
N LEU A 58 9.45 6.09 -7.76
CA LEU A 58 10.32 6.75 -8.74
C LEU A 58 9.51 7.28 -9.92
N GLU A 59 10.20 7.92 -10.85
CA GLU A 59 9.55 8.48 -12.02
C GLU A 59 9.81 7.61 -13.25
N ASP A 60 11.05 7.16 -13.40
CA ASP A 60 11.43 6.32 -14.53
C ASP A 60 11.07 4.86 -14.26
N SER A 61 9.94 4.64 -13.61
CA SER A 61 9.50 3.29 -13.29
C SER A 61 8.08 3.05 -13.79
N PRO A 62 7.65 1.77 -13.77
CA PRO A 62 6.31 1.39 -14.23
C PRO A 62 5.21 1.87 -13.28
N ALA A 63 5.60 2.15 -12.04
CA ALA A 63 4.65 2.63 -11.04
C ALA A 63 4.56 4.15 -11.04
N GLY A 64 5.66 4.79 -11.45
CA GLY A 64 5.69 6.24 -11.48
C GLY A 64 4.95 6.81 -12.68
N LYS A 65 4.88 6.03 -13.75
CA LYS A 65 4.19 6.47 -14.97
C LYS A 65 2.68 6.34 -14.81
N THR A 66 2.24 5.33 -14.07
CA THR A 66 0.82 5.10 -13.84
C THR A 66 0.18 6.30 -13.15
N ASN A 67 1.00 7.10 -12.48
CA ASN A 67 0.51 8.28 -11.78
C ASN A 67 -0.79 7.97 -11.04
N ALA A 68 -0.98 6.70 -10.69
CA ALA A 68 -2.17 6.28 -9.97
C ALA A 68 -1.84 5.92 -8.53
N LEU A 69 -0.56 5.99 -8.18
CA LEU A 69 -0.12 5.68 -6.82
C LEU A 69 0.89 6.71 -6.33
N LYS A 70 0.73 7.13 -5.07
CA LYS A 70 1.62 8.11 -4.47
C LYS A 70 2.05 7.68 -3.07
N THR A 71 3.23 8.13 -2.66
CA THR A 71 3.75 7.79 -1.34
C THR A 71 2.77 8.17 -0.23
N GLY A 72 2.64 7.30 0.76
CA GLY A 72 1.73 7.57 1.87
C GLY A 72 0.49 6.71 1.82
N ASP A 73 0.15 6.24 0.62
CA ASP A 73 -1.03 5.40 0.44
C ASP A 73 -0.96 4.17 1.34
N LYS A 74 -2.10 3.49 1.49
CA LYS A 74 -2.17 2.30 2.33
C LYS A 74 -2.41 1.05 1.48
N ILE A 75 -1.36 0.27 1.25
CA ILE A 75 -1.47 -0.94 0.46
C ILE A 75 -2.19 -2.04 1.23
N LEU A 76 -3.33 -2.47 0.70
CA LEU A 76 -4.13 -3.52 1.33
C LEU A 76 -3.91 -4.86 0.63
N GLU A 77 -3.50 -4.81 -0.62
CA GLU A 77 -3.26 -6.02 -1.41
C GLU A 77 -2.49 -5.71 -2.68
N VAL A 78 -1.76 -6.69 -3.18
CA VAL A 78 -0.97 -6.52 -4.40
C VAL A 78 -0.92 -7.82 -5.21
N SER A 79 -1.29 -7.73 -6.48
CA SER A 79 -1.28 -8.88 -7.36
C SER A 79 -2.21 -9.97 -6.82
N GLY A 80 -3.09 -9.59 -5.90
CA GLY A 80 -4.01 -10.54 -5.32
C GLY A 80 -3.47 -11.19 -4.05
N VAL A 81 -2.68 -10.44 -3.30
CA VAL A 81 -2.10 -10.94 -2.06
C VAL A 81 -2.33 -9.97 -0.91
N ASP A 82 -2.88 -10.49 0.19
CA ASP A 82 -3.15 -9.67 1.36
C ASP A 82 -1.85 -9.24 2.03
N LEU A 83 -1.59 -7.94 2.02
CA LEU A 83 -0.38 -7.39 2.64
C LEU A 83 -0.73 -6.52 3.83
N GLN A 84 -2.02 -6.24 4.01
CA GLN A 84 -2.47 -5.42 5.13
C GLN A 84 -1.65 -5.69 6.38
N ASN A 85 -1.84 -6.88 6.97
CA ASN A 85 -1.10 -7.25 8.17
C ASN A 85 0.18 -7.99 7.82
N ALA A 86 0.82 -7.58 6.73
CA ALA A 86 2.05 -8.20 6.28
C ALA A 86 3.26 -7.32 6.63
N SER A 87 4.31 -7.95 7.15
CA SER A 87 5.52 -7.23 7.51
C SER A 87 6.15 -6.57 6.29
N HIS A 88 7.20 -5.78 6.53
CA HIS A 88 7.90 -5.10 5.45
C HIS A 88 8.39 -6.09 4.40
N SER A 89 8.82 -7.26 4.86
CA SER A 89 9.32 -8.29 3.96
C SER A 89 8.17 -9.07 3.34
N GLU A 90 7.15 -9.37 4.15
CA GLU A 90 6.00 -10.11 3.67
C GLU A 90 5.39 -9.44 2.43
N ALA A 91 5.39 -8.12 2.43
CA ALA A 91 4.84 -7.37 1.30
C ALA A 91 5.88 -7.22 0.19
N VAL A 92 7.13 -6.99 0.58
CA VAL A 92 8.21 -6.83 -0.39
C VAL A 92 8.23 -7.97 -1.39
N GLU A 93 8.17 -9.20 -0.88
CA GLU A 93 8.18 -10.39 -1.73
C GLU A 93 6.94 -10.43 -2.61
N ALA A 94 5.83 -9.91 -2.10
CA ALA A 94 4.58 -9.88 -2.84
C ALA A 94 4.68 -9.01 -4.09
N ILE A 95 5.21 -7.81 -3.91
CA ILE A 95 5.37 -6.88 -5.02
C ILE A 95 6.39 -7.39 -6.03
N LYS A 96 7.45 -8.02 -5.52
CA LYS A 96 8.51 -8.56 -6.38
C LYS A 96 8.07 -9.88 -7.00
N ASN A 97 7.22 -10.62 -6.29
CA ASN A 97 6.72 -11.89 -6.77
C ASN A 97 5.27 -11.78 -7.24
N ALA A 98 4.85 -10.56 -7.56
CA ALA A 98 3.49 -10.32 -8.01
C ALA A 98 3.27 -10.89 -9.41
N GLY A 99 2.32 -11.81 -9.52
CA GLY A 99 2.03 -12.42 -10.80
C GLY A 99 1.78 -11.39 -11.89
N ASN A 100 2.83 -10.95 -12.56
CA ASN A 100 2.72 -9.96 -13.61
C ASN A 100 1.42 -10.15 -14.39
N PRO A 101 0.67 -9.05 -14.55
CA PRO A 101 1.07 -7.74 -14.03
C PRO A 101 0.99 -7.68 -12.51
N VAL A 102 1.44 -6.56 -11.95
CA VAL A 102 1.42 -6.38 -10.49
C VAL A 102 0.35 -5.38 -10.08
N VAL A 103 -0.83 -5.90 -9.71
CA VAL A 103 -1.93 -5.05 -9.29
C VAL A 103 -1.68 -4.48 -7.90
N PHE A 104 -2.21 -3.28 -7.66
CA PHE A 104 -2.05 -2.62 -6.38
C PHE A 104 -3.39 -2.12 -5.84
N ILE A 105 -3.73 -2.53 -4.63
CA ILE A 105 -4.99 -2.12 -4.00
C ILE A 105 -4.74 -1.23 -2.81
N VAL A 106 -4.69 0.08 -3.06
CA VAL A 106 -4.46 1.06 -2.01
C VAL A 106 -5.65 2.01 -1.87
N GLN A 107 -5.58 2.91 -0.90
CA GLN A 107 -6.64 3.88 -0.66
C GLN A 107 -6.08 5.24 -0.32
N SER A 108 -6.16 6.17 -1.27
CA SER A 108 -5.65 7.52 -1.08
C SER A 108 -6.57 8.33 -0.17
N LEU A 109 -5.99 8.98 0.83
CA LEU A 109 -6.76 9.79 1.77
C LEU A 109 -7.35 11.02 1.08
N SER A 110 -8.38 11.59 1.69
CA SER A 110 -9.03 12.77 1.13
C SER A 110 -7.99 13.79 0.66
N SER A 111 -7.62 13.70 -0.61
CA SER A 111 -6.64 14.62 -1.19
C SER A 111 -6.77 14.67 -2.70
N THR A 112 -5.95 15.52 -3.33
CA THR A 112 -5.98 15.66 -4.79
C THR A 112 -4.69 15.15 -5.41
N PRO A 113 -4.80 14.55 -6.61
CA PRO A 113 -3.65 14.02 -7.33
C PRO A 113 -2.72 15.11 -7.85
N ARG A 114 -1.85 14.75 -8.79
CA ARG A 114 -0.91 15.70 -9.37
C ARG A 114 -1.08 15.78 -10.88
N VAL A 115 -0.19 16.53 -11.53
CA VAL A 115 -0.24 16.69 -12.97
C VAL A 115 0.86 15.91 -13.66
N ILE A 116 0.74 15.72 -14.97
CA ILE A 116 1.73 14.98 -15.74
C ILE A 116 2.35 15.86 -16.82
N PRO A 117 3.55 15.48 -17.28
CA PRO A 117 4.27 16.21 -18.32
C PRO A 117 3.60 16.11 -19.68
N GLY A 1 -33.47 -3.41 21.49
CA GLY A 1 -32.36 -4.00 20.77
C GLY A 1 -31.08 -3.20 20.91
N SER A 2 -31.03 -2.05 20.25
CA SER A 2 -29.85 -1.19 20.31
C SER A 2 -30.20 0.23 19.86
N SER A 3 -29.45 1.20 20.39
CA SER A 3 -29.68 2.61 20.05
C SER A 3 -28.36 3.36 19.94
N GLY A 4 -28.21 4.12 18.86
CA GLY A 4 -26.99 4.87 18.65
C GLY A 4 -25.90 4.05 18.01
N SER A 5 -24.95 3.60 18.82
CA SER A 5 -23.84 2.80 18.32
C SER A 5 -23.25 3.40 17.05
N SER A 6 -23.05 4.72 17.07
CA SER A 6 -22.49 5.42 15.93
C SER A 6 -21.02 5.07 15.73
N GLY A 7 -20.21 5.35 16.74
CA GLY A 7 -18.79 5.06 16.66
C GLY A 7 -17.93 6.31 16.62
N PRO A 8 -16.64 6.16 16.95
CA PRO A 8 -15.70 7.28 16.98
C PRO A 8 -15.39 7.80 15.57
N ASN A 9 -14.60 8.86 15.50
CA ASN A 9 -14.23 9.46 14.22
C ASN A 9 -12.79 9.11 13.86
N PHE A 10 -12.55 8.90 12.57
CA PHE A 10 -11.21 8.57 12.09
C PHE A 10 -10.91 9.27 10.77
N SER A 11 -9.76 8.94 10.18
CA SER A 11 -9.35 9.55 8.92
C SER A 11 -10.49 9.48 7.90
N HIS A 12 -10.23 10.02 6.71
CA HIS A 12 -11.23 10.02 5.64
C HIS A 12 -10.75 9.21 4.45
N TRP A 13 -10.40 7.95 4.70
CA TRP A 13 -9.93 7.08 3.64
C TRP A 13 -11.08 6.61 2.75
N GLY A 14 -11.02 6.97 1.47
CA GLY A 14 -12.06 6.58 0.54
C GLY A 14 -11.92 5.15 0.07
N PRO A 15 -12.58 4.82 -1.05
CA PRO A 15 -12.54 3.47 -1.62
C PRO A 15 -11.17 3.13 -2.21
N PRO A 16 -10.90 1.82 -2.34
CA PRO A 16 -9.63 1.34 -2.90
C PRO A 16 -9.49 1.62 -4.39
N ARG A 17 -8.27 1.53 -4.90
CA ARG A 17 -8.00 1.79 -6.31
C ARG A 17 -7.07 0.73 -6.88
N ILE A 18 -7.58 -0.09 -7.78
CA ILE A 18 -6.79 -1.14 -8.41
C ILE A 18 -5.99 -0.60 -9.58
N VAL A 19 -4.69 -0.91 -9.60
CA VAL A 19 -3.81 -0.45 -10.66
C VAL A 19 -2.83 -1.54 -11.06
N GLU A 20 -2.83 -1.90 -12.35
CA GLU A 20 -1.93 -2.92 -12.87
C GLU A 20 -0.56 -2.35 -13.18
N ILE A 21 0.46 -2.87 -12.50
CA ILE A 21 1.82 -2.40 -12.71
C ILE A 21 2.72 -3.53 -13.23
N PHE A 22 3.25 -3.35 -14.44
CA PHE A 22 4.11 -4.34 -15.05
C PHE A 22 5.55 -4.20 -14.54
N ARG A 23 6.13 -5.30 -14.09
CA ARG A 23 7.49 -5.30 -13.58
C ARG A 23 8.49 -4.98 -14.69
N GLU A 24 9.62 -4.40 -14.31
CA GLU A 24 10.65 -4.04 -15.27
C GLU A 24 11.93 -4.84 -15.02
N PRO A 25 12.71 -5.06 -16.09
CA PRO A 25 13.97 -5.82 -16.02
C PRO A 25 15.05 -5.04 -15.26
N ASN A 26 15.84 -4.26 -16.01
CA ASN A 26 16.92 -3.48 -15.41
C ASN A 26 16.42 -2.71 -14.19
N VAL A 27 15.18 -2.22 -14.28
CA VAL A 27 14.58 -1.47 -13.18
C VAL A 27 13.39 -2.22 -12.58
N SER A 28 13.16 -2.00 -11.29
CA SER A 28 12.06 -2.65 -10.59
C SER A 28 10.75 -1.92 -10.81
N LEU A 29 9.75 -2.24 -10.01
CA LEU A 29 8.44 -1.60 -10.13
C LEU A 29 8.55 -0.11 -9.87
N GLY A 30 9.52 0.29 -9.05
CA GLY A 30 9.70 1.70 -8.74
C GLY A 30 8.88 2.14 -7.54
N ILE A 31 8.37 1.17 -6.80
CA ILE A 31 7.56 1.47 -5.62
C ILE A 31 8.27 1.04 -4.33
N SER A 32 8.02 1.75 -3.25
CA SER A 32 8.63 1.44 -1.97
C SER A 32 7.58 1.41 -0.86
N ILE A 33 8.00 0.97 0.33
CA ILE A 33 7.10 0.89 1.47
C ILE A 33 7.82 1.25 2.76
N VAL A 34 7.09 1.82 3.71
CA VAL A 34 7.66 2.21 5.00
C VAL A 34 7.30 1.20 6.08
N GLY A 35 7.95 1.30 7.23
CA GLY A 35 7.68 0.41 8.34
C GLY A 35 7.67 -1.05 7.91
N GLY A 36 6.67 -1.79 8.36
CA GLY A 36 6.58 -3.20 8.01
C GLY A 36 7.18 -4.10 9.07
N GLN A 37 6.32 -4.62 9.95
CA GLN A 37 6.78 -5.50 11.03
C GLN A 37 5.67 -6.45 11.45
N THR A 38 5.94 -7.25 12.48
CA THR A 38 4.97 -8.21 12.99
C THR A 38 3.60 -7.56 13.15
N VAL A 39 2.60 -8.37 13.48
CA VAL A 39 1.24 -7.88 13.68
C VAL A 39 0.67 -8.35 15.00
N ILE A 40 -0.08 -7.47 15.67
CA ILE A 40 -0.69 -7.81 16.95
C ILE A 40 -2.21 -7.71 16.88
N LYS A 41 -2.87 -7.99 18.00
CA LYS A 41 -4.33 -7.94 18.06
C LYS A 41 -4.79 -7.06 19.21
N ARG A 42 -4.19 -5.88 19.33
CA ARG A 42 -4.54 -4.94 20.39
C ARG A 42 -6.00 -4.51 20.28
N LEU A 43 -6.88 -5.24 20.95
CA LEU A 43 -8.31 -4.94 20.94
C LEU A 43 -8.64 -3.83 21.92
N LYS A 44 -7.78 -2.83 22.00
CA LYS A 44 -7.98 -1.70 22.90
C LYS A 44 -7.80 -0.38 22.17
N ASN A 45 -7.86 0.72 22.92
CA ASN A 45 -7.70 2.05 22.34
C ASN A 45 -6.65 2.04 21.23
N GLY A 46 -6.76 3.00 20.32
CA GLY A 46 -5.81 3.08 19.22
C GLY A 46 -5.91 4.40 18.48
N GLU A 47 -4.82 5.18 18.50
CA GLU A 47 -4.80 6.47 17.83
C GLU A 47 -3.98 6.39 16.55
N GLU A 48 -3.60 5.17 16.16
CA GLU A 48 -2.81 4.96 14.95
C GLU A 48 -3.30 3.73 14.20
N LEU A 49 -2.88 3.60 12.94
CA LEU A 49 -3.28 2.48 12.11
C LEU A 49 -2.09 1.56 11.84
N LYS A 50 -2.39 0.31 11.47
CA LYS A 50 -1.35 -0.67 11.18
C LYS A 50 -1.50 -1.21 9.76
N GLY A 51 -0.37 -1.37 9.07
CA GLY A 51 -0.40 -1.88 7.72
C GLY A 51 0.75 -1.38 6.88
N ILE A 52 0.85 -1.86 5.64
CA ILE A 52 1.92 -1.45 4.74
C ILE A 52 1.53 -0.18 3.98
N PHE A 53 2.38 0.84 4.10
CA PHE A 53 2.13 2.11 3.42
C PHE A 53 3.26 2.45 2.45
N ILE A 54 2.90 3.00 1.31
CA ILE A 54 3.89 3.36 0.29
C ILE A 54 4.96 4.29 0.88
N LYS A 55 6.21 4.03 0.55
CA LYS A 55 7.33 4.83 1.04
C LYS A 55 7.72 5.88 0.01
N GLN A 56 7.87 5.48 -1.24
CA GLN A 56 8.24 6.38 -2.31
C GLN A 56 8.09 5.72 -3.68
N VAL A 57 7.81 6.52 -4.69
CA VAL A 57 7.65 6.01 -6.05
C VAL A 57 8.46 6.82 -7.05
N LEU A 58 9.26 6.12 -7.84
CA LEU A 58 10.11 6.77 -8.84
C LEU A 58 9.27 7.26 -10.02
N GLU A 59 9.90 8.04 -10.90
CA GLU A 59 9.21 8.58 -12.06
C GLU A 59 9.47 7.71 -13.29
N ASP A 60 10.71 7.31 -13.48
CA ASP A 60 11.09 6.47 -14.61
C ASP A 60 10.79 5.00 -14.33
N SER A 61 9.65 4.75 -13.69
CA SER A 61 9.25 3.39 -13.35
C SER A 61 7.83 3.11 -13.82
N PRO A 62 7.44 1.83 -13.81
CA PRO A 62 6.10 1.40 -14.23
C PRO A 62 5.02 1.84 -13.26
N ALA A 63 5.41 2.11 -12.02
CA ALA A 63 4.47 2.54 -10.99
C ALA A 63 4.32 4.06 -10.99
N GLY A 64 5.38 4.76 -11.38
CA GLY A 64 5.34 6.21 -11.43
C GLY A 64 4.47 6.73 -12.54
N LYS A 65 4.52 6.06 -13.69
CA LYS A 65 3.71 6.47 -14.85
C LYS A 65 2.23 6.32 -14.56
N THR A 66 1.87 5.24 -13.87
CA THR A 66 0.48 4.98 -13.53
C THR A 66 -0.12 6.13 -12.74
N ASN A 67 0.74 6.95 -12.14
CA ASN A 67 0.30 8.09 -11.37
C ASN A 67 -0.95 7.75 -10.55
N ALA A 68 -1.09 6.47 -10.23
CA ALA A 68 -2.24 6.00 -9.44
C ALA A 68 -1.82 5.61 -8.03
N LEU A 69 -0.53 5.80 -7.73
CA LEU A 69 -0.01 5.47 -6.41
C LEU A 69 1.05 6.48 -5.98
N LYS A 70 1.03 6.84 -4.69
CA LYS A 70 1.99 7.79 -4.16
C LYS A 70 2.32 7.46 -2.70
N THR A 71 3.50 7.88 -2.26
CA THR A 71 3.94 7.64 -0.89
C THR A 71 2.85 8.05 0.11
N GLY A 72 2.76 7.32 1.21
CA GLY A 72 1.76 7.62 2.23
C GLY A 72 0.55 6.73 2.13
N ASP A 73 0.23 6.29 0.92
CA ASP A 73 -0.92 5.43 0.70
C ASP A 73 -0.85 4.18 1.57
N LYS A 74 -1.93 3.43 1.61
CA LYS A 74 -1.99 2.20 2.40
C LYS A 74 -2.27 0.99 1.52
N ILE A 75 -1.27 0.14 1.34
CA ILE A 75 -1.42 -1.06 0.53
C ILE A 75 -2.18 -2.14 1.27
N LEU A 76 -3.34 -2.52 0.74
CA LEU A 76 -4.16 -3.55 1.35
C LEU A 76 -3.97 -4.90 0.65
N GLU A 77 -3.59 -4.85 -0.62
CA GLU A 77 -3.37 -6.06 -1.40
C GLU A 77 -2.61 -5.74 -2.69
N VAL A 78 -1.87 -6.72 -3.19
CA VAL A 78 -1.09 -6.56 -4.40
C VAL A 78 -1.04 -7.85 -5.21
N SER A 79 -1.44 -7.76 -6.48
CA SER A 79 -1.44 -8.93 -7.35
C SER A 79 -2.37 -10.02 -6.80
N GLY A 80 -3.23 -9.64 -5.87
CA GLY A 80 -4.16 -10.58 -5.28
C GLY A 80 -3.61 -11.23 -4.02
N VAL A 81 -2.81 -10.47 -3.27
CA VAL A 81 -2.21 -10.97 -2.04
C VAL A 81 -2.44 -10.00 -0.88
N ASP A 82 -3.05 -10.50 0.20
CA ASP A 82 -3.32 -9.68 1.37
C ASP A 82 -2.02 -9.25 2.04
N LEU A 83 -1.72 -7.96 1.97
CA LEU A 83 -0.51 -7.43 2.58
C LEU A 83 -0.85 -6.53 3.76
N GLN A 84 -2.14 -6.26 3.95
CA GLN A 84 -2.59 -5.42 5.05
C GLN A 84 -1.81 -5.71 6.31
N ASN A 85 -1.84 -6.96 6.76
CA ASN A 85 -1.13 -7.37 7.97
C ASN A 85 0.18 -8.07 7.62
N ALA A 86 0.86 -7.56 6.59
CA ALA A 86 2.12 -8.14 6.16
C ALA A 86 3.29 -7.22 6.52
N SER A 87 4.35 -7.80 7.10
CA SER A 87 5.52 -7.03 7.49
C SER A 87 6.16 -6.36 6.27
N HIS A 88 7.30 -5.72 6.50
CA HIS A 88 8.01 -5.04 5.42
C HIS A 88 8.49 -6.03 4.37
N SER A 89 8.82 -7.25 4.81
CA SER A 89 9.29 -8.29 3.91
C SER A 89 8.12 -9.06 3.31
N GLU A 90 7.11 -9.32 4.13
CA GLU A 90 5.93 -10.05 3.68
C GLU A 90 5.33 -9.40 2.44
N ALA A 91 5.38 -8.07 2.38
CA ALA A 91 4.85 -7.34 1.25
C ALA A 91 5.87 -7.22 0.13
N VAL A 92 7.13 -7.02 0.50
CA VAL A 92 8.20 -6.90 -0.47
C VAL A 92 8.21 -8.08 -1.43
N GLU A 93 8.07 -9.28 -0.88
CA GLU A 93 8.06 -10.49 -1.69
C GLU A 93 6.82 -10.54 -2.58
N ALA A 94 5.72 -9.99 -2.08
CA ALA A 94 4.47 -9.98 -2.82
C ALA A 94 4.60 -9.14 -4.09
N ILE A 95 5.08 -7.91 -3.93
CA ILE A 95 5.25 -7.00 -5.06
C ILE A 95 6.29 -7.54 -6.05
N LYS A 96 7.34 -8.15 -5.52
CA LYS A 96 8.40 -8.70 -6.34
C LYS A 96 7.98 -10.05 -6.93
N ASN A 97 7.12 -10.76 -6.22
CA ASN A 97 6.63 -12.06 -6.67
C ASN A 97 5.20 -11.96 -7.18
N ALA A 98 4.78 -10.75 -7.54
CA ALA A 98 3.44 -10.52 -8.04
C ALA A 98 3.29 -11.01 -9.48
N GLY A 99 2.51 -12.06 -9.66
CA GLY A 99 2.30 -12.61 -11.00
C GLY A 99 2.00 -11.53 -12.02
N ASN A 100 3.03 -11.05 -12.70
CA ASN A 100 2.86 -10.02 -13.71
C ASN A 100 1.57 -10.21 -14.48
N PRO A 101 0.80 -9.12 -14.64
CA PRO A 101 1.18 -7.80 -14.12
C PRO A 101 1.11 -7.75 -12.59
N VAL A 102 1.42 -6.59 -12.02
CA VAL A 102 1.40 -6.40 -10.58
C VAL A 102 0.32 -5.41 -10.17
N VAL A 103 -0.86 -5.92 -9.81
CA VAL A 103 -1.97 -5.08 -9.40
C VAL A 103 -1.75 -4.53 -8.00
N PHE A 104 -2.18 -3.29 -7.78
CA PHE A 104 -2.03 -2.64 -6.47
C PHE A 104 -3.38 -2.17 -5.95
N ILE A 105 -3.67 -2.50 -4.70
CA ILE A 105 -4.93 -2.10 -4.07
C ILE A 105 -4.68 -1.23 -2.84
N VAL A 106 -4.61 0.08 -3.06
CA VAL A 106 -4.39 1.02 -1.97
C VAL A 106 -5.54 2.02 -1.87
N GLN A 107 -5.43 2.92 -0.90
CA GLN A 107 -6.46 3.94 -0.70
C GLN A 107 -5.84 5.28 -0.33
N SER A 108 -5.87 6.21 -1.28
CA SER A 108 -5.30 7.54 -1.06
C SER A 108 -6.24 8.41 -0.23
N LEU A 109 -5.69 9.04 0.80
CA LEU A 109 -6.49 9.90 1.67
C LEU A 109 -6.99 11.14 0.91
N SER A 110 -8.04 11.76 1.44
CA SER A 110 -8.61 12.95 0.82
C SER A 110 -7.51 13.92 0.38
N SER A 111 -7.20 13.91 -0.92
CA SER A 111 -6.16 14.77 -1.47
C SER A 111 -6.46 15.10 -2.93
N THR A 112 -5.55 15.87 -3.55
CA THR A 112 -5.71 16.25 -4.94
C THR A 112 -4.52 15.79 -5.77
N PRO A 113 -4.78 15.47 -7.06
CA PRO A 113 -3.75 15.00 -7.98
C PRO A 113 -2.77 16.11 -8.36
N ARG A 114 -2.02 15.90 -9.43
CA ARG A 114 -1.04 16.87 -9.90
C ARG A 114 -1.45 17.44 -11.25
N VAL A 115 -0.57 18.26 -11.82
CA VAL A 115 -0.83 18.87 -13.12
C VAL A 115 -0.38 17.97 -14.26
N ILE A 116 -0.62 18.41 -15.49
CA ILE A 116 -0.23 17.64 -16.66
C ILE A 116 0.86 18.35 -17.46
N PRO A 117 1.60 17.59 -18.28
CA PRO A 117 2.67 18.13 -19.11
C PRO A 117 2.14 19.00 -20.25
N GLY A 1 -15.22 -13.19 8.59
CA GLY A 1 -15.90 -12.16 9.36
C GLY A 1 -15.20 -11.87 10.67
N SER A 2 -13.91 -11.51 10.58
CA SER A 2 -13.12 -11.21 11.77
C SER A 2 -13.12 -9.71 12.05
N SER A 3 -13.97 -8.97 11.33
CA SER A 3 -14.05 -7.53 11.49
C SER A 3 -15.51 -7.08 11.59
N GLY A 4 -15.75 -6.01 12.35
CA GLY A 4 -17.10 -5.51 12.50
C GLY A 4 -17.22 -4.53 13.65
N SER A 5 -16.76 -3.30 13.44
CA SER A 5 -16.82 -2.27 14.46
C SER A 5 -17.18 -0.91 13.86
N SER A 6 -17.28 0.10 14.71
CA SER A 6 -17.62 1.45 14.27
C SER A 6 -16.40 2.35 14.27
N GLY A 7 -16.61 3.62 13.97
CA GLY A 7 -15.51 4.57 13.95
C GLY A 7 -15.92 5.92 13.37
N PRO A 8 -16.52 6.76 14.22
CA PRO A 8 -16.98 8.10 13.82
C PRO A 8 -15.81 9.05 13.54
N ASN A 9 -14.88 9.14 14.49
CA ASN A 9 -13.72 10.01 14.35
C ASN A 9 -12.52 9.23 13.81
N PHE A 10 -12.12 9.56 12.58
CA PHE A 10 -10.99 8.89 11.95
C PHE A 10 -10.64 9.55 10.62
N SER A 11 -9.47 9.22 10.08
CA SER A 11 -9.02 9.78 8.82
C SER A 11 -10.13 9.71 7.77
N HIS A 12 -9.86 10.28 6.60
CA HIS A 12 -10.84 10.29 5.51
C HIS A 12 -10.37 9.41 4.36
N TRP A 13 -10.15 8.12 4.65
CA TRP A 13 -9.70 7.18 3.64
C TRP A 13 -10.87 6.70 2.79
N GLY A 14 -10.84 7.06 1.50
CA GLY A 14 -11.91 6.65 0.60
C GLY A 14 -11.80 5.18 0.19
N PRO A 15 -12.49 4.82 -0.90
CA PRO A 15 -12.48 3.45 -1.41
C PRO A 15 -11.14 3.06 -2.00
N PRO A 16 -10.90 1.75 -2.11
CA PRO A 16 -9.65 1.21 -2.66
C PRO A 16 -9.53 1.45 -4.16
N ARG A 17 -8.29 1.45 -4.66
CA ARG A 17 -8.03 1.67 -6.07
C ARG A 17 -7.12 0.59 -6.64
N ILE A 18 -7.61 -0.12 -7.66
CA ILE A 18 -6.83 -1.18 -8.29
C ILE A 18 -6.06 -0.65 -9.49
N VAL A 19 -4.77 -0.98 -9.55
CA VAL A 19 -3.92 -0.55 -10.65
C VAL A 19 -2.93 -1.64 -11.05
N GLU A 20 -2.91 -1.97 -12.33
CA GLU A 20 -2.01 -3.01 -12.85
C GLU A 20 -0.67 -2.40 -13.23
N ILE A 21 0.38 -2.78 -12.49
CA ILE A 21 1.72 -2.29 -12.76
C ILE A 21 2.62 -3.39 -13.30
N PHE A 22 3.11 -3.21 -14.52
CA PHE A 22 3.97 -4.19 -15.16
C PHE A 22 5.41 -4.02 -14.68
N ARG A 23 6.00 -5.09 -14.17
CA ARG A 23 7.37 -5.07 -13.69
C ARG A 23 8.34 -4.70 -14.81
N GLU A 24 9.53 -4.24 -14.43
CA GLU A 24 10.54 -3.87 -15.41
C GLU A 24 11.85 -4.62 -15.18
N PRO A 25 12.62 -4.84 -16.25
CA PRO A 25 13.89 -5.55 -16.19
C PRO A 25 14.97 -4.75 -15.46
N ASN A 26 15.72 -3.96 -16.21
CA ASN A 26 16.79 -3.14 -15.64
C ASN A 26 16.29 -2.39 -14.40
N VAL A 27 15.04 -1.93 -14.46
CA VAL A 27 14.44 -1.21 -13.35
C VAL A 27 13.29 -1.99 -12.73
N SER A 28 13.13 -1.85 -11.41
CA SER A 28 12.08 -2.55 -10.69
C SER A 28 10.74 -1.84 -10.88
N LEU A 29 9.80 -2.10 -9.96
CA LEU A 29 8.48 -1.49 -10.02
C LEU A 29 8.55 0.00 -9.71
N GLY A 30 9.60 0.40 -9.00
CA GLY A 30 9.76 1.80 -8.64
C GLY A 30 8.92 2.20 -7.45
N ILE A 31 8.39 1.21 -6.74
CA ILE A 31 7.56 1.47 -5.57
C ILE A 31 8.25 1.01 -4.30
N SER A 32 7.97 1.70 -3.20
CA SER A 32 8.57 1.38 -1.91
C SER A 32 7.51 1.33 -0.81
N ILE A 33 7.90 0.80 0.35
CA ILE A 33 6.98 0.71 1.48
C ILE A 33 7.68 1.05 2.79
N VAL A 34 6.92 1.58 3.74
CA VAL A 34 7.47 1.96 5.04
C VAL A 34 7.09 0.95 6.11
N GLY A 35 7.66 1.10 7.30
CA GLY A 35 7.36 0.19 8.39
C GLY A 35 7.27 -1.25 7.93
N GLY A 36 6.22 -1.94 8.38
CA GLY A 36 6.03 -3.32 8.00
C GLY A 36 6.55 -4.29 9.04
N GLN A 37 5.68 -4.70 9.96
CA GLN A 37 6.07 -5.62 11.02
C GLN A 37 4.85 -6.38 11.55
N THR A 38 5.09 -7.36 12.41
CA THR A 38 4.03 -8.16 13.00
C THR A 38 4.19 -8.28 14.51
N VAL A 39 3.12 -8.69 15.18
CA VAL A 39 3.14 -8.84 16.63
C VAL A 39 2.75 -10.26 17.04
N ILE A 40 2.51 -10.46 18.33
CA ILE A 40 2.13 -11.76 18.85
C ILE A 40 1.08 -11.63 19.94
N LYS A 41 1.31 -10.73 20.88
CA LYS A 41 0.37 -10.50 21.97
C LYS A 41 -0.93 -9.91 21.47
N ARG A 42 -2.03 -10.60 21.72
CA ARG A 42 -3.35 -10.15 21.28
C ARG A 42 -3.91 -9.11 22.25
N LEU A 43 -3.48 -9.20 23.51
CA LEU A 43 -3.95 -8.27 24.53
C LEU A 43 -3.13 -6.98 24.50
N LYS A 44 -2.37 -6.79 23.43
CA LYS A 44 -1.55 -5.60 23.28
C LYS A 44 -1.70 -5.00 21.88
N ASN A 45 -2.07 -3.72 21.81
CA ASN A 45 -2.25 -3.04 20.54
C ASN A 45 -1.80 -1.59 20.64
N GLY A 46 -1.53 -0.98 19.49
CA GLY A 46 -1.10 0.41 19.46
C GLY A 46 -2.13 1.32 18.79
N GLU A 47 -3.33 0.80 18.58
CA GLU A 47 -4.39 1.58 17.95
C GLU A 47 -3.83 2.49 16.86
N GLU A 48 -2.85 1.97 16.12
CA GLU A 48 -2.23 2.75 15.04
C GLU A 48 -2.20 1.95 13.74
N LEU A 49 -1.78 2.60 12.67
CA LEU A 49 -1.71 1.95 11.36
C LEU A 49 -0.78 0.74 11.40
N LYS A 50 -1.35 -0.44 11.14
CA LYS A 50 -0.58 -1.67 11.14
C LYS A 50 -0.35 -2.18 9.72
N GLY A 51 -1.15 -1.70 8.79
CA GLY A 51 -1.03 -2.11 7.40
C GLY A 51 0.19 -1.52 6.73
N ILE A 52 0.36 -1.81 5.45
CA ILE A 52 1.50 -1.30 4.69
C ILE A 52 1.16 0.00 3.99
N PHE A 53 2.18 0.83 3.76
CA PHE A 53 1.97 2.11 3.09
C PHE A 53 3.11 2.39 2.11
N ILE A 54 2.80 3.11 1.04
CA ILE A 54 3.79 3.45 0.02
C ILE A 54 4.86 4.39 0.59
N LYS A 55 6.10 3.91 0.63
CA LYS A 55 7.21 4.70 1.14
C LYS A 55 7.61 5.79 0.14
N GLN A 56 7.78 5.40 -1.11
CA GLN A 56 8.16 6.33 -2.16
C GLN A 56 8.03 5.69 -3.54
N VAL A 57 7.73 6.51 -4.54
CA VAL A 57 7.59 6.03 -5.91
C VAL A 57 8.39 6.88 -6.89
N LEU A 58 9.24 6.22 -7.67
CA LEU A 58 10.07 6.91 -8.65
C LEU A 58 9.23 7.43 -9.81
N GLU A 59 9.88 8.12 -10.75
CA GLU A 59 9.19 8.67 -11.91
C GLU A 59 9.47 7.84 -13.15
N ASP A 60 10.73 7.44 -13.30
CA ASP A 60 11.13 6.63 -14.46
C ASP A 60 10.84 5.15 -14.22
N SER A 61 9.73 4.88 -13.54
CA SER A 61 9.34 3.50 -13.25
C SER A 61 7.93 3.22 -13.74
N PRO A 62 7.54 1.94 -13.75
CA PRO A 62 6.22 1.50 -14.19
C PRO A 62 5.11 1.94 -13.23
N ALA A 63 5.49 2.23 -11.98
CA ALA A 63 4.54 2.66 -10.98
C ALA A 63 4.42 4.17 -10.93
N GLY A 64 5.47 4.86 -11.40
CA GLY A 64 5.46 6.31 -11.41
C GLY A 64 4.75 6.88 -12.61
N LYS A 65 4.64 6.08 -13.66
CA LYS A 65 3.98 6.51 -14.89
C LYS A 65 2.46 6.37 -14.76
N THR A 66 2.02 5.36 -14.02
CA THR A 66 0.60 5.12 -13.83
C THR A 66 -0.06 6.29 -13.10
N ASN A 67 0.75 7.09 -12.43
CA ASN A 67 0.26 8.25 -11.69
C ASN A 67 -1.02 7.89 -10.93
N ALA A 68 -1.19 6.60 -10.63
CA ALA A 68 -2.36 6.13 -9.91
C ALA A 68 -2.02 5.81 -8.46
N LEU A 69 -0.74 5.92 -8.11
CA LEU A 69 -0.29 5.64 -6.76
C LEU A 69 0.78 6.65 -6.32
N LYS A 70 0.79 6.96 -5.03
CA LYS A 70 1.75 7.91 -4.48
C LYS A 70 2.09 7.56 -3.04
N THR A 71 3.28 7.97 -2.60
CA THR A 71 3.73 7.70 -1.24
C THR A 71 2.65 8.06 -0.22
N GLY A 72 2.45 7.18 0.76
CA GLY A 72 1.45 7.43 1.77
C GLY A 72 0.27 6.49 1.67
N ASP A 73 -0.04 6.08 0.44
CA ASP A 73 -1.17 5.18 0.20
C ASP A 73 -0.97 3.86 0.94
N LYS A 74 -1.99 3.44 1.68
CA LYS A 74 -1.93 2.20 2.44
C LYS A 74 -2.20 1.00 1.55
N ILE A 75 -1.21 0.12 1.42
CA ILE A 75 -1.35 -1.07 0.60
C ILE A 75 -2.11 -2.17 1.33
N LEU A 76 -3.24 -2.57 0.77
CA LEU A 76 -4.06 -3.62 1.37
C LEU A 76 -3.87 -4.95 0.65
N GLU A 77 -3.43 -4.88 -0.61
CA GLU A 77 -3.21 -6.07 -1.41
C GLU A 77 -2.42 -5.74 -2.67
N VAL A 78 -1.69 -6.73 -3.18
CA VAL A 78 -0.89 -6.54 -4.38
C VAL A 78 -0.83 -7.82 -5.22
N SER A 79 -1.19 -7.71 -6.48
CA SER A 79 -1.20 -8.85 -7.38
C SER A 79 -2.14 -9.94 -6.88
N GLY A 80 -3.01 -9.57 -5.95
CA GLY A 80 -3.96 -10.53 -5.39
C GLY A 80 -3.43 -11.19 -4.14
N VAL A 81 -2.65 -10.46 -3.36
CA VAL A 81 -2.08 -10.99 -2.13
C VAL A 81 -2.32 -10.03 -0.96
N ASP A 82 -2.91 -10.56 0.12
CA ASP A 82 -3.19 -9.75 1.30
C ASP A 82 -1.90 -9.36 2.00
N LEU A 83 -1.61 -8.06 2.02
CA LEU A 83 -0.41 -7.55 2.66
C LEU A 83 -0.75 -6.71 3.88
N GLN A 84 -2.05 -6.53 4.12
CA GLN A 84 -2.51 -5.74 5.26
C GLN A 84 -1.77 -6.14 6.53
N ASN A 85 -2.02 -7.37 7.00
CA ASN A 85 -1.37 -7.86 8.21
C ASN A 85 -0.01 -8.46 7.90
N ALA A 86 0.60 -7.99 6.81
CA ALA A 86 1.90 -8.49 6.39
C ALA A 86 3.01 -7.50 6.76
N SER A 87 4.13 -8.03 7.23
CA SER A 87 5.26 -7.19 7.63
C SER A 87 5.91 -6.54 6.41
N HIS A 88 7.02 -5.85 6.65
CA HIS A 88 7.74 -5.18 5.57
C HIS A 88 8.25 -6.19 4.54
N SER A 89 8.75 -7.32 5.04
CA SER A 89 9.28 -8.37 4.17
C SER A 89 8.15 -9.15 3.52
N GLU A 90 7.10 -9.42 4.29
CA GLU A 90 5.95 -10.16 3.78
C GLU A 90 5.33 -9.46 2.58
N ALA A 91 5.33 -8.12 2.62
CA ALA A 91 4.77 -7.32 1.54
C ALA A 91 5.75 -7.23 0.37
N VAL A 92 7.03 -7.14 0.68
CA VAL A 92 8.07 -7.04 -0.35
C VAL A 92 8.01 -8.23 -1.29
N GLU A 93 8.17 -9.43 -0.74
CA GLU A 93 8.14 -10.64 -1.54
C GLU A 93 6.92 -10.66 -2.45
N ALA A 94 5.83 -10.08 -1.98
CA ALA A 94 4.59 -10.03 -2.76
C ALA A 94 4.78 -9.20 -4.03
N ILE A 95 5.26 -7.98 -3.86
CA ILE A 95 5.49 -7.09 -4.99
C ILE A 95 6.47 -7.70 -5.99
N LYS A 96 7.52 -8.32 -5.47
CA LYS A 96 8.54 -8.95 -6.30
C LYS A 96 8.03 -10.27 -6.87
N ASN A 97 7.17 -10.94 -6.11
CA ASN A 97 6.61 -12.22 -6.53
C ASN A 97 5.18 -12.05 -7.03
N ALA A 98 4.83 -10.83 -7.43
CA ALA A 98 3.50 -10.53 -7.92
C ALA A 98 3.29 -11.13 -9.31
N GLY A 99 2.21 -11.89 -9.48
CA GLY A 99 1.91 -12.50 -10.76
C GLY A 99 1.71 -11.47 -11.86
N ASN A 100 2.79 -11.09 -12.52
CA ASN A 100 2.72 -10.11 -13.61
C ASN A 100 1.41 -10.25 -14.38
N PRO A 101 0.71 -9.11 -14.56
CA PRO A 101 1.16 -7.82 -14.04
C PRO A 101 1.08 -7.74 -12.52
N VAL A 102 1.62 -6.66 -11.96
CA VAL A 102 1.61 -6.46 -10.52
C VAL A 102 0.53 -5.47 -10.11
N VAL A 103 -0.65 -5.98 -9.74
CA VAL A 103 -1.75 -5.14 -9.33
C VAL A 103 -1.51 -4.54 -7.94
N PHE A 104 -2.10 -3.38 -7.69
CA PHE A 104 -1.94 -2.71 -6.41
C PHE A 104 -3.30 -2.25 -5.87
N ILE A 105 -3.56 -2.58 -4.61
CA ILE A 105 -4.82 -2.20 -3.97
C ILE A 105 -4.57 -1.35 -2.73
N VAL A 106 -4.54 -0.03 -2.93
CA VAL A 106 -4.30 0.91 -1.83
C VAL A 106 -5.43 1.94 -1.75
N GLN A 107 -5.32 2.84 -0.78
CA GLN A 107 -6.32 3.88 -0.59
C GLN A 107 -5.66 5.23 -0.31
N SER A 108 -5.70 6.12 -1.31
CA SER A 108 -5.10 7.44 -1.17
C SER A 108 -6.02 8.37 -0.38
N LEU A 109 -5.49 8.96 0.67
CA LEU A 109 -6.27 9.88 1.51
C LEU A 109 -6.76 11.06 0.69
N SER A 110 -7.80 11.74 1.20
CA SER A 110 -8.36 12.89 0.51
C SER A 110 -7.27 13.70 -0.19
N SER A 111 -7.06 13.40 -1.47
CA SER A 111 -6.04 14.09 -2.25
C SER A 111 -6.55 15.44 -2.73
N THR A 112 -5.75 16.11 -3.55
CA THR A 112 -6.12 17.42 -4.07
C THR A 112 -5.66 17.59 -5.52
N PRO A 113 -6.26 18.54 -6.24
CA PRO A 113 -5.93 18.82 -7.64
C PRO A 113 -4.54 19.45 -7.78
N ARG A 114 -4.04 19.48 -9.02
CA ARG A 114 -2.74 20.04 -9.29
C ARG A 114 -2.56 20.31 -10.79
N VAL A 115 -1.54 21.09 -11.14
CA VAL A 115 -1.27 21.42 -12.53
C VAL A 115 -0.11 20.60 -13.07
N ILE A 116 0.02 20.57 -14.39
CA ILE A 116 1.10 19.81 -15.02
C ILE A 116 2.42 20.57 -14.96
N PRO A 117 3.51 19.83 -14.68
CA PRO A 117 4.85 20.41 -14.58
C PRO A 117 5.39 20.87 -15.93
N GLY A 1 -24.40 -10.66 22.57
CA GLY A 1 -23.15 -9.95 22.29
C GLY A 1 -22.88 -8.83 23.28
N SER A 2 -22.07 -7.87 22.86
CA SER A 2 -21.73 -6.74 23.72
C SER A 2 -21.57 -5.46 22.91
N SER A 3 -21.88 -4.33 23.51
CA SER A 3 -21.76 -3.04 22.85
C SER A 3 -20.30 -2.63 22.69
N GLY A 4 -20.07 -1.52 22.01
CA GLY A 4 -18.71 -1.05 21.79
C GLY A 4 -18.61 0.46 21.88
N SER A 5 -17.90 1.06 20.94
CA SER A 5 -17.73 2.51 20.91
C SER A 5 -17.92 3.06 19.49
N SER A 6 -18.20 4.35 19.40
CA SER A 6 -18.41 5.00 18.12
C SER A 6 -17.72 6.36 18.07
N GLY A 7 -17.63 6.93 16.87
CA GLY A 7 -16.99 8.22 16.71
C GLY A 7 -15.47 8.11 16.67
N PRO A 8 -14.94 7.62 15.53
CA PRO A 8 -13.50 7.45 15.35
C PRO A 8 -12.77 8.79 15.23
N ASN A 9 -13.40 9.73 14.54
CA ASN A 9 -12.81 11.05 14.34
C ASN A 9 -11.40 10.94 13.76
N PHE A 10 -11.29 10.21 12.65
CA PHE A 10 -9.99 10.03 12.00
C PHE A 10 -10.03 10.56 10.57
N SER A 11 -8.93 10.35 9.84
CA SER A 11 -8.84 10.82 8.46
C SER A 11 -10.04 10.34 7.64
N HIS A 12 -10.01 10.62 6.35
CA HIS A 12 -11.10 10.21 5.45
C HIS A 12 -10.57 9.30 4.35
N TRP A 13 -10.42 8.02 4.65
CA TRP A 13 -9.93 7.05 3.68
C TRP A 13 -11.08 6.48 2.85
N GLY A 14 -11.08 6.80 1.56
CA GLY A 14 -12.13 6.32 0.67
C GLY A 14 -11.94 4.86 0.31
N PRO A 15 -12.64 4.43 -0.76
CA PRO A 15 -12.57 3.04 -1.24
C PRO A 15 -11.22 2.73 -1.88
N PRO A 16 -10.89 1.43 -1.96
CA PRO A 16 -9.63 0.96 -2.54
C PRO A 16 -9.58 1.17 -4.05
N ARG A 17 -8.37 1.24 -4.59
CA ARG A 17 -8.18 1.43 -6.02
C ARG A 17 -7.24 0.38 -6.60
N ILE A 18 -7.64 -0.22 -7.71
CA ILE A 18 -6.83 -1.25 -8.36
C ILE A 18 -6.01 -0.66 -9.50
N VAL A 19 -4.71 -0.96 -9.53
CA VAL A 19 -3.83 -0.46 -10.57
C VAL A 19 -2.83 -1.53 -10.99
N GLU A 20 -2.83 -1.86 -12.28
CA GLU A 20 -1.92 -2.88 -12.81
C GLU A 20 -0.57 -2.26 -13.15
N ILE A 21 0.49 -2.80 -12.56
CA ILE A 21 1.84 -2.30 -12.81
C ILE A 21 2.75 -3.42 -13.32
N PHE A 22 3.31 -3.22 -14.51
CA PHE A 22 4.20 -4.20 -15.11
C PHE A 22 5.61 -4.06 -14.56
N ARG A 23 6.13 -5.14 -13.97
CA ARG A 23 7.47 -5.15 -13.40
C ARG A 23 8.53 -5.08 -14.50
N GLU A 24 9.60 -4.35 -14.23
CA GLU A 24 10.68 -4.20 -15.20
C GLU A 24 11.93 -4.95 -14.73
N PRO A 25 12.78 -5.34 -15.68
CA PRO A 25 14.03 -6.06 -15.40
C PRO A 25 15.06 -5.18 -14.69
N ASN A 26 15.91 -4.53 -15.49
CA ASN A 26 16.94 -3.65 -14.96
C ASN A 26 16.38 -2.78 -13.83
N VAL A 27 15.19 -2.23 -14.05
CA VAL A 27 14.55 -1.37 -13.07
C VAL A 27 13.37 -2.09 -12.42
N SER A 28 13.16 -1.79 -11.13
CA SER A 28 12.07 -2.41 -10.38
C SER A 28 10.74 -1.68 -10.64
N LEU A 29 9.73 -2.01 -9.86
CA LEU A 29 8.42 -1.39 -10.00
C LEU A 29 8.49 0.11 -9.72
N GLY A 30 9.51 0.52 -8.98
CA GLY A 30 9.68 1.92 -8.67
C GLY A 30 8.85 2.35 -7.47
N ILE A 31 8.27 1.37 -6.78
CA ILE A 31 7.44 1.66 -5.61
C ILE A 31 8.12 1.19 -4.33
N SER A 32 7.92 1.93 -3.25
CA SER A 32 8.51 1.59 -1.96
C SER A 32 7.43 1.49 -0.87
N ILE A 33 7.82 0.93 0.27
CA ILE A 33 6.89 0.78 1.38
C ILE A 33 7.55 1.14 2.71
N VAL A 34 6.74 1.56 3.68
CA VAL A 34 7.25 1.92 4.99
C VAL A 34 6.87 0.89 6.05
N GLY A 35 7.28 1.13 7.28
CA GLY A 35 6.96 0.22 8.37
C GLY A 35 7.13 -1.23 7.95
N GLY A 36 6.44 -2.13 8.66
CA GLY A 36 6.52 -3.54 8.35
C GLY A 36 7.65 -4.23 9.09
N GLN A 37 7.50 -5.54 9.31
CA GLN A 37 8.52 -6.30 10.02
C GLN A 37 8.92 -5.61 11.32
N THR A 38 7.97 -4.93 11.95
CA THR A 38 8.23 -4.22 13.19
C THR A 38 7.61 -4.95 14.38
N VAL A 39 6.75 -5.91 14.09
CA VAL A 39 6.09 -6.69 15.13
C VAL A 39 5.65 -8.06 14.61
N ILE A 40 5.48 -9.00 15.52
CA ILE A 40 5.08 -10.36 15.16
C ILE A 40 3.65 -10.63 15.61
N LYS A 41 3.44 -10.61 16.92
CA LYS A 41 2.12 -10.86 17.49
C LYS A 41 1.40 -9.54 17.79
N ARG A 42 0.09 -9.53 17.59
CA ARG A 42 -0.71 -8.34 17.84
C ARG A 42 -2.21 -8.66 17.73
N LEU A 43 -3.00 -8.09 18.64
CA LEU A 43 -4.43 -8.31 18.64
C LEU A 43 -5.19 -7.03 18.31
N LYS A 44 -6.51 -7.10 18.33
CA LYS A 44 -7.34 -5.94 18.04
C LYS A 44 -7.06 -4.80 19.01
N ASN A 45 -6.22 -3.87 18.59
CA ASN A 45 -5.87 -2.72 19.43
C ASN A 45 -6.28 -1.41 18.77
N GLY A 46 -6.39 -1.44 17.44
CA GLY A 46 -6.77 -0.24 16.72
C GLY A 46 -6.66 -0.42 15.22
N GLU A 47 -7.20 0.54 14.46
CA GLU A 47 -7.16 0.48 13.00
C GLU A 47 -6.23 1.55 12.44
N GLU A 48 -5.21 1.93 13.22
CA GLU A 48 -4.26 2.93 12.80
C GLU A 48 -3.61 2.56 11.48
N LEU A 49 -2.65 3.37 11.04
CA LEU A 49 -1.96 3.12 9.78
C LEU A 49 -0.54 2.60 10.04
N LYS A 50 -0.45 1.36 10.51
CA LYS A 50 0.84 0.75 10.80
C LYS A 50 1.17 -0.32 9.75
N GLY A 51 0.19 -0.69 8.95
CA GLY A 51 0.39 -1.69 7.92
C GLY A 51 1.46 -1.29 6.93
N ILE A 52 1.28 -1.69 5.68
CA ILE A 52 2.24 -1.37 4.63
C ILE A 52 1.78 -0.17 3.81
N PHE A 53 2.44 0.97 4.00
CA PHE A 53 2.08 2.19 3.27
C PHE A 53 3.19 2.56 2.29
N ILE A 54 2.79 3.11 1.14
CA ILE A 54 3.74 3.51 0.12
C ILE A 54 4.80 4.44 0.69
N LYS A 55 6.05 3.99 0.66
CA LYS A 55 7.17 4.79 1.17
C LYS A 55 7.57 5.86 0.17
N GLN A 56 7.65 5.48 -1.10
CA GLN A 56 8.02 6.42 -2.16
C GLN A 56 7.89 5.77 -3.52
N VAL A 57 7.59 6.58 -4.53
CA VAL A 57 7.43 6.09 -5.90
C VAL A 57 8.24 6.92 -6.88
N LEU A 58 9.06 6.26 -7.69
CA LEU A 58 9.89 6.94 -8.68
C LEU A 58 9.06 7.40 -9.87
N GLU A 59 9.62 8.30 -10.67
CA GLU A 59 8.93 8.82 -11.84
C GLU A 59 9.26 7.99 -13.07
N ASP A 60 10.54 7.68 -13.24
CA ASP A 60 10.99 6.89 -14.39
C ASP A 60 10.77 5.39 -14.14
N SER A 61 9.63 5.06 -13.54
CA SER A 61 9.29 3.68 -13.24
C SER A 61 7.90 3.33 -13.78
N PRO A 62 7.58 2.03 -13.76
CA PRO A 62 6.29 1.53 -14.24
C PRO A 62 5.14 1.93 -13.33
N ALA A 63 5.47 2.33 -12.11
CA ALA A 63 4.46 2.75 -11.14
C ALA A 63 4.34 4.26 -11.08
N GLY A 64 5.37 4.95 -11.57
CA GLY A 64 5.37 6.40 -11.56
C GLY A 64 4.59 6.98 -12.72
N LYS A 65 4.44 6.20 -13.79
CA LYS A 65 3.72 6.63 -14.97
C LYS A 65 2.22 6.53 -14.76
N THR A 66 1.79 5.45 -14.10
CA THR A 66 0.38 5.23 -13.82
C THR A 66 -0.21 6.37 -12.99
N ASN A 67 0.67 7.14 -12.37
CA ASN A 67 0.24 8.27 -11.54
C ASN A 67 -0.93 7.87 -10.64
N ALA A 68 -1.03 6.57 -10.38
CA ALA A 68 -2.10 6.06 -9.53
C ALA A 68 -1.57 5.63 -8.16
N LEU A 69 -0.28 5.87 -7.94
CA LEU A 69 0.35 5.51 -6.68
C LEU A 69 1.25 6.65 -6.18
N LYS A 70 1.18 6.91 -4.88
CA LYS A 70 2.00 7.96 -4.27
C LYS A 70 2.33 7.63 -2.83
N THR A 71 3.44 8.18 -2.33
CA THR A 71 3.87 7.94 -0.96
C THR A 71 2.79 8.32 0.03
N GLY A 72 2.53 7.44 1.00
CA GLY A 72 1.52 7.70 2.00
C GLY A 72 0.33 6.76 1.89
N ASP A 73 0.10 6.24 0.69
CA ASP A 73 -1.01 5.32 0.45
C ASP A 73 -0.86 4.07 1.31
N LYS A 74 -1.98 3.37 1.54
CA LYS A 74 -1.98 2.16 2.35
C LYS A 74 -2.24 0.93 1.48
N ILE A 75 -1.22 0.10 1.32
CA ILE A 75 -1.33 -1.12 0.52
C ILE A 75 -2.07 -2.21 1.28
N LEU A 76 -3.22 -2.63 0.74
CA LEU A 76 -4.02 -3.67 1.37
C LEU A 76 -3.85 -4.99 0.65
N GLU A 77 -3.45 -4.93 -0.62
CA GLU A 77 -3.25 -6.13 -1.42
C GLU A 77 -2.50 -5.81 -2.71
N VAL A 78 -1.76 -6.78 -3.22
CA VAL A 78 -0.99 -6.61 -4.45
C VAL A 78 -0.97 -7.89 -5.27
N SER A 79 -1.37 -7.77 -6.54
CA SER A 79 -1.41 -8.92 -7.43
C SER A 79 -2.34 -10.00 -6.90
N GLY A 80 -3.20 -9.62 -5.96
CA GLY A 80 -4.13 -10.56 -5.37
C GLY A 80 -3.57 -11.24 -4.14
N VAL A 81 -2.76 -10.51 -3.38
CA VAL A 81 -2.16 -11.05 -2.17
C VAL A 81 -2.38 -10.10 -1.00
N ASP A 82 -2.97 -10.62 0.08
CA ASP A 82 -3.23 -9.83 1.28
C ASP A 82 -1.93 -9.44 1.97
N LEU A 83 -1.62 -8.15 1.96
CA LEU A 83 -0.41 -7.64 2.58
C LEU A 83 -0.74 -6.75 3.77
N GLN A 84 -2.03 -6.53 4.00
CA GLN A 84 -2.48 -5.69 5.10
C GLN A 84 -1.70 -6.01 6.38
N ASN A 85 -1.90 -7.21 6.90
CA ASN A 85 -1.21 -7.63 8.12
C ASN A 85 0.13 -8.28 7.79
N ALA A 86 0.70 -7.89 6.65
CA ALA A 86 1.99 -8.43 6.23
C ALA A 86 3.13 -7.48 6.59
N SER A 87 4.22 -8.04 7.09
CA SER A 87 5.39 -7.24 7.47
C SER A 87 5.97 -6.52 6.26
N HIS A 88 7.09 -5.84 6.48
CA HIS A 88 7.76 -5.11 5.41
C HIS A 88 8.30 -6.07 4.35
N SER A 89 8.79 -7.22 4.79
CA SER A 89 9.34 -8.22 3.89
C SER A 89 8.22 -9.07 3.28
N GLU A 90 7.20 -9.37 4.08
CA GLU A 90 6.08 -10.17 3.61
C GLU A 90 5.43 -9.53 2.39
N ALA A 91 5.40 -8.20 2.36
CA ALA A 91 4.81 -7.46 1.25
C ALA A 91 5.78 -7.36 0.08
N VAL A 92 7.05 -7.12 0.39
CA VAL A 92 8.08 -6.99 -0.64
C VAL A 92 8.05 -8.20 -1.59
N GLU A 93 8.15 -9.39 -1.01
CA GLU A 93 8.14 -10.62 -1.80
C GLU A 93 6.90 -10.68 -2.69
N ALA A 94 5.79 -10.16 -2.19
CA ALA A 94 4.54 -10.15 -2.94
C ALA A 94 4.66 -9.32 -4.21
N ILE A 95 5.21 -8.11 -4.07
CA ILE A 95 5.39 -7.22 -5.21
C ILE A 95 6.38 -7.80 -6.21
N LYS A 96 7.42 -8.42 -5.70
CA LYS A 96 8.45 -9.03 -6.54
C LYS A 96 8.00 -10.38 -7.08
N ASN A 97 7.11 -11.03 -6.33
CA ASN A 97 6.59 -12.33 -6.74
C ASN A 97 5.15 -12.22 -7.23
N ALA A 98 4.74 -11.00 -7.56
CA ALA A 98 3.39 -10.76 -8.04
C ALA A 98 3.22 -11.23 -9.49
N GLY A 99 2.28 -12.14 -9.70
CA GLY A 99 2.05 -12.66 -11.03
C GLY A 99 1.81 -11.56 -12.05
N ASN A 100 2.88 -11.15 -12.74
CA ASN A 100 2.79 -10.10 -13.75
C ASN A 100 1.51 -10.23 -14.57
N PRO A 101 0.80 -9.11 -14.75
CA PRO A 101 1.22 -7.81 -14.20
C PRO A 101 1.10 -7.76 -12.68
N VAL A 102 1.60 -6.68 -12.10
CA VAL A 102 1.54 -6.50 -10.64
C VAL A 102 0.48 -5.47 -10.26
N VAL A 103 -0.68 -5.97 -9.85
CA VAL A 103 -1.77 -5.09 -9.43
C VAL A 103 -1.59 -4.59 -8.01
N PHE A 104 -2.13 -3.42 -7.73
CA PHE A 104 -2.01 -2.81 -6.40
C PHE A 104 -3.38 -2.40 -5.87
N ILE A 105 -3.63 -2.68 -4.60
CA ILE A 105 -4.90 -2.33 -3.97
C ILE A 105 -4.68 -1.47 -2.73
N VAL A 106 -4.65 -0.15 -2.93
CA VAL A 106 -4.46 0.79 -1.83
C VAL A 106 -5.62 1.77 -1.73
N GLN A 107 -5.52 2.70 -0.78
CA GLN A 107 -6.57 3.70 -0.59
C GLN A 107 -5.96 5.06 -0.28
N SER A 108 -6.03 5.97 -1.24
CA SER A 108 -5.48 7.31 -1.07
C SER A 108 -6.44 8.19 -0.29
N LEU A 109 -5.92 8.88 0.73
CA LEU A 109 -6.73 9.76 1.56
C LEU A 109 -7.31 10.89 0.73
N SER A 110 -8.30 11.59 1.31
CA SER A 110 -8.95 12.70 0.62
C SER A 110 -7.96 13.45 -0.25
N SER A 111 -6.71 13.51 0.19
CA SER A 111 -5.66 14.21 -0.54
C SER A 111 -5.71 13.84 -2.03
N THR A 112 -4.90 14.53 -2.83
CA THR A 112 -4.86 14.27 -4.27
C THR A 112 -3.45 14.50 -4.82
N PRO A 113 -3.06 13.67 -5.80
CA PRO A 113 -1.74 13.77 -6.43
C PRO A 113 -1.59 15.02 -7.28
N ARG A 114 -0.58 15.03 -8.14
CA ARG A 114 -0.33 16.15 -9.03
C ARG A 114 0.23 15.69 -10.37
N VAL A 115 0.19 16.58 -11.36
CA VAL A 115 0.68 16.27 -12.69
C VAL A 115 1.67 17.32 -13.18
N ILE A 116 2.43 16.98 -14.22
CA ILE A 116 3.42 17.89 -14.78
C ILE A 116 2.74 19.07 -15.48
N PRO A 117 3.43 20.21 -15.50
CA PRO A 117 2.91 21.43 -16.14
C PRO A 117 2.88 21.31 -17.66
N GLY A 1 -14.32 -17.47 18.87
CA GLY A 1 -15.42 -16.62 19.28
C GLY A 1 -14.96 -15.25 19.73
N SER A 2 -15.44 -14.22 19.04
CA SER A 2 -15.06 -12.85 19.38
C SER A 2 -16.15 -11.87 18.94
N SER A 3 -16.01 -10.61 19.34
CA SER A 3 -16.97 -9.57 19.00
C SER A 3 -16.50 -8.20 19.46
N GLY A 4 -16.57 -7.23 18.57
CA GLY A 4 -16.14 -5.88 18.90
C GLY A 4 -15.93 -5.02 17.67
N SER A 5 -15.64 -3.74 17.89
CA SER A 5 -15.43 -2.80 16.80
C SER A 5 -13.97 -2.81 16.34
N SER A 6 -13.09 -2.25 17.18
CA SER A 6 -11.68 -2.19 16.86
C SER A 6 -11.43 -1.36 15.60
N GLY A 7 -11.92 -0.13 15.61
CA GLY A 7 -11.75 0.74 14.46
C GLY A 7 -11.84 2.21 14.83
N PRO A 8 -11.13 2.59 15.91
CA PRO A 8 -11.12 3.98 16.39
C PRO A 8 -10.36 4.91 15.46
N ASN A 9 -9.61 4.32 14.53
CA ASN A 9 -8.84 5.10 13.57
C ASN A 9 -9.57 6.38 13.19
N PHE A 10 -8.82 7.45 12.98
CA PHE A 10 -9.39 8.74 12.61
C PHE A 10 -8.79 9.26 11.31
N SER A 11 -9.57 9.21 10.24
CA SER A 11 -9.11 9.66 8.93
C SER A 11 -10.24 9.60 7.91
N HIS A 12 -9.91 9.91 6.65
CA HIS A 12 -10.89 9.89 5.58
C HIS A 12 -10.38 9.10 4.38
N TRP A 13 -10.41 7.77 4.49
CA TRP A 13 -9.94 6.90 3.42
C TRP A 13 -11.11 6.44 2.55
N GLY A 14 -11.12 6.87 1.29
CA GLY A 14 -12.18 6.49 0.38
C GLY A 14 -12.05 5.05 -0.07
N PRO A 15 -12.70 4.73 -1.21
CA PRO A 15 -12.68 3.38 -1.78
C PRO A 15 -11.31 3.01 -2.35
N PRO A 16 -11.04 1.71 -2.47
CA PRO A 16 -9.77 1.20 -2.99
C PRO A 16 -9.63 1.47 -4.49
N ARG A 17 -8.38 1.44 -4.96
CA ARG A 17 -8.11 1.68 -6.37
C ARG A 17 -7.18 0.60 -6.94
N ILE A 18 -7.67 -0.13 -7.93
CA ILE A 18 -6.89 -1.20 -8.54
C ILE A 18 -6.03 -0.65 -9.68
N VAL A 19 -4.76 -1.02 -9.68
CA VAL A 19 -3.83 -0.57 -10.72
C VAL A 19 -2.83 -1.66 -11.07
N GLU A 20 -2.73 -1.98 -12.36
CA GLU A 20 -1.81 -3.01 -12.84
C GLU A 20 -0.43 -2.41 -13.11
N ILE A 21 0.59 -2.98 -12.49
CA ILE A 21 1.96 -2.52 -12.68
C ILE A 21 2.86 -3.62 -13.22
N PHE A 22 3.51 -3.35 -14.34
CA PHE A 22 4.39 -4.32 -14.97
C PHE A 22 5.84 -4.13 -14.51
N ARG A 23 6.34 -5.08 -13.74
CA ARG A 23 7.72 -5.01 -13.23
C ARG A 23 8.68 -4.62 -14.34
N GLU A 24 9.86 -4.14 -13.96
CA GLU A 24 10.87 -3.74 -14.92
C GLU A 24 12.23 -4.33 -14.56
N PRO A 25 13.04 -4.65 -15.58
CA PRO A 25 14.37 -5.23 -15.40
C PRO A 25 15.36 -4.22 -14.81
N ASN A 26 16.05 -3.50 -15.68
CA ASN A 26 17.02 -2.50 -15.25
C ASN A 26 16.46 -1.64 -14.12
N VAL A 27 15.17 -1.34 -14.21
CA VAL A 27 14.50 -0.53 -13.20
C VAL A 27 13.43 -1.33 -12.47
N SER A 28 13.31 -1.09 -11.17
CA SER A 28 12.32 -1.79 -10.35
C SER A 28 10.94 -1.15 -10.52
N LEU A 29 9.94 -1.77 -9.91
CA LEU A 29 8.57 -1.28 -9.99
C LEU A 29 8.50 0.21 -9.65
N GLY A 30 9.55 0.70 -9.00
CA GLY A 30 9.61 2.11 -8.63
C GLY A 30 8.89 2.39 -7.33
N ILE A 31 8.02 1.48 -6.92
CA ILE A 31 7.27 1.64 -5.69
C ILE A 31 8.06 1.14 -4.49
N SER A 32 7.86 1.78 -3.34
CA SER A 32 8.56 1.40 -2.12
C SER A 32 7.59 1.28 -0.95
N ILE A 33 8.09 0.79 0.18
CA ILE A 33 7.27 0.62 1.37
C ILE A 33 8.04 0.98 2.63
N VAL A 34 7.34 1.49 3.64
CA VAL A 34 7.97 1.87 4.90
C VAL A 34 7.64 0.86 6.00
N GLY A 35 8.35 0.96 7.11
CA GLY A 35 8.12 0.05 8.22
C GLY A 35 7.71 -1.33 7.76
N GLY A 36 6.82 -1.97 8.51
CA GLY A 36 6.37 -3.30 8.16
C GLY A 36 6.51 -4.28 9.31
N GLN A 37 7.70 -4.37 9.87
CA GLN A 37 7.97 -5.27 10.97
C GLN A 37 6.75 -5.41 11.88
N THR A 38 6.16 -6.60 11.90
CA THR A 38 4.98 -6.86 12.72
C THR A 38 5.27 -6.61 14.19
N VAL A 39 4.26 -6.81 15.03
CA VAL A 39 4.41 -6.61 16.47
C VAL A 39 3.55 -7.61 17.25
N ILE A 40 3.96 -7.88 18.49
CA ILE A 40 3.24 -8.82 19.33
C ILE A 40 2.53 -8.09 20.47
N LYS A 41 3.27 -7.29 21.21
CA LYS A 41 2.71 -6.53 22.33
C LYS A 41 2.66 -5.04 22.01
N ARG A 42 2.60 -4.72 20.72
CA ARG A 42 2.55 -3.34 20.27
C ARG A 42 3.50 -2.47 21.09
N LEU A 43 4.58 -3.07 21.57
CA LEU A 43 5.57 -2.35 22.37
C LEU A 43 6.40 -1.41 21.49
N LYS A 44 6.24 -1.54 20.18
CA LYS A 44 6.95 -0.69 19.24
C LYS A 44 6.11 0.52 18.83
N ASN A 45 4.98 0.25 18.19
CA ASN A 45 4.08 1.32 17.75
C ASN A 45 3.16 1.74 18.89
N GLY A 46 2.63 2.97 18.79
CA GLY A 46 1.73 3.47 19.81
C GLY A 46 0.31 3.60 19.31
N GLU A 47 0.05 4.64 18.52
CA GLU A 47 -1.27 4.88 17.97
C GLU A 47 -1.27 4.83 16.45
N GLU A 48 -0.07 4.71 15.88
CA GLU A 48 0.09 4.66 14.43
C GLU A 48 -0.48 3.35 13.87
N LEU A 49 -0.34 3.16 12.56
CA LEU A 49 -0.84 1.96 11.90
C LEU A 49 0.29 0.98 11.65
N LYS A 50 -0.06 -0.25 11.26
CA LYS A 50 0.92 -1.28 10.97
C LYS A 50 0.90 -1.66 9.50
N GLY A 51 -0.26 -1.51 8.87
CA GLY A 51 -0.39 -1.83 7.46
C GLY A 51 0.74 -1.28 6.62
N ILE A 52 1.05 -1.96 5.53
CA ILE A 52 2.13 -1.51 4.64
C ILE A 52 1.75 -0.23 3.91
N PHE A 53 2.58 0.80 4.06
CA PHE A 53 2.33 2.08 3.42
C PHE A 53 3.42 2.39 2.39
N ILE A 54 3.02 3.00 1.28
CA ILE A 54 3.96 3.35 0.22
C ILE A 54 5.07 4.26 0.75
N LYS A 55 6.31 3.85 0.55
CA LYS A 55 7.46 4.62 1.00
C LYS A 55 7.81 5.72 0.00
N GLN A 56 7.75 5.37 -1.28
CA GLN A 56 8.07 6.32 -2.34
C GLN A 56 7.91 5.69 -3.72
N VAL A 57 7.53 6.49 -4.70
CA VAL A 57 7.35 6.00 -6.06
C VAL A 57 8.17 6.81 -7.06
N LEU A 58 9.12 6.16 -7.71
CA LEU A 58 9.98 6.82 -8.68
C LEU A 58 9.14 7.50 -9.76
N GLU A 59 9.80 7.88 -10.86
CA GLU A 59 9.12 8.53 -11.97
C GLU A 59 9.24 7.72 -13.25
N ASP A 60 10.47 7.33 -13.58
CA ASP A 60 10.73 6.54 -14.78
C ASP A 60 10.48 5.07 -14.52
N SER A 61 9.44 4.77 -13.74
CA SER A 61 9.10 3.39 -13.42
C SER A 61 7.69 3.06 -13.87
N PRO A 62 7.34 1.76 -13.83
CA PRO A 62 6.02 1.28 -14.24
C PRO A 62 4.93 1.71 -13.27
N ALA A 63 5.33 2.16 -12.09
CA ALA A 63 4.38 2.60 -11.07
C ALA A 63 4.22 4.11 -11.09
N GLY A 64 5.29 4.82 -11.42
CA GLY A 64 5.25 6.27 -11.47
C GLY A 64 4.48 6.78 -12.67
N LYS A 65 4.57 6.07 -13.78
CA LYS A 65 3.88 6.45 -15.00
C LYS A 65 2.37 6.41 -14.81
N THR A 66 1.88 5.32 -14.21
CA THR A 66 0.46 5.15 -13.97
C THR A 66 -0.11 6.34 -13.19
N ASN A 67 0.75 7.03 -12.47
CA ASN A 67 0.34 8.19 -11.69
C ASN A 67 -0.95 7.89 -10.92
N ALA A 68 -1.20 6.61 -10.67
CA ALA A 68 -2.38 6.19 -9.94
C ALA A 68 -2.06 5.90 -8.48
N LEU A 69 -0.78 6.01 -8.13
CA LEU A 69 -0.34 5.77 -6.76
C LEU A 69 0.61 6.86 -6.29
N LYS A 70 0.64 7.08 -4.98
CA LYS A 70 1.51 8.09 -4.39
C LYS A 70 2.05 7.63 -3.04
N THR A 71 3.21 8.16 -2.67
CA THR A 71 3.84 7.81 -1.40
C THR A 71 2.91 8.10 -0.23
N GLY A 72 2.94 7.23 0.77
CA GLY A 72 2.10 7.41 1.94
C GLY A 72 0.83 6.58 1.88
N ASP A 73 0.40 6.25 0.67
CA ASP A 73 -0.80 5.45 0.47
C ASP A 73 -0.80 4.23 1.39
N LYS A 74 -1.92 3.52 1.41
CA LYS A 74 -2.05 2.33 2.25
C LYS A 74 -2.32 1.09 1.39
N ILE A 75 -1.34 0.21 1.29
CA ILE A 75 -1.48 -1.01 0.50
C ILE A 75 -2.27 -2.06 1.27
N LEU A 76 -3.41 -2.46 0.70
CA LEU A 76 -4.26 -3.46 1.33
C LEU A 76 -4.09 -4.82 0.65
N GLU A 77 -3.65 -4.80 -0.61
CA GLU A 77 -3.45 -6.03 -1.36
C GLU A 77 -2.66 -5.76 -2.64
N VAL A 78 -1.92 -6.77 -3.10
CA VAL A 78 -1.13 -6.63 -4.32
C VAL A 78 -1.12 -7.94 -5.11
N SER A 79 -1.48 -7.85 -6.37
CA SER A 79 -1.51 -9.03 -7.24
C SER A 79 -2.49 -10.07 -6.71
N GLY A 80 -3.32 -9.66 -5.75
CA GLY A 80 -4.29 -10.57 -5.17
C GLY A 80 -3.79 -11.22 -3.89
N VAL A 81 -2.97 -10.48 -3.15
CA VAL A 81 -2.42 -10.98 -1.89
C VAL A 81 -2.64 -9.99 -0.75
N ASP A 82 -3.25 -10.46 0.32
CA ASP A 82 -3.52 -9.61 1.48
C ASP A 82 -2.22 -9.21 2.17
N LEU A 83 -1.87 -7.93 2.07
CA LEU A 83 -0.65 -7.42 2.68
C LEU A 83 -0.97 -6.50 3.85
N GLN A 84 -2.26 -6.38 4.16
CA GLN A 84 -2.70 -5.53 5.26
C GLN A 84 -1.90 -5.82 6.53
N ASN A 85 -2.07 -7.02 7.07
CA ASN A 85 -1.36 -7.42 8.28
C ASN A 85 -0.02 -8.06 7.95
N ALA A 86 0.54 -7.69 6.80
CA ALA A 86 1.82 -8.22 6.36
C ALA A 86 2.96 -7.28 6.71
N SER A 87 4.11 -7.84 7.03
CA SER A 87 5.28 -7.04 7.39
C SER A 87 6.01 -6.54 6.14
N HIS A 88 7.05 -5.74 6.35
CA HIS A 88 7.82 -5.20 5.24
C HIS A 88 8.24 -6.30 4.27
N SER A 89 8.78 -7.39 4.83
CA SER A 89 9.22 -8.51 4.01
C SER A 89 8.04 -9.25 3.39
N GLU A 90 7.00 -9.47 4.19
CA GLU A 90 5.81 -10.16 3.73
C GLU A 90 5.24 -9.48 2.48
N ALA A 91 5.32 -8.16 2.45
CA ALA A 91 4.82 -7.39 1.31
C ALA A 91 5.84 -7.34 0.19
N VAL A 92 7.12 -7.20 0.54
CA VAL A 92 8.19 -7.15 -0.44
C VAL A 92 8.14 -8.35 -1.38
N GLU A 93 7.95 -9.53 -0.79
CA GLU A 93 7.88 -10.76 -1.58
C GLU A 93 6.63 -10.78 -2.45
N ALA A 94 5.54 -10.24 -1.92
CA ALA A 94 4.28 -10.20 -2.65
C ALA A 94 4.40 -9.36 -3.92
N ILE A 95 5.08 -8.23 -3.81
CA ILE A 95 5.27 -7.34 -4.95
C ILE A 95 6.27 -7.93 -5.95
N LYS A 96 7.30 -8.59 -5.43
CA LYS A 96 8.32 -9.20 -6.26
C LYS A 96 7.84 -10.54 -6.82
N ASN A 97 6.89 -11.17 -6.11
CA ASN A 97 6.34 -12.44 -6.53
C ASN A 97 4.95 -12.27 -7.12
N ALA A 98 4.55 -11.02 -7.32
CA ALA A 98 3.23 -10.74 -7.88
C ALA A 98 3.12 -11.21 -9.31
N GLY A 99 2.32 -12.26 -9.52
CA GLY A 99 2.16 -12.81 -10.85
C GLY A 99 1.93 -11.74 -11.89
N ASN A 100 3.02 -11.30 -12.53
CA ASN A 100 2.93 -10.26 -13.56
C ASN A 100 1.63 -10.38 -14.35
N PRO A 101 0.93 -9.24 -14.49
CA PRO A 101 1.37 -7.96 -13.94
C PRO A 101 1.29 -7.92 -12.42
N VAL A 102 1.50 -6.74 -11.85
CA VAL A 102 1.44 -6.57 -10.40
C VAL A 102 0.36 -5.57 -10.00
N VAL A 103 -0.83 -6.08 -9.71
CA VAL A 103 -1.96 -5.23 -9.32
C VAL A 103 -1.73 -4.64 -7.93
N PHE A 104 -2.17 -3.40 -7.74
CA PHE A 104 -2.02 -2.73 -6.46
C PHE A 104 -3.37 -2.21 -5.95
N ILE A 105 -3.68 -2.54 -4.70
CA ILE A 105 -4.94 -2.11 -4.10
C ILE A 105 -4.69 -1.21 -2.88
N VAL A 106 -4.61 0.09 -3.14
CA VAL A 106 -4.38 1.06 -2.08
C VAL A 106 -5.51 2.08 -2.01
N GLN A 107 -5.43 2.99 -1.04
CA GLN A 107 -6.44 4.03 -0.87
C GLN A 107 -5.80 5.36 -0.51
N SER A 108 -5.80 6.28 -1.47
CA SER A 108 -5.22 7.60 -1.26
C SER A 108 -6.15 8.49 -0.44
N LEU A 109 -5.68 8.93 0.72
CA LEU A 109 -6.47 9.78 1.59
C LEU A 109 -6.93 11.03 0.86
N SER A 110 -8.00 11.64 1.36
CA SER A 110 -8.54 12.86 0.75
C SER A 110 -7.42 13.75 0.23
N SER A 111 -7.23 13.75 -1.09
CA SER A 111 -6.19 14.56 -1.71
C SER A 111 -6.27 14.45 -3.23
N THR A 112 -5.62 15.39 -3.91
CA THR A 112 -5.61 15.42 -5.37
C THR A 112 -4.19 15.23 -5.91
N PRO A 113 -4.09 14.52 -7.05
CA PRO A 113 -2.80 14.26 -7.69
C PRO A 113 -2.20 15.51 -8.31
N ARG A 114 -1.21 15.32 -9.19
CA ARG A 114 -0.55 16.45 -9.84
C ARG A 114 -0.62 16.30 -11.37
N VAL A 115 0.05 17.21 -12.07
CA VAL A 115 0.05 17.19 -13.53
C VAL A 115 1.06 16.17 -14.05
N ILE A 116 0.95 15.84 -15.34
CA ILE A 116 1.85 14.88 -15.96
C ILE A 116 3.20 15.51 -16.28
N PRO A 117 4.27 14.71 -16.15
CA PRO A 117 5.63 15.17 -16.43
C PRO A 117 5.88 15.43 -17.90
#